data_6XAW
# 
_entry.id   6XAW 
# 
_audit_conform.dict_name       mmcif_pdbx.dic 
_audit_conform.dict_version    5.387 
_audit_conform.dict_location   http://mmcif.pdb.org/dictionaries/ascii/mmcif_pdbx.dic 
# 
loop_
_database_2.database_id 
_database_2.database_code 
_database_2.pdbx_database_accession 
_database_2.pdbx_DOI 
PDB   6XAW         pdb_00006xaw 10.2210/pdb6xaw/pdb 
WWPDB D_1000249866 ?            ?                   
# 
loop_
_pdbx_audit_revision_history.ordinal 
_pdbx_audit_revision_history.data_content_type 
_pdbx_audit_revision_history.major_revision 
_pdbx_audit_revision_history.minor_revision 
_pdbx_audit_revision_history.revision_date 
1 'Structure model' 1 0 2021-06-09 
2 'Structure model' 1 1 2024-03-06 
# 
_pdbx_audit_revision_details.ordinal             1 
_pdbx_audit_revision_details.revision_ordinal    1 
_pdbx_audit_revision_details.data_content_type   'Structure model' 
_pdbx_audit_revision_details.provider            repository 
_pdbx_audit_revision_details.type                'Initial release' 
_pdbx_audit_revision_details.description         ? 
_pdbx_audit_revision_details.details             ? 
# 
loop_
_pdbx_audit_revision_group.ordinal 
_pdbx_audit_revision_group.revision_ordinal 
_pdbx_audit_revision_group.data_content_type 
_pdbx_audit_revision_group.group 
1 2 'Structure model' 'Data collection'     
2 2 'Structure model' 'Database references' 
# 
loop_
_pdbx_audit_revision_category.ordinal 
_pdbx_audit_revision_category.revision_ordinal 
_pdbx_audit_revision_category.data_content_type 
_pdbx_audit_revision_category.category 
1 2 'Structure model' chem_comp_atom 
2 2 'Structure model' chem_comp_bond 
3 2 'Structure model' database_2     
# 
loop_
_pdbx_audit_revision_item.ordinal 
_pdbx_audit_revision_item.revision_ordinal 
_pdbx_audit_revision_item.data_content_type 
_pdbx_audit_revision_item.item 
1 2 'Structure model' '_database_2.pdbx_DOI'                
2 2 'Structure model' '_database_2.pdbx_database_accession' 
# 
_pdbx_database_status.status_code                     REL 
_pdbx_database_status.status_code_sf                  REL 
_pdbx_database_status.status_code_mr                  ? 
_pdbx_database_status.entry_id                        6XAW 
_pdbx_database_status.recvd_initial_deposition_date   2020-06-04 
_pdbx_database_status.SG_entry                        N 
_pdbx_database_status.deposit_site                    RCSB 
_pdbx_database_status.process_site                    RCSB 
_pdbx_database_status.status_code_cs                  ? 
_pdbx_database_status.status_code_nmr_data            ? 
_pdbx_database_status.methods_development_category    ? 
_pdbx_database_status.pdb_format_compatible           Y 
# 
loop_
_audit_author.name 
_audit_author.pdbx_ordinal 
_audit_author.identifier_ORCID 
'Seo, H.-S.'      1 ? 
'Dhe-Paganon, S.' 2 ? 
# 
_citation.abstract                  ? 
_citation.abstract_id_CAS           ? 
_citation.book_id_ISBN              ? 
_citation.book_publisher            ? 
_citation.book_publisher_city       ? 
_citation.book_title                ? 
_citation.coordinate_linkage        ? 
_citation.country                   ? 
_citation.database_id_Medline       ? 
_citation.details                   ? 
_citation.id                        primary 
_citation.journal_abbrev            'To be published' 
_citation.journal_id_ASTM           ? 
_citation.journal_id_CSD            0353 
_citation.journal_id_ISSN           ? 
_citation.journal_full              ? 
_citation.journal_issue             ? 
_citation.journal_volume            ? 
_citation.language                  ? 
_citation.page_first                ? 
_citation.page_last                 ? 
_citation.title                     'Crystal Structure Analysis of SIN3-UME6' 
_citation.year                      ? 
_citation.database_id_CSD           ? 
_citation.pdbx_database_id_DOI      ? 
_citation.pdbx_database_id_PubMed   ? 
_citation.unpublished_flag          ? 
# 
_citation_author.citation_id        primary 
_citation_author.name               'Seo, H.-S.' 
_citation_author.ordinal            1 
_citation_author.identifier_ORCID   ? 
# 
loop_
_entity.id 
_entity.type 
_entity.src_method 
_entity.pdbx_description 
_entity.formula_weight 
_entity.pdbx_number_of_molecules 
_entity.pdbx_ec 
_entity.pdbx_mutation 
_entity.pdbx_fragment 
_entity.details 
1 polymer     man 'Transcriptional regulatory protein SIN3' 9052.236 1  ? ? ? ? 
2 polymer     man 'Transcriptional regulatory protein UME6' 4848.395 1  ? ? ? ? 
3 non-polymer syn 'BROMIDE ION'                             79.904   4  ? ? ? ? 
4 water       nat water                                     18.015   93 ? ? ? ? 
# 
_entity_name_com.entity_id   2 
_entity_name_com.name        
'Negative transcriptional regulator of IME2,Regulator of inducer of meiosis protein 16,Unscheduled meiotic gene expression protein 6' 
# 
loop_
_entity_poly.entity_id 
_entity_poly.type 
_entity_poly.nstd_linkage 
_entity_poly.nstd_monomer 
_entity_poly.pdbx_seq_one_letter_code 
_entity_poly.pdbx_seq_one_letter_code_can 
_entity_poly.pdbx_strand_id 
_entity_poly.pdbx_target_identifier 
1 'polypeptide(L)' no no GPHMKNVDVEFSQAISYVNKIKTRFADQPDIYKHFLEILQTYQREQKPINEVYAQVTHLFQNAPDLLEDFKKFLPD 
GPHMKNVDVEFSQAISYVNKIKTRFADQPDIYKHFLEILQTYQREQKPINEVYAQVTHLFQNAPDLLEDFKKFLPD A ? 
2 'polypeptide(L)' no no GPRSRLLLGPNSASSSTKLDDDLGTAAAVLSNMRSSPYRTHDKPIS                               
GPRSRLLLGPNSASSSTKLDDDLGTAAAVLSNMRSSPYRTHDKPIS                               B ? 
# 
loop_
_pdbx_entity_nonpoly.entity_id 
_pdbx_entity_nonpoly.name 
_pdbx_entity_nonpoly.comp_id 
3 'BROMIDE ION' BR  
4 water         HOH 
# 
loop_
_entity_poly_seq.entity_id 
_entity_poly_seq.num 
_entity_poly_seq.mon_id 
_entity_poly_seq.hetero 
1 1  GLY n 
1 2  PRO n 
1 3  HIS n 
1 4  MET n 
1 5  LYS n 
1 6  ASN n 
1 7  VAL n 
1 8  ASP n 
1 9  VAL n 
1 10 GLU n 
1 11 PHE n 
1 12 SER n 
1 13 GLN n 
1 14 ALA n 
1 15 ILE n 
1 16 SER n 
1 17 TYR n 
1 18 VAL n 
1 19 ASN n 
1 20 LYS n 
1 21 ILE n 
1 22 LYS n 
1 23 THR n 
1 24 ARG n 
1 25 PHE n 
1 26 ALA n 
1 27 ASP n 
1 28 GLN n 
1 29 PRO n 
1 30 ASP n 
1 31 ILE n 
1 32 TYR n 
1 33 LYS n 
1 34 HIS n 
1 35 PHE n 
1 36 LEU n 
1 37 GLU n 
1 38 ILE n 
1 39 LEU n 
1 40 GLN n 
1 41 THR n 
1 42 TYR n 
1 43 GLN n 
1 44 ARG n 
1 45 GLU n 
1 46 GLN n 
1 47 LYS n 
1 48 PRO n 
1 49 ILE n 
1 50 ASN n 
1 51 GLU n 
1 52 VAL n 
1 53 TYR n 
1 54 ALA n 
1 55 GLN n 
1 56 VAL n 
1 57 THR n 
1 58 HIS n 
1 59 LEU n 
1 60 PHE n 
1 61 GLN n 
1 62 ASN n 
1 63 ALA n 
1 64 PRO n 
1 65 ASP n 
1 66 LEU n 
1 67 LEU n 
1 68 GLU n 
1 69 ASP n 
1 70 PHE n 
1 71 LYS n 
1 72 LYS n 
1 73 PHE n 
1 74 LEU n 
1 75 PRO n 
1 76 ASP n 
2 1  GLY n 
2 2  PRO n 
2 3  ARG n 
2 4  SER n 
2 5  ARG n 
2 6  LEU n 
2 7  LEU n 
2 8  LEU n 
2 9  GLY n 
2 10 PRO n 
2 11 ASN n 
2 12 SER n 
2 13 ALA n 
2 14 SER n 
2 15 SER n 
2 16 SER n 
2 17 THR n 
2 18 LYS n 
2 19 LEU n 
2 20 ASP n 
2 21 ASP n 
2 22 ASP n 
2 23 LEU n 
2 24 GLY n 
2 25 THR n 
2 26 ALA n 
2 27 ALA n 
2 28 ALA n 
2 29 VAL n 
2 30 LEU n 
2 31 SER n 
2 32 ASN n 
2 33 MET n 
2 34 ARG n 
2 35 SER n 
2 36 SER n 
2 37 PRO n 
2 38 TYR n 
2 39 ARG n 
2 40 THR n 
2 41 HIS n 
2 42 ASP n 
2 43 LYS n 
2 44 PRO n 
2 45 ILE n 
2 46 SER n 
# 
loop_
_entity_src_gen.entity_id 
_entity_src_gen.pdbx_src_id 
_entity_src_gen.pdbx_alt_source_flag 
_entity_src_gen.pdbx_seq_type 
_entity_src_gen.pdbx_beg_seq_num 
_entity_src_gen.pdbx_end_seq_num 
_entity_src_gen.gene_src_common_name 
_entity_src_gen.gene_src_genus 
_entity_src_gen.pdbx_gene_src_gene 
_entity_src_gen.gene_src_species 
_entity_src_gen.gene_src_strain 
_entity_src_gen.gene_src_tissue 
_entity_src_gen.gene_src_tissue_fraction 
_entity_src_gen.gene_src_details 
_entity_src_gen.pdbx_gene_src_fragment 
_entity_src_gen.pdbx_gene_src_scientific_name 
_entity_src_gen.pdbx_gene_src_ncbi_taxonomy_id 
_entity_src_gen.pdbx_gene_src_variant 
_entity_src_gen.pdbx_gene_src_cell_line 
_entity_src_gen.pdbx_gene_src_atcc 
_entity_src_gen.pdbx_gene_src_organ 
_entity_src_gen.pdbx_gene_src_organelle 
_entity_src_gen.pdbx_gene_src_cell 
_entity_src_gen.pdbx_gene_src_cellular_location 
_entity_src_gen.host_org_common_name 
_entity_src_gen.pdbx_host_org_scientific_name 
_entity_src_gen.pdbx_host_org_ncbi_taxonomy_id 
_entity_src_gen.host_org_genus 
_entity_src_gen.pdbx_host_org_gene 
_entity_src_gen.pdbx_host_org_organ 
_entity_src_gen.host_org_species 
_entity_src_gen.pdbx_host_org_tissue 
_entity_src_gen.pdbx_host_org_tissue_fraction 
_entity_src_gen.pdbx_host_org_strain 
_entity_src_gen.pdbx_host_org_variant 
_entity_src_gen.pdbx_host_org_cell_line 
_entity_src_gen.pdbx_host_org_atcc 
_entity_src_gen.pdbx_host_org_culture_collection 
_entity_src_gen.pdbx_host_org_cell 
_entity_src_gen.pdbx_host_org_organelle 
_entity_src_gen.pdbx_host_org_cellular_location 
_entity_src_gen.pdbx_host_org_vector_type 
_entity_src_gen.pdbx_host_org_vector 
_entity_src_gen.host_org_details 
_entity_src_gen.expression_system_id 
_entity_src_gen.plasmid_name 
_entity_src_gen.plasmid_details 
_entity_src_gen.pdbx_description 
1 1 sample 'Biological sequence' 1 76 
;Baker's yeast
;
? 'SIN3, CPE1, GAM2, RPD1, SDI1, SDS16, UME4, YOL004W'    ? 'ATCC 204508 / S288c' ? ? ? ? 
'Saccharomyces cerevisiae (strain ATCC 204508 / S288c)' 559292 ? ? ? ? ? ? ? ? 'Escherichia coli' 562 ? ? ? ? ? ? ? ? ? ? ? ? ? ? 
? ? ? ? ? ? ? 
2 1 sample 'Biological sequence' 1 46 
;Baker's yeast
;
? 'UME6, CAR80, CARGR1, NIM2, RIM16, YDR207C, YD8142.04C' ? 'ATCC 204508 / S288c' ? ? ? ? 
'Saccharomyces cerevisiae (strain ATCC 204508 / S288c)' 559292 ? ? ? ? ? ? ? ? 'Escherichia coli' 562 ? ? ? ? ? ? ? ? ? ? ? ? ? ? 
? ? ? ? ? ? ? 
# 
loop_
_chem_comp.id 
_chem_comp.type 
_chem_comp.mon_nstd_flag 
_chem_comp.name 
_chem_comp.pdbx_synonyms 
_chem_comp.formula 
_chem_comp.formula_weight 
ALA 'L-peptide linking' y ALANINE         ? 'C3 H7 N O2'     89.093  
ARG 'L-peptide linking' y ARGININE        ? 'C6 H15 N4 O2 1' 175.209 
ASN 'L-peptide linking' y ASPARAGINE      ? 'C4 H8 N2 O3'    132.118 
ASP 'L-peptide linking' y 'ASPARTIC ACID' ? 'C4 H7 N O4'     133.103 
BR  non-polymer         . 'BROMIDE ION'   ? 'Br -1'          79.904  
GLN 'L-peptide linking' y GLUTAMINE       ? 'C5 H10 N2 O3'   146.144 
GLU 'L-peptide linking' y 'GLUTAMIC ACID' ? 'C5 H9 N O4'     147.129 
GLY 'peptide linking'   y GLYCINE         ? 'C2 H5 N O2'     75.067  
HIS 'L-peptide linking' y HISTIDINE       ? 'C6 H10 N3 O2 1' 156.162 
HOH non-polymer         . WATER           ? 'H2 O'           18.015  
ILE 'L-peptide linking' y ISOLEUCINE      ? 'C6 H13 N O2'    131.173 
LEU 'L-peptide linking' y LEUCINE         ? 'C6 H13 N O2'    131.173 
LYS 'L-peptide linking' y LYSINE          ? 'C6 H15 N2 O2 1' 147.195 
MET 'L-peptide linking' y METHIONINE      ? 'C5 H11 N O2 S'  149.211 
PHE 'L-peptide linking' y PHENYLALANINE   ? 'C9 H11 N O2'    165.189 
PRO 'L-peptide linking' y PROLINE         ? 'C5 H9 N O2'     115.130 
SER 'L-peptide linking' y SERINE          ? 'C3 H7 N O3'     105.093 
THR 'L-peptide linking' y THREONINE       ? 'C4 H9 N O3'     119.119 
TYR 'L-peptide linking' y TYROSINE        ? 'C9 H11 N O3'    181.189 
VAL 'L-peptide linking' y VALINE          ? 'C5 H11 N O2'    117.146 
# 
loop_
_pdbx_poly_seq_scheme.asym_id 
_pdbx_poly_seq_scheme.entity_id 
_pdbx_poly_seq_scheme.seq_id 
_pdbx_poly_seq_scheme.mon_id 
_pdbx_poly_seq_scheme.ndb_seq_num 
_pdbx_poly_seq_scheme.pdb_seq_num 
_pdbx_poly_seq_scheme.auth_seq_num 
_pdbx_poly_seq_scheme.pdb_mon_id 
_pdbx_poly_seq_scheme.auth_mon_id 
_pdbx_poly_seq_scheme.pdb_strand_id 
_pdbx_poly_seq_scheme.pdb_ins_code 
_pdbx_poly_seq_scheme.hetero 
A 1 1  GLY 1  398 ?   ?   ?   A . n 
A 1 2  PRO 2  399 ?   ?   ?   A . n 
A 1 3  HIS 3  400 ?   ?   ?   A . n 
A 1 4  MET 4  401 ?   ?   ?   A . n 
A 1 5  LYS 5  402 ?   ?   ?   A . n 
A 1 6  ASN 6  403 ?   ?   ?   A . n 
A 1 7  VAL 7  404 ?   ?   ?   A . n 
A 1 8  ASP 8  405 405 ASP ASP A . n 
A 1 9  VAL 9  406 406 VAL VAL A . n 
A 1 10 GLU 10 407 407 GLU GLU A . n 
A 1 11 PHE 11 408 408 PHE PHE A . n 
A 1 12 SER 12 409 409 SER SER A . n 
A 1 13 GLN 13 410 410 GLN GLN A . n 
A 1 14 ALA 14 411 411 ALA ALA A . n 
A 1 15 ILE 15 412 412 ILE ILE A . n 
A 1 16 SER 16 413 413 SER SER A . n 
A 1 17 TYR 17 414 414 TYR TYR A . n 
A 1 18 VAL 18 415 415 VAL VAL A . n 
A 1 19 ASN 19 416 416 ASN ASN A . n 
A 1 20 LYS 20 417 417 LYS LYS A . n 
A 1 21 ILE 21 418 418 ILE ILE A . n 
A 1 22 LYS 22 419 419 LYS LYS A . n 
A 1 23 THR 23 420 420 THR THR A . n 
A 1 24 ARG 24 421 421 ARG ARG A . n 
A 1 25 PHE 25 422 422 PHE PHE A . n 
A 1 26 ALA 26 423 423 ALA ALA A . n 
A 1 27 ASP 27 424 424 ASP ASP A . n 
A 1 28 GLN 28 425 425 GLN GLN A . n 
A 1 29 PRO 29 426 426 PRO PRO A . n 
A 1 30 ASP 30 427 427 ASP ASP A . n 
A 1 31 ILE 31 428 428 ILE ILE A . n 
A 1 32 TYR 32 429 429 TYR TYR A . n 
A 1 33 LYS 33 430 430 LYS LYS A . n 
A 1 34 HIS 34 431 431 HIS HIS A . n 
A 1 35 PHE 35 432 432 PHE PHE A . n 
A 1 36 LEU 36 433 433 LEU LEU A . n 
A 1 37 GLU 37 434 434 GLU GLU A . n 
A 1 38 ILE 38 435 435 ILE ILE A . n 
A 1 39 LEU 39 436 436 LEU LEU A . n 
A 1 40 GLN 40 437 437 GLN GLN A . n 
A 1 41 THR 41 438 438 THR THR A . n 
A 1 42 TYR 42 439 439 TYR TYR A . n 
A 1 43 GLN 43 440 440 GLN GLN A . n 
A 1 44 ARG 44 441 441 ARG ARG A . n 
A 1 45 GLU 45 442 442 GLU GLU A . n 
A 1 46 GLN 46 443 443 GLN GLN A . n 
A 1 47 LYS 47 444 444 LYS LYS A . n 
A 1 48 PRO 48 445 445 PRO PRO A . n 
A 1 49 ILE 49 446 446 ILE ILE A . n 
A 1 50 ASN 50 447 447 ASN ASN A . n 
A 1 51 GLU 51 448 448 GLU GLU A . n 
A 1 52 VAL 52 449 449 VAL VAL A . n 
A 1 53 TYR 53 450 450 TYR TYR A . n 
A 1 54 ALA 54 451 451 ALA ALA A . n 
A 1 55 GLN 55 452 452 GLN GLN A . n 
A 1 56 VAL 56 453 453 VAL VAL A . n 
A 1 57 THR 57 454 454 THR THR A . n 
A 1 58 HIS 58 455 455 HIS HIS A . n 
A 1 59 LEU 59 456 456 LEU LEU A . n 
A 1 60 PHE 60 457 457 PHE PHE A . n 
A 1 61 GLN 61 458 458 GLN GLN A . n 
A 1 62 ASN 62 459 459 ASN ASN A . n 
A 1 63 ALA 63 460 460 ALA ALA A . n 
A 1 64 PRO 64 461 461 PRO PRO A . n 
A 1 65 ASP 65 462 462 ASP ASP A . n 
A 1 66 LEU 66 463 463 LEU LEU A . n 
A 1 67 LEU 67 464 464 LEU LEU A . n 
A 1 68 GLU 68 465 465 GLU GLU A . n 
A 1 69 ASP 69 466 466 ASP ASP A . n 
A 1 70 PHE 70 467 467 PHE PHE A . n 
A 1 71 LYS 71 468 468 LYS LYS A . n 
A 1 72 LYS 72 469 469 LYS LYS A . n 
A 1 73 PHE 73 470 470 PHE PHE A . n 
A 1 74 LEU 74 471 471 LEU LEU A . n 
A 1 75 PRO 75 472 472 PRO PRO A . n 
A 1 76 ASP 76 473 473 ASP ASP A . n 
B 2 1  GLY 1  498 ?   ?   ?   B . n 
B 2 2  PRO 2  499 ?   ?   ?   B . n 
B 2 3  ARG 3  500 ?   ?   ?   B . n 
B 2 4  SER 4  501 ?   ?   ?   B . n 
B 2 5  ARG 5  502 ?   ?   ?   B . n 
B 2 6  LEU 6  503 ?   ?   ?   B . n 
B 2 7  LEU 7  504 ?   ?   ?   B . n 
B 2 8  LEU 8  505 ?   ?   ?   B . n 
B 2 9  GLY 9  506 ?   ?   ?   B . n 
B 2 10 PRO 10 507 ?   ?   ?   B . n 
B 2 11 ASN 11 508 ?   ?   ?   B . n 
B 2 12 SER 12 509 ?   ?   ?   B . n 
B 2 13 ALA 13 510 ?   ?   ?   B . n 
B 2 14 SER 14 511 ?   ?   ?   B . n 
B 2 15 SER 15 512 ?   ?   ?   B . n 
B 2 16 SER 16 513 ?   ?   ?   B . n 
B 2 17 THR 17 514 ?   ?   ?   B . n 
B 2 18 LYS 18 515 ?   ?   ?   B . n 
B 2 19 LEU 19 516 516 LEU LEU B . n 
B 2 20 ASP 20 517 517 ASP ASP B . n 
B 2 21 ASP 21 518 518 ASP ASP B . n 
B 2 22 ASP 22 519 519 ASP ASP B . n 
B 2 23 LEU 23 520 520 LEU LEU B . n 
B 2 24 GLY 24 521 521 GLY GLY B . n 
B 2 25 THR 25 522 522 THR THR B . n 
B 2 26 ALA 26 523 523 ALA ALA B . n 
B 2 27 ALA 27 524 524 ALA ALA B . n 
B 2 28 ALA 28 525 525 ALA ALA B . n 
B 2 29 VAL 29 526 526 VAL VAL B . n 
B 2 30 LEU 30 527 527 LEU LEU B . n 
B 2 31 SER 31 528 528 SER SER B . n 
B 2 32 ASN 32 529 529 ASN ASN B . n 
B 2 33 MET 33 530 530 MET MET B . n 
B 2 34 ARG 34 531 531 ARG ARG B . n 
B 2 35 SER 35 532 ?   ?   ?   B . n 
B 2 36 SER 36 533 ?   ?   ?   B . n 
B 2 37 PRO 37 534 ?   ?   ?   B . n 
B 2 38 TYR 38 535 ?   ?   ?   B . n 
B 2 39 ARG 39 536 ?   ?   ?   B . n 
B 2 40 THR 40 537 ?   ?   ?   B . n 
B 2 41 HIS 41 538 ?   ?   ?   B . n 
B 2 42 ASP 42 539 ?   ?   ?   B . n 
B 2 43 LYS 43 540 ?   ?   ?   B . n 
B 2 44 PRO 44 541 ?   ?   ?   B . n 
B 2 45 ILE 45 542 ?   ?   ?   B . n 
B 2 46 SER 46 543 ?   ?   ?   B . n 
# 
loop_
_pdbx_nonpoly_scheme.asym_id 
_pdbx_nonpoly_scheme.entity_id 
_pdbx_nonpoly_scheme.mon_id 
_pdbx_nonpoly_scheme.ndb_seq_num 
_pdbx_nonpoly_scheme.pdb_seq_num 
_pdbx_nonpoly_scheme.auth_seq_num 
_pdbx_nonpoly_scheme.pdb_mon_id 
_pdbx_nonpoly_scheme.auth_mon_id 
_pdbx_nonpoly_scheme.pdb_strand_id 
_pdbx_nonpoly_scheme.pdb_ins_code 
C 3 BR  1  501 1  BR  BR  A . 
D 3 BR  1  502 2  BR  BR  A . 
E 3 BR  1  503 3  BR  BR  A . 
F 3 BR  1  504 4  BR  BR  A . 
G 4 HOH 1  601 63 HOH HOH A . 
G 4 HOH 2  602 81 HOH HOH A . 
G 4 HOH 3  603 73 HOH HOH A . 
G 4 HOH 4  604 47 HOH HOH A . 
G 4 HOH 5  605 66 HOH HOH A . 
G 4 HOH 6  606 60 HOH HOH A . 
G 4 HOH 7  607 69 HOH HOH A . 
G 4 HOH 8  608 83 HOH HOH A . 
G 4 HOH 9  609 28 HOH HOH A . 
G 4 HOH 10 610 40 HOH HOH A . 
G 4 HOH 11 611 33 HOH HOH A . 
G 4 HOH 12 612 1  HOH HOH A . 
G 4 HOH 13 613 37 HOH HOH A . 
G 4 HOH 14 614 4  HOH HOH A . 
G 4 HOH 15 615 23 HOH HOH A . 
G 4 HOH 16 616 3  HOH HOH A . 
G 4 HOH 17 617 54 HOH HOH A . 
G 4 HOH 18 618 88 HOH HOH A . 
G 4 HOH 19 619 6  HOH HOH A . 
G 4 HOH 20 620 9  HOH HOH A . 
G 4 HOH 21 621 11 HOH HOH A . 
G 4 HOH 22 622 26 HOH HOH A . 
G 4 HOH 23 623 44 HOH HOH A . 
G 4 HOH 24 624 7  HOH HOH A . 
G 4 HOH 25 625 5  HOH HOH A . 
G 4 HOH 26 626 16 HOH HOH A . 
G 4 HOH 27 627 12 HOH HOH A . 
G 4 HOH 28 628 13 HOH HOH A . 
G 4 HOH 29 629 18 HOH HOH A . 
G 4 HOH 30 630 20 HOH HOH A . 
G 4 HOH 31 631 8  HOH HOH A . 
G 4 HOH 32 632 45 HOH HOH A . 
G 4 HOH 33 633 15 HOH HOH A . 
G 4 HOH 34 634 36 HOH HOH A . 
G 4 HOH 35 635 72 HOH HOH A . 
G 4 HOH 36 636 27 HOH HOH A . 
G 4 HOH 37 637 19 HOH HOH A . 
G 4 HOH 38 638 21 HOH HOH A . 
G 4 HOH 39 639 31 HOH HOH A . 
G 4 HOH 40 640 74 HOH HOH A . 
G 4 HOH 41 641 46 HOH HOH A . 
G 4 HOH 42 642 79 HOH HOH A . 
G 4 HOH 43 643 80 HOH HOH A . 
G 4 HOH 44 644 17 HOH HOH A . 
G 4 HOH 45 645 77 HOH HOH A . 
G 4 HOH 46 646 49 HOH HOH A . 
G 4 HOH 47 647 41 HOH HOH A . 
G 4 HOH 48 648 85 HOH HOH A . 
G 4 HOH 49 649 71 HOH HOH A . 
G 4 HOH 50 650 29 HOH HOH A . 
G 4 HOH 51 651 58 HOH HOH A . 
G 4 HOH 52 652 42 HOH HOH A . 
G 4 HOH 53 653 24 HOH HOH A . 
G 4 HOH 54 654 39 HOH HOH A . 
G 4 HOH 55 655 35 HOH HOH A . 
G 4 HOH 56 656 53 HOH HOH A . 
G 4 HOH 57 657 90 HOH HOH A . 
G 4 HOH 58 658 67 HOH HOH A . 
G 4 HOH 59 659 51 HOH HOH A . 
G 4 HOH 60 660 87 HOH HOH A . 
G 4 HOH 61 661 91 HOH HOH A . 
G 4 HOH 62 662 55 HOH HOH A . 
G 4 HOH 63 663 65 HOH HOH A . 
G 4 HOH 64 664 70 HOH HOH A . 
G 4 HOH 65 665 34 HOH HOH A . 
G 4 HOH 66 666 25 HOH HOH A . 
G 4 HOH 67 667 92 HOH HOH A . 
G 4 HOH 68 668 50 HOH HOH A . 
G 4 HOH 69 669 62 HOH HOH A . 
G 4 HOH 70 670 75 HOH HOH A . 
G 4 HOH 71 671 30 HOH HOH A . 
G 4 HOH 72 672 86 HOH HOH A . 
G 4 HOH 73 673 84 HOH HOH A . 
G 4 HOH 74 674 43 HOH HOH A . 
G 4 HOH 75 675 48 HOH HOH A . 
G 4 HOH 76 676 56 HOH HOH A . 
G 4 HOH 77 677 38 HOH HOH A . 
G 4 HOH 78 678 82 HOH HOH A . 
G 4 HOH 79 679 59 HOH HOH A . 
G 4 HOH 80 680 76 HOH HOH A . 
G 4 HOH 81 681 93 HOH HOH A . 
H 4 HOH 1  601 64 HOH HOH B . 
H 4 HOH 2  602 52 HOH HOH B . 
H 4 HOH 3  603 57 HOH HOH B . 
H 4 HOH 4  604 2  HOH HOH B . 
H 4 HOH 5  605 78 HOH HOH B . 
H 4 HOH 6  606 14 HOH HOH B . 
H 4 HOH 7  607 10 HOH HOH B . 
H 4 HOH 8  608 89 HOH HOH B . 
H 4 HOH 9  609 22 HOH HOH B . 
H 4 HOH 10 610 68 HOH HOH B . 
H 4 HOH 11 611 32 HOH HOH B . 
H 4 HOH 12 612 61 HOH HOH B . 
# 
loop_
_software.citation_id 
_software.classification 
_software.compiler_name 
_software.compiler_version 
_software.contact_author 
_software.contact_author_email 
_software.date 
_software.description 
_software.dependencies 
_software.hardware 
_software.language 
_software.location 
_software.mods 
_software.name 
_software.os 
_software.os_version 
_software.type 
_software.version 
_software.pdbx_ordinal 
? 'data reduction'  ? ? 'Wolfgang Kabsch' Wolfgang.Kabsch@mpimf-heidelberg.mpg.de ?              ? ? ? ?   
http://www.mpimf-heidelberg.mpg.de/~kabsch/xds/ ? XDS         ? ? package .         1 
? 'data scaling'    ? ? 'Graeme Winter'   ?                                       ?              ? ? ? ?   
http://www.ccp4.ac.uk/html/xia2.html            ? xia2        ? ? program .         2 
? phasing           ? ? 'Tom Terwilliger' terwilliger@LANL.gov                    ?              ? ? ? ?   
http://www.solve.lanl.gov/                      ? SOLVE       ? ? program .         3 
? refinement        ? ? 'Paul D. Adams'   PDAdams@lbl.gov                         ?              ? ? ? C++ 
http://www.phenix-online.org/                   ? PHENIX      ? ? package 1.13_2998 4 
? 'data extraction' ? ? PDB               deposit@deposit.rcsb.org                'Apr. 1, 2019' ? ? ? C++ 
http://sw-tools.pdb.org/apps/PDB_EXTRACT/       ? PDB_EXTRACT ? ? package 3.25      5 
# 
_cell.angle_alpha                  90.000 
_cell.angle_alpha_esd              ? 
_cell.angle_beta                   90.000 
_cell.angle_beta_esd               ? 
_cell.angle_gamma                  90.000 
_cell.angle_gamma_esd              ? 
_cell.entry_id                     6XAW 
_cell.details                      ? 
_cell.formula_units_Z              ? 
_cell.length_a                     56.770 
_cell.length_a_esd                 ? 
_cell.length_b                     56.770 
_cell.length_b_esd                 ? 
_cell.length_c                     63.900 
_cell.length_c_esd                 ? 
_cell.volume                       ? 
_cell.volume_esd                   ? 
_cell.Z_PDB                        8 
_cell.reciprocal_angle_alpha       ? 
_cell.reciprocal_angle_beta        ? 
_cell.reciprocal_angle_gamma       ? 
_cell.reciprocal_angle_alpha_esd   ? 
_cell.reciprocal_angle_beta_esd    ? 
_cell.reciprocal_angle_gamma_esd   ? 
_cell.reciprocal_length_a          ? 
_cell.reciprocal_length_b          ? 
_cell.reciprocal_length_c          ? 
_cell.reciprocal_length_a_esd      ? 
_cell.reciprocal_length_b_esd      ? 
_cell.reciprocal_length_c_esd      ? 
_cell.pdbx_unique_axis             ? 
# 
_symmetry.entry_id                         6XAW 
_symmetry.cell_setting                     ? 
_symmetry.Int_Tables_number                95 
_symmetry.space_group_name_Hall            ? 
_symmetry.space_group_name_H-M             'P 43 2 2' 
_symmetry.pdbx_full_space_group_name_H-M   ? 
# 
_exptl.absorpt_coefficient_mu     ? 
_exptl.absorpt_correction_T_max   ? 
_exptl.absorpt_correction_T_min   ? 
_exptl.absorpt_correction_type    ? 
_exptl.absorpt_process_details    ? 
_exptl.entry_id                   6XAW 
_exptl.crystals_number            1 
_exptl.details                    ? 
_exptl.method                     'X-RAY DIFFRACTION' 
_exptl.method_details             ? 
# 
_exptl_crystal.colour                      ? 
_exptl_crystal.density_diffrn              ? 
_exptl_crystal.density_Matthews            1.85 
_exptl_crystal.density_method              ? 
_exptl_crystal.density_percent_sol         33.58 
_exptl_crystal.description                 ? 
_exptl_crystal.F_000                       ? 
_exptl_crystal.id                          1 
_exptl_crystal.preparation                 ? 
_exptl_crystal.size_max                    ? 
_exptl_crystal.size_mid                    ? 
_exptl_crystal.size_min                    ? 
_exptl_crystal.size_rad                    ? 
_exptl_crystal.colour_lustre               ? 
_exptl_crystal.colour_modifier             ? 
_exptl_crystal.colour_primary              ? 
_exptl_crystal.density_meas                ? 
_exptl_crystal.density_meas_esd            ? 
_exptl_crystal.density_meas_gt             ? 
_exptl_crystal.density_meas_lt             ? 
_exptl_crystal.density_meas_temp           ? 
_exptl_crystal.density_meas_temp_esd       ? 
_exptl_crystal.density_meas_temp_gt        ? 
_exptl_crystal.density_meas_temp_lt        ? 
_exptl_crystal.pdbx_crystal_image_url      ? 
_exptl_crystal.pdbx_crystal_image_format   ? 
_exptl_crystal.pdbx_mosaicity              ? 
_exptl_crystal.pdbx_mosaicity_esd          ? 
# 
_exptl_crystal_grow.apparatus       ? 
_exptl_crystal_grow.atmosphere      ? 
_exptl_crystal_grow.crystal_id      1 
_exptl_crystal_grow.details         ? 
_exptl_crystal_grow.method          'VAPOR DIFFUSION, SITTING DROP' 
_exptl_crystal_grow.method_ref      ? 
_exptl_crystal_grow.pH              8.8 
_exptl_crystal_grow.pressure        ? 
_exptl_crystal_grow.pressure_esd    ? 
_exptl_crystal_grow.seeding         ? 
_exptl_crystal_grow.seeding_ref     ? 
_exptl_crystal_grow.temp            293 
_exptl_crystal_grow.temp_details    ? 
_exptl_crystal_grow.temp_esd        ? 
_exptl_crystal_grow.time            ? 
_exptl_crystal_grow.pdbx_details    '100mM Tris, pH 8.8, 1.36M sodium citrate' 
_exptl_crystal_grow.pdbx_pH_range   ? 
# 
_diffrn.ambient_environment              ? 
_diffrn.ambient_temp                     100 
_diffrn.ambient_temp_details             ? 
_diffrn.ambient_temp_esd                 ? 
_diffrn.crystal_id                       1 
_diffrn.crystal_support                  ? 
_diffrn.crystal_treatment                ? 
_diffrn.details                          ? 
_diffrn.id                               1 
_diffrn.ambient_pressure                 ? 
_diffrn.ambient_pressure_esd             ? 
_diffrn.ambient_pressure_gt              ? 
_diffrn.ambient_pressure_lt              ? 
_diffrn.ambient_temp_gt                  ? 
_diffrn.ambient_temp_lt                  ? 
_diffrn.pdbx_serial_crystal_experiment   N 
# 
_diffrn_detector.details                      ? 
_diffrn_detector.detector                     PIXEL 
_diffrn_detector.diffrn_id                    1 
_diffrn_detector.type                         'DECTRIS PILATUS 6M-F' 
_diffrn_detector.area_resol_mean              ? 
_diffrn_detector.dtime                        ? 
_diffrn_detector.pdbx_frames_total            ? 
_diffrn_detector.pdbx_collection_time_total   ? 
_diffrn_detector.pdbx_collection_date         2018-02-15 
_diffrn_detector.pdbx_frequency               ? 
# 
_diffrn_radiation.collimation                      ? 
_diffrn_radiation.diffrn_id                        1 
_diffrn_radiation.filter_edge                      ? 
_diffrn_radiation.inhomogeneity                    ? 
_diffrn_radiation.monochromator                    ? 
_diffrn_radiation.polarisn_norm                    ? 
_diffrn_radiation.polarisn_ratio                   ? 
_diffrn_radiation.probe                            ? 
_diffrn_radiation.type                             ? 
_diffrn_radiation.xray_symbol                      ? 
_diffrn_radiation.wavelength_id                    1 
_diffrn_radiation.pdbx_monochromatic_or_laue_m_l   M 
_diffrn_radiation.pdbx_wavelength_list             ? 
_diffrn_radiation.pdbx_wavelength                  ? 
_diffrn_radiation.pdbx_diffrn_protocol             'SINGLE WAVELENGTH' 
_diffrn_radiation.pdbx_analyzer                    ? 
_diffrn_radiation.pdbx_scattering_type             x-ray 
# 
_diffrn_radiation_wavelength.id           1 
_diffrn_radiation_wavelength.wavelength   0.9197 
_diffrn_radiation_wavelength.wt           1.0 
# 
_diffrn_source.current                     ? 
_diffrn_source.details                     ? 
_diffrn_source.diffrn_id                   1 
_diffrn_source.power                       ? 
_diffrn_source.size                        ? 
_diffrn_source.source                      SYNCHROTRON 
_diffrn_source.target                      ? 
_diffrn_source.type                        'APS BEAMLINE 24-ID-C' 
_diffrn_source.voltage                     ? 
_diffrn_source.take-off_angle              ? 
_diffrn_source.pdbx_wavelength_list        0.9197 
_diffrn_source.pdbx_wavelength             ? 
_diffrn_source.pdbx_synchrotron_beamline   24-ID-C 
_diffrn_source.pdbx_synchrotron_site       APS 
# 
_reflns.B_iso_Wilson_estimate            29.050 
_reflns.entry_id                         6XAW 
_reflns.data_reduction_details           ? 
_reflns.data_reduction_method            ? 
_reflns.d_resolution_high                1.840 
_reflns.d_resolution_low                 33.99 
_reflns.details                          ? 
_reflns.limit_h_max                      ? 
_reflns.limit_h_min                      ? 
_reflns.limit_k_max                      ? 
_reflns.limit_k_min                      ? 
_reflns.limit_l_max                      ? 
_reflns.limit_l_min                      ? 
_reflns.number_all                       ? 
_reflns.number_obs                       17236 
_reflns.observed_criterion               ? 
_reflns.observed_criterion_F_max         ? 
_reflns.observed_criterion_F_min         ? 
_reflns.observed_criterion_I_max         ? 
_reflns.observed_criterion_I_min         ? 
_reflns.observed_criterion_sigma_F       ? 
_reflns.observed_criterion_sigma_I       ? 
_reflns.percent_possible_obs             99.800 
_reflns.R_free_details                   ? 
_reflns.Rmerge_F_all                     ? 
_reflns.Rmerge_F_obs                     ? 
_reflns.Friedel_coverage                 ? 
_reflns.number_gt                        ? 
_reflns.threshold_expression             ? 
_reflns.pdbx_redundancy                  12.300 
_reflns.pdbx_Rmerge_I_obs                ? 
_reflns.pdbx_Rmerge_I_all                ? 
_reflns.pdbx_Rsym_value                  ? 
_reflns.pdbx_netI_over_av_sigmaI         ? 
_reflns.pdbx_netI_over_sigmaI            16.400 
_reflns.pdbx_res_netI_over_av_sigmaI_2   ? 
_reflns.pdbx_res_netI_over_sigmaI_2      ? 
_reflns.pdbx_chi_squared                 ? 
_reflns.pdbx_scaling_rejects             ? 
_reflns.pdbx_d_res_high_opt              ? 
_reflns.pdbx_d_res_low_opt               ? 
_reflns.pdbx_d_res_opt_method            ? 
_reflns.phase_calculation_details        ? 
_reflns.pdbx_Rrim_I_all                  0.174 
_reflns.pdbx_Rpim_I_all                  0.049 
_reflns.pdbx_d_opt                       ? 
_reflns.pdbx_number_measured_all         ? 
_reflns.pdbx_diffrn_id                   1 
_reflns.pdbx_ordinal                     1 
_reflns.pdbx_CC_half                     ? 
_reflns.pdbx_CC_star                     ? 
_reflns.pdbx_R_split                     ? 
# 
loop_
_reflns_shell.d_res_high 
_reflns_shell.d_res_low 
_reflns_shell.meanI_over_sigI_all 
_reflns_shell.meanI_over_sigI_obs 
_reflns_shell.number_measured_all 
_reflns_shell.number_measured_obs 
_reflns_shell.number_possible 
_reflns_shell.number_unique_all 
_reflns_shell.number_unique_obs 
_reflns_shell.percent_possible_all 
_reflns_shell.percent_possible_obs 
_reflns_shell.Rmerge_F_all 
_reflns_shell.Rmerge_F_obs 
_reflns_shell.Rmerge_I_all 
_reflns_shell.Rmerge_I_obs 
_reflns_shell.meanI_over_sigI_gt 
_reflns_shell.meanI_over_uI_all 
_reflns_shell.meanI_over_uI_gt 
_reflns_shell.number_measured_gt 
_reflns_shell.number_unique_gt 
_reflns_shell.percent_possible_gt 
_reflns_shell.Rmerge_F_gt 
_reflns_shell.Rmerge_I_gt 
_reflns_shell.pdbx_redundancy 
_reflns_shell.pdbx_Rsym_value 
_reflns_shell.pdbx_chi_squared 
_reflns_shell.pdbx_netI_over_sigmaI_all 
_reflns_shell.pdbx_netI_over_sigmaI_obs 
_reflns_shell.pdbx_Rrim_I_all 
_reflns_shell.pdbx_Rpim_I_all 
_reflns_shell.pdbx_rejects 
_reflns_shell.pdbx_ordinal 
_reflns_shell.pdbx_diffrn_id 
_reflns_shell.pdbx_CC_half 
_reflns_shell.pdbx_CC_star 
_reflns_shell.pdbx_R_split 
1.840 1.870  ? 1.000  5739 ? ? ? 449 98.900  ? ? ? ? ? ? ? ? ? ? ? ? ? 12.800 ? ? ? ? 2.656 0.739 ? 1 1 ? ? ? 
4.990 34.000 ? 46.500 6172 ? ? ? 562 100.000 ? ? ? ? ? ? ? ? ? ? ? ? ? 11.000 ? ? ? ? 0.054 0.016 ? 2 1 ? ? ? 
# 
_refine.aniso_B[1][1]                            ? 
_refine.aniso_B[1][2]                            ? 
_refine.aniso_B[1][3]                            ? 
_refine.aniso_B[2][2]                            ? 
_refine.aniso_B[2][3]                            ? 
_refine.aniso_B[3][3]                            ? 
_refine.B_iso_max                                96.770 
_refine.B_iso_mean                               31.1753 
_refine.B_iso_min                                15.990 
_refine.correlation_coeff_Fo_to_Fc               ? 
_refine.correlation_coeff_Fo_to_Fc_free          ? 
_refine.details                                  ? 
_refine.diff_density_max                         ? 
_refine.diff_density_max_esd                     ? 
_refine.diff_density_min                         ? 
_refine.diff_density_min_esd                     ? 
_refine.diff_density_rms                         ? 
_refine.diff_density_rms_esd                     ? 
_refine.entry_id                                 6XAW 
_refine.pdbx_refine_id                           'X-RAY DIFFRACTION' 
_refine.ls_abs_structure_details                 ? 
_refine.ls_abs_structure_Flack                   ? 
_refine.ls_abs_structure_Flack_esd               ? 
_refine.ls_abs_structure_Rogers                  ? 
_refine.ls_abs_structure_Rogers_esd              ? 
_refine.ls_d_res_high                            1.8400 
_refine.ls_d_res_low                             33.990 
_refine.ls_extinction_coef                       ? 
_refine.ls_extinction_coef_esd                   ? 
_refine.ls_extinction_expression                 ? 
_refine.ls_extinction_method                     ? 
_refine.ls_goodness_of_fit_all                   ? 
_refine.ls_goodness_of_fit_all_esd               ? 
_refine.ls_goodness_of_fit_obs                   ? 
_refine.ls_goodness_of_fit_obs_esd               ? 
_refine.ls_hydrogen_treatment                    ? 
_refine.ls_matrix_type                           ? 
_refine.ls_number_constraints                    ? 
_refine.ls_number_parameters                     ? 
_refine.ls_number_reflns_all                     ? 
_refine.ls_number_reflns_obs                     17236 
_refine.ls_number_reflns_R_free                  829 
_refine.ls_number_reflns_R_work                  16407 
_refine.ls_number_restraints                     ? 
_refine.ls_percent_reflns_obs                    99.5400 
_refine.ls_percent_reflns_R_free                 4.8100 
_refine.ls_R_factor_all                          ? 
_refine.ls_R_factor_obs                          0.1930 
_refine.ls_R_factor_R_free                       0.2120 
_refine.ls_R_factor_R_free_error                 ? 
_refine.ls_R_factor_R_free_error_details         ? 
_refine.ls_R_factor_R_work                       0.1920 
_refine.ls_R_Fsqd_factor_obs                     ? 
_refine.ls_R_I_factor_obs                        ? 
_refine.ls_redundancy_reflns_all                 ? 
_refine.ls_redundancy_reflns_obs                 ? 
_refine.ls_restrained_S_all                      ? 
_refine.ls_restrained_S_obs                      ? 
_refine.ls_shift_over_esd_max                    ? 
_refine.ls_shift_over_esd_mean                   ? 
_refine.ls_structure_factor_coef                 ? 
_refine.ls_weighting_details                     ? 
_refine.ls_weighting_scheme                      ? 
_refine.ls_wR_factor_all                         ? 
_refine.ls_wR_factor_obs                         ? 
_refine.ls_wR_factor_R_free                      ? 
_refine.ls_wR_factor_R_work                      ? 
_refine.occupancy_max                            ? 
_refine.occupancy_min                            ? 
_refine.solvent_model_details                    'FLAT BULK SOLVENT MODEL' 
_refine.solvent_model_param_bsol                 ? 
_refine.solvent_model_param_ksol                 ? 
_refine.pdbx_R_complete                          ? 
_refine.ls_R_factor_gt                           ? 
_refine.ls_goodness_of_fit_gt                    ? 
_refine.ls_goodness_of_fit_ref                   ? 
_refine.ls_shift_over_su_max                     ? 
_refine.ls_shift_over_su_max_lt                  ? 
_refine.ls_shift_over_su_mean                    ? 
_refine.ls_shift_over_su_mean_lt                 ? 
_refine.pdbx_ls_sigma_I                          ? 
_refine.pdbx_ls_sigma_F                          1.330 
_refine.pdbx_ls_sigma_Fsqd                       ? 
_refine.pdbx_data_cutoff_high_absF               ? 
_refine.pdbx_data_cutoff_high_rms_absF           ? 
_refine.pdbx_data_cutoff_low_absF                ? 
_refine.pdbx_isotropic_thermal_model             ? 
_refine.pdbx_ls_cross_valid_method               THROUGHOUT 
_refine.pdbx_method_to_determine_struct          SAD 
_refine.pdbx_starting_model                      ? 
_refine.pdbx_stereochemistry_target_values       ML 
_refine.pdbx_R_Free_selection_details            ? 
_refine.pdbx_stereochem_target_val_spec_case     ? 
_refine.pdbx_overall_ESU_R                       ? 
_refine.pdbx_overall_ESU_R_Free                  ? 
_refine.pdbx_solvent_vdw_probe_radii             1.1100 
_refine.pdbx_solvent_ion_probe_radii             ? 
_refine.pdbx_solvent_shrinkage_radii             0.9000 
_refine.pdbx_real_space_R                        ? 
_refine.pdbx_density_correlation                 ? 
_refine.pdbx_pd_number_of_powder_patterns        ? 
_refine.pdbx_pd_number_of_points                 ? 
_refine.pdbx_pd_meas_number_of_points            ? 
_refine.pdbx_pd_proc_ls_prof_R_factor            ? 
_refine.pdbx_pd_proc_ls_prof_wR_factor           ? 
_refine.pdbx_pd_Marquardt_correlation_coeff      ? 
_refine.pdbx_pd_Fsqrd_R_factor                   ? 
_refine.pdbx_pd_ls_matrix_band_width             ? 
_refine.pdbx_overall_phase_error                 26.4700 
_refine.pdbx_overall_SU_R_free_Cruickshank_DPI   ? 
_refine.pdbx_overall_SU_R_free_Blow_DPI          ? 
_refine.pdbx_overall_SU_R_Blow_DPI               ? 
_refine.pdbx_TLS_residual_ADP_flag               ? 
_refine.pdbx_diffrn_id                           1 
_refine.overall_SU_B                             ? 
_refine.overall_SU_ML                            0.3400 
_refine.overall_SU_R_Cruickshank_DPI             ? 
_refine.overall_SU_R_free                        ? 
_refine.overall_FOM_free_R_set                   ? 
_refine.overall_FOM_work_R_set                   ? 
_refine.pdbx_average_fsc_overall                 ? 
_refine.pdbx_average_fsc_work                    ? 
_refine.pdbx_average_fsc_free                    ? 
# 
_refine_hist.pdbx_refine_id                   'X-RAY DIFFRACTION' 
_refine_hist.cycle_id                         final 
_refine_hist.details                          ? 
_refine_hist.d_res_high                       1.8400 
_refine_hist.d_res_low                        33.990 
_refine_hist.number_atoms_solvent             93 
_refine_hist.number_atoms_total               798 
_refine_hist.number_reflns_all                ? 
_refine_hist.number_reflns_obs                ? 
_refine_hist.number_reflns_R_free             ? 
_refine_hist.number_reflns_R_work             ? 
_refine_hist.R_factor_all                     ? 
_refine_hist.R_factor_obs                     ? 
_refine_hist.R_factor_R_free                  ? 
_refine_hist.R_factor_R_work                  ? 
_refine_hist.pdbx_number_residues_total       85 
_refine_hist.pdbx_B_iso_mean_ligand           40.79 
_refine_hist.pdbx_B_iso_mean_solvent          42.86 
_refine_hist.pdbx_number_atoms_protein        701 
_refine_hist.pdbx_number_atoms_nucleic_acid   0 
_refine_hist.pdbx_number_atoms_ligand         4 
_refine_hist.pdbx_number_atoms_lipid          ? 
_refine_hist.pdbx_number_atoms_carb           ? 
_refine_hist.pdbx_pseudo_atom_details         ? 
# 
loop_
_refine_ls_shell.pdbx_refine_id 
_refine_ls_shell.d_res_high 
_refine_ls_shell.d_res_low 
_refine_ls_shell.number_reflns_all 
_refine_ls_shell.number_reflns_obs 
_refine_ls_shell.number_reflns_R_free 
_refine_ls_shell.number_reflns_R_work 
_refine_ls_shell.percent_reflns_obs 
_refine_ls_shell.percent_reflns_R_free 
_refine_ls_shell.R_factor_all 
_refine_ls_shell.R_factor_obs 
_refine_ls_shell.R_factor_R_free 
_refine_ls_shell.R_factor_R_free_error 
_refine_ls_shell.R_factor_R_work 
_refine_ls_shell.redundancy_reflns_all 
_refine_ls_shell.redundancy_reflns_obs 
_refine_ls_shell.wR_factor_all 
_refine_ls_shell.wR_factor_obs 
_refine_ls_shell.wR_factor_R_free 
_refine_ls_shell.wR_factor_R_work 
_refine_ls_shell.pdbx_R_complete 
_refine_ls_shell.pdbx_total_number_of_bins_used 
_refine_ls_shell.pdbx_phase_error 
_refine_ls_shell.pdbx_fsc_work 
_refine_ls_shell.pdbx_fsc_free 
'X-RAY DIFFRACTION' 1.8401 1.9554 . . 138 2696 99.0000  . . . 0.4424 0.0000 0.3831 . . . . . . . . . . . 
'X-RAY DIFFRACTION' 1.9554 2.1064 . . 129 2731 99.0000  . . . 0.3311 0.0000 0.2895 . . . . . . . . . . . 
'X-RAY DIFFRACTION' 2.1064 2.3183 . . 121 2751 100.0000 . . . 0.2562 0.0000 0.2479 . . . . . . . . . . . 
'X-RAY DIFFRACTION' 2.3183 2.6536 . . 134 2756 100.0000 . . . 0.2285 0.0000 0.1832 . . . . . . . . . . . 
'X-RAY DIFFRACTION' 2.6536 3.3428 . . 155 2747 100.0000 . . . 0.2095 0.0000 0.1695 . . . . . . . . . . . 
'X-RAY DIFFRACTION' 3.3428 33.99  . . 152 2726 100.0000 . . . 0.1587 0.0000 0.1502 . . . . . . . . . . . 
# 
_struct.entry_id                     6XAW 
_struct.title                        'Crystal Structure Analysis of SIN3-UME6' 
_struct.pdbx_model_details           ? 
_struct.pdbx_formula_weight          ? 
_struct.pdbx_formula_weight_method   ? 
_struct.pdbx_model_type_details      ? 
_struct.pdbx_CASP_flag               N 
# 
_struct_keywords.entry_id        6XAW 
_struct_keywords.text            'RPD3 histone deacetylase complexes, pigenetic repression, TRANSCRIPTION' 
_struct_keywords.pdbx_keywords   TRANSCRIPTION 
# 
loop_
_struct_asym.id 
_struct_asym.pdbx_blank_PDB_chainid_flag 
_struct_asym.pdbx_modified 
_struct_asym.entity_id 
_struct_asym.details 
A N N 1 ? 
B N N 2 ? 
C N N 3 ? 
D N N 3 ? 
E N N 3 ? 
F N N 3 ? 
G N N 4 ? 
H N N 4 ? 
# 
loop_
_struct_ref.id 
_struct_ref.db_name 
_struct_ref.db_code 
_struct_ref.pdbx_db_accession 
_struct_ref.pdbx_db_isoform 
_struct_ref.entity_id 
_struct_ref.pdbx_seq_one_letter_code 
_struct_ref.pdbx_align_begin 
1 UNP SIN3_YEAST P22579 ? 1 KNVDVEFSQAISYVNKIKTRFADQPDIYKHFLEILQTYQREQKPINEVYAQVTHLFQNAPDLLEDFKKFLPD 402 
2 UNP UME6_YEAST P39001 ? 2 RSRLLLGPNSASSSTKLDDDLGTAAAVLSNMRSSPYRTHDKPIS                             500 
# 
loop_
_struct_ref_seq.align_id 
_struct_ref_seq.ref_id 
_struct_ref_seq.pdbx_PDB_id_code 
_struct_ref_seq.pdbx_strand_id 
_struct_ref_seq.seq_align_beg 
_struct_ref_seq.pdbx_seq_align_beg_ins_code 
_struct_ref_seq.seq_align_end 
_struct_ref_seq.pdbx_seq_align_end_ins_code 
_struct_ref_seq.pdbx_db_accession 
_struct_ref_seq.db_align_beg 
_struct_ref_seq.pdbx_db_align_beg_ins_code 
_struct_ref_seq.db_align_end 
_struct_ref_seq.pdbx_db_align_end_ins_code 
_struct_ref_seq.pdbx_auth_seq_align_beg 
_struct_ref_seq.pdbx_auth_seq_align_end 
1 1 6XAW A 5 ? 76 ? P22579 402 ? 473 ? 402 473 
2 2 6XAW B 3 ? 46 ? P39001 500 ? 543 ? 500 543 
# 
loop_
_struct_ref_seq_dif.align_id 
_struct_ref_seq_dif.pdbx_pdb_id_code 
_struct_ref_seq_dif.mon_id 
_struct_ref_seq_dif.pdbx_pdb_strand_id 
_struct_ref_seq_dif.seq_num 
_struct_ref_seq_dif.pdbx_pdb_ins_code 
_struct_ref_seq_dif.pdbx_seq_db_name 
_struct_ref_seq_dif.pdbx_seq_db_accession_code 
_struct_ref_seq_dif.db_mon_id 
_struct_ref_seq_dif.pdbx_seq_db_seq_num 
_struct_ref_seq_dif.details 
_struct_ref_seq_dif.pdbx_auth_seq_num 
_struct_ref_seq_dif.pdbx_ordinal 
1 6XAW GLY A 1 ? UNP P22579 ? ? 'expression tag' 398 1 
1 6XAW PRO A 2 ? UNP P22579 ? ? 'expression tag' 399 2 
1 6XAW HIS A 3 ? UNP P22579 ? ? 'expression tag' 400 3 
1 6XAW MET A 4 ? UNP P22579 ? ? 'expression tag' 401 4 
2 6XAW GLY B 1 ? UNP P39001 ? ? 'expression tag' 498 5 
2 6XAW PRO B 2 ? UNP P39001 ? ? 'expression tag' 499 6 
# 
_pdbx_struct_assembly.id                   1 
_pdbx_struct_assembly.details              author_and_software_defined_assembly 
_pdbx_struct_assembly.method_details       PISA 
_pdbx_struct_assembly.oligomeric_details   dimeric 
_pdbx_struct_assembly.oligomeric_count     2 
# 
loop_
_pdbx_struct_assembly_prop.biol_id 
_pdbx_struct_assembly_prop.type 
_pdbx_struct_assembly_prop.value 
_pdbx_struct_assembly_prop.details 
1 'ABSA (A^2)' 2070 ? 
1 MORE         -15  ? 
1 'SSA (A^2)'  5290 ? 
# 
_pdbx_struct_assembly_gen.assembly_id       1 
_pdbx_struct_assembly_gen.oper_expression   1 
_pdbx_struct_assembly_gen.asym_id_list      A,B,C,D,E,F,G,H 
# 
_pdbx_struct_assembly_auth_evidence.id                     1 
_pdbx_struct_assembly_auth_evidence.assembly_id            1 
_pdbx_struct_assembly_auth_evidence.experimental_support   'gel filtration' 
_pdbx_struct_assembly_auth_evidence.details                heterodimer 
# 
_pdbx_struct_oper_list.id                   1 
_pdbx_struct_oper_list.type                 'identity operation' 
_pdbx_struct_oper_list.name                 1_555 
_pdbx_struct_oper_list.symmetry_operation   x,y,z 
_pdbx_struct_oper_list.matrix[1][1]         1.0000000000 
_pdbx_struct_oper_list.matrix[1][2]         0.0000000000 
_pdbx_struct_oper_list.matrix[1][3]         0.0000000000 
_pdbx_struct_oper_list.vector[1]            0.0000000000 
_pdbx_struct_oper_list.matrix[2][1]         0.0000000000 
_pdbx_struct_oper_list.matrix[2][2]         1.0000000000 
_pdbx_struct_oper_list.matrix[2][3]         0.0000000000 
_pdbx_struct_oper_list.vector[2]            0.0000000000 
_pdbx_struct_oper_list.matrix[3][1]         0.0000000000 
_pdbx_struct_oper_list.matrix[3][2]         0.0000000000 
_pdbx_struct_oper_list.matrix[3][3]         1.0000000000 
_pdbx_struct_oper_list.vector[3]            0.0000000000 
# 
loop_
_struct_conf.conf_type_id 
_struct_conf.id 
_struct_conf.pdbx_PDB_helix_id 
_struct_conf.beg_label_comp_id 
_struct_conf.beg_label_asym_id 
_struct_conf.beg_label_seq_id 
_struct_conf.pdbx_beg_PDB_ins_code 
_struct_conf.end_label_comp_id 
_struct_conf.end_label_asym_id 
_struct_conf.end_label_seq_id 
_struct_conf.pdbx_end_PDB_ins_code 
_struct_conf.beg_auth_comp_id 
_struct_conf.beg_auth_asym_id 
_struct_conf.beg_auth_seq_id 
_struct_conf.end_auth_comp_id 
_struct_conf.end_auth_asym_id 
_struct_conf.end_auth_seq_id 
_struct_conf.pdbx_PDB_helix_class 
_struct_conf.details 
_struct_conf.pdbx_PDB_helix_length 
HELX_P HELX_P1 AA1 ASP A 8  ? PHE A 25 ? ASP A 405 PHE A 422 1 ? 18 
HELX_P HELX_P2 AA2 GLN A 28 ? GLU A 45 ? GLN A 425 GLU A 442 1 ? 18 
HELX_P HELX_P3 AA3 PRO A 48 ? PHE A 60 ? PRO A 445 PHE A 457 1 ? 13 
HELX_P HELX_P4 AA4 ALA A 63 ? LYS A 72 ? ALA A 460 LYS A 469 1 ? 10 
HELX_P HELX_P5 AA5 ASP B 20 ? ASN B 32 ? ASP B 517 ASN B 529 1 ? 13 
# 
_struct_conf_type.id          HELX_P 
_struct_conf_type.criteria    ? 
_struct_conf_type.reference   ? 
# 
loop_
_struct_site.id 
_struct_site.pdbx_evidence_code 
_struct_site.pdbx_auth_asym_id 
_struct_site.pdbx_auth_comp_id 
_struct_site.pdbx_auth_seq_id 
_struct_site.pdbx_auth_ins_code 
_struct_site.pdbx_num_residues 
_struct_site.details 
AC1 Software A BR 501 ? 3 'binding site for residue BR A 501' 
AC2 Software A BR 502 ? 4 'binding site for residue BR A 502' 
AC3 Software A BR 503 ? 2 'binding site for residue BR A 503' 
AC4 Software A BR 504 ? 4 'binding site for residue BR A 504' 
# 
loop_
_struct_site_gen.id 
_struct_site_gen.site_id 
_struct_site_gen.pdbx_num_res 
_struct_site_gen.label_comp_id 
_struct_site_gen.label_asym_id 
_struct_site_gen.label_seq_id 
_struct_site_gen.pdbx_auth_ins_code 
_struct_site_gen.auth_comp_id 
_struct_site_gen.auth_asym_id 
_struct_site_gen.auth_seq_id 
_struct_site_gen.label_atom_id 
_struct_site_gen.label_alt_id 
_struct_site_gen.symmetry 
_struct_site_gen.details 
1  AC1 3 GLN A 28 ? GLN A 425 . ? 1_555 ? 
2  AC1 3 ASN A 50 ? ASN A 447 . ? 3_654 ? 
3  AC1 3 ASN A 62 ? ASN A 459 . ? 1_555 ? 
4  AC2 4 LYS A 22 ? LYS A 419 . ? 1_555 ? 
5  AC2 4 TYR A 32 ? TYR A 429 . ? 1_555 ? 
6  AC2 4 LEU B 19 ? LEU B 516 . ? 1_555 ? 
7  AC2 4 HOH H .  ? HOH B 608 . ? 1_555 ? 
8  AC3 2 HOH G .  ? HOH A 635 . ? 1_555 ? 
9  AC3 2 HOH G .  ? HOH A 649 . ? 1_555 ? 
10 AC4 4 GLN A 28 ? GLN A 425 . ? 1_555 ? 
11 AC4 4 PRO A 29 ? PRO A 426 . ? 1_555 ? 
12 AC4 4 ASP A 30 ? ASP A 427 . ? 1_555 ? 
13 AC4 4 HOH G .  ? HOH A 663 . ? 1_555 ? 
# 
loop_
_pdbx_validate_close_contact.id 
_pdbx_validate_close_contact.PDB_model_num 
_pdbx_validate_close_contact.auth_atom_id_1 
_pdbx_validate_close_contact.auth_asym_id_1 
_pdbx_validate_close_contact.auth_comp_id_1 
_pdbx_validate_close_contact.auth_seq_id_1 
_pdbx_validate_close_contact.PDB_ins_code_1 
_pdbx_validate_close_contact.label_alt_id_1 
_pdbx_validate_close_contact.auth_atom_id_2 
_pdbx_validate_close_contact.auth_asym_id_2 
_pdbx_validate_close_contact.auth_comp_id_2 
_pdbx_validate_close_contact.auth_seq_id_2 
_pdbx_validate_close_contact.PDB_ins_code_2 
_pdbx_validate_close_contact.label_alt_id_2 
_pdbx_validate_close_contact.dist 
1 1 OE1 A GLU 434 ? ? O A HOH 601 ? ? 1.81 
2 1 NE2 A GLN 458 ? ? O A HOH 602 ? ? 1.96 
3 1 OD1 A ASP 405 ? ? O A HOH 603 ? ? 1.98 
4 1 O   A HOH 602 ? ? O A HOH 645 ? ? 2.11 
5 1 BR  A BR  504 ? L O A HOH 663 ? ? 2.15 
# 
loop_
_pdbx_struct_special_symmetry.id 
_pdbx_struct_special_symmetry.PDB_model_num 
_pdbx_struct_special_symmetry.auth_asym_id 
_pdbx_struct_special_symmetry.auth_comp_id 
_pdbx_struct_special_symmetry.auth_seq_id 
_pdbx_struct_special_symmetry.PDB_ins_code 
_pdbx_struct_special_symmetry.label_asym_id 
_pdbx_struct_special_symmetry.label_comp_id 
_pdbx_struct_special_symmetry.label_seq_id 
1 1 A HOH 604 ? G HOH . 
2 1 A HOH 606 ? G HOH . 
3 1 A HOH 614 ? G HOH . 
4 1 A HOH 676 ? G HOH . 
5 1 A HOH 679 ? G HOH . 
# 
loop_
_pdbx_refine_tls.id 
_pdbx_refine_tls.pdbx_refine_id 
_pdbx_refine_tls.details 
_pdbx_refine_tls.method 
_pdbx_refine_tls.origin_x 
_pdbx_refine_tls.origin_y 
_pdbx_refine_tls.origin_z 
_pdbx_refine_tls.T[1][1] 
_pdbx_refine_tls.T[1][1]_esd 
_pdbx_refine_tls.T[1][2] 
_pdbx_refine_tls.T[1][2]_esd 
_pdbx_refine_tls.T[1][3] 
_pdbx_refine_tls.T[1][3]_esd 
_pdbx_refine_tls.T[2][2] 
_pdbx_refine_tls.T[2][2]_esd 
_pdbx_refine_tls.T[2][3] 
_pdbx_refine_tls.T[2][3]_esd 
_pdbx_refine_tls.T[3][3] 
_pdbx_refine_tls.T[3][3]_esd 
_pdbx_refine_tls.L[1][1] 
_pdbx_refine_tls.L[1][1]_esd 
_pdbx_refine_tls.L[1][2] 
_pdbx_refine_tls.L[1][2]_esd 
_pdbx_refine_tls.L[1][3] 
_pdbx_refine_tls.L[1][3]_esd 
_pdbx_refine_tls.L[2][2] 
_pdbx_refine_tls.L[2][2]_esd 
_pdbx_refine_tls.L[2][3] 
_pdbx_refine_tls.L[2][3]_esd 
_pdbx_refine_tls.L[3][3] 
_pdbx_refine_tls.L[3][3]_esd 
_pdbx_refine_tls.S[1][1] 
_pdbx_refine_tls.S[1][1]_esd 
_pdbx_refine_tls.S[1][2] 
_pdbx_refine_tls.S[1][2]_esd 
_pdbx_refine_tls.S[1][3] 
_pdbx_refine_tls.S[1][3]_esd 
_pdbx_refine_tls.S[2][1] 
_pdbx_refine_tls.S[2][1]_esd 
_pdbx_refine_tls.S[2][2] 
_pdbx_refine_tls.S[2][2]_esd 
_pdbx_refine_tls.S[2][3] 
_pdbx_refine_tls.S[2][3]_esd 
_pdbx_refine_tls.S[3][1] 
_pdbx_refine_tls.S[3][1]_esd 
_pdbx_refine_tls.S[3][2] 
_pdbx_refine_tls.S[3][2]_esd 
_pdbx_refine_tls.S[3][3] 
_pdbx_refine_tls.S[3][3]_esd 
1 'X-RAY DIFFRACTION' ? refined 1.9163  4.5454  11.7388 0.2450 ? 0.0406  ? 0.0134 ? 0.2276 ? -0.0234 ? 0.3021 ? 1.8286  ? -2.6571 ? 1.6194  ? 6.7532 ? 2.1897  ? 8.6636 ? -0.2677 ? -0.1875 ? 0.5584  ? 0.1612  ? 0.2077  ? -0.7173 ? -0.2535 ? 0.4972  ? 0.1493  ? 
2 'X-RAY DIFFRACTION' ? refined -9.7758 0.0635  1.1771  0.2166 ? 0.0293  ? 0.0260 ? 0.1835 ? -0.0013 ? 0.2474 ? 7.1152  ? 1.6460  ? 4.1324  ? 2.0944 ? 1.0924  ? 5.8846 ? -0.0071 ? -0.2295 ? -0.0138 ? 0.0017  ? -0.0524 ? 0.2413  ? 0.0329  ? -0.3993 ? 0.0591  ? 
3 'X-RAY DIFFRACTION' ? refined 0.3051  -6.9153 -2.5553 0.2868 ? 0.0563  ? 0.0292 ? 0.1952 ? 0.0249  ? 0.2282 ? 14.6583 ? -2.4829 ? -0.4829 ? 1.8134 ? -1.2649 ? 1.4586 ? -0.1114 ? 0.1730  ? -0.6824 ? -0.1831 ? -0.0958 ? 0.0657  ? 0.3304  ? 0.1211  ? 0.2352  ? 
4 'X-RAY DIFFRACTION' ? refined 5.9591  -0.3250 -8.2502 0.2413 ? -0.0046 ? 0.0458 ? 0.2438 ? -0.0124 ? 0.1954 ? 9.5297  ? 0.1358  ? 0.4383  ? 2.2305 ? -0.4073 ? 2.5432 ? -0.4320 ? 0.0060  ? -0.2091 ? -0.2815 ? 0.2415  ? -0.1376 ? -0.0150 ? 0.1048  ? 0.2591  ? 
5 'X-RAY DIFFRACTION' ? refined -0.8938 7.7581  -3.3771 0.2705 ? -0.0138 ? 0.0415 ? 0.2384 ? 0.0438  ? 0.2526 ? 7.7714  ? -2.9097 ? 2.7984  ? 2.1639 ? 0.2911  ? 5.8203 ? 0.1066  ? 0.1318  ? 0.6880  ? -0.2015 ? -0.0649 ? -0.0269 ? -0.3444 ? 0.1585  ? -0.0104 ? 
6 'X-RAY DIFFRACTION' ? refined 2.5138  -3.0069 6.5693  0.2526 ? 0.0486  ? 0.0049 ? 0.2665 ? -0.0023 ? 0.2167 ? 7.0134  ? 0.5536  ? -4.8316 ? 6.4446 ? -5.6443 ? 9.4171 ? 0.3157  ? -0.0146 ? 0.0196  ? 0.3551  ? 0.0231  ? 0.1695  ? 0.1929  ? 0.1917  ? -0.2533 ? 
# 
loop_
_pdbx_refine_tls_group.id 
_pdbx_refine_tls_group.pdbx_refine_id 
_pdbx_refine_tls_group.refine_tls_id 
_pdbx_refine_tls_group.beg_label_asym_id 
_pdbx_refine_tls_group.beg_label_seq_id 
_pdbx_refine_tls_group.beg_auth_asym_id 
_pdbx_refine_tls_group.beg_auth_seq_id 
_pdbx_refine_tls_group.beg_PDB_ins_code 
_pdbx_refine_tls_group.end_label_asym_id 
_pdbx_refine_tls_group.end_label_seq_id 
_pdbx_refine_tls_group.end_auth_asym_id 
_pdbx_refine_tls_group.end_auth_seq_id 
_pdbx_refine_tls_group.end_PDB_ins_code 
_pdbx_refine_tls_group.selection 
_pdbx_refine_tls_group.selection_details 
1 'X-RAY DIFFRACTION' 1 ? ? A 405 ? ? ? A 412 ? ? 
;chain 'A' and (resid 405 through 412 )
;
2 'X-RAY DIFFRACTION' 2 ? ? A 413 ? ? ? A 425 ? ? 
;chain 'A' and (resid 413 through 425 )
;
3 'X-RAY DIFFRACTION' 3 ? ? A 426 ? ? ? A 441 ? ? 
;chain 'A' and (resid 426 through 441 )
;
4 'X-RAY DIFFRACTION' 4 ? ? A 442 ? ? ? A 456 ? ? 
;chain 'A' and (resid 442 through 456 )
;
5 'X-RAY DIFFRACTION' 5 ? ? A 457 ? ? ? A 473 ? ? 
;chain 'A' and (resid 457 through 473 )
;
6 'X-RAY DIFFRACTION' 6 ? ? B 516 ? ? ? B 531 ? ? 
;chain 'B' and (resid 516 through 531 )
;
# 
_phasing.method   SAD 
# 
_pdbx_entry_details.entry_id                 6XAW 
_pdbx_entry_details.has_ligand_of_interest   N 
_pdbx_entry_details.compound_details         ? 
_pdbx_entry_details.source_details           ? 
_pdbx_entry_details.nonpolymer_details       ? 
_pdbx_entry_details.sequence_details         ? 
# 
_pdbx_distant_solvent_atoms.id                                1 
_pdbx_distant_solvent_atoms.PDB_model_num                     1 
_pdbx_distant_solvent_atoms.auth_atom_id                      O 
_pdbx_distant_solvent_atoms.label_alt_id                      ? 
_pdbx_distant_solvent_atoms.auth_asym_id                      A 
_pdbx_distant_solvent_atoms.auth_comp_id                      HOH 
_pdbx_distant_solvent_atoms.auth_seq_id                       681 
_pdbx_distant_solvent_atoms.PDB_ins_code                      ? 
_pdbx_distant_solvent_atoms.neighbor_macromolecule_distance   6.18 
_pdbx_distant_solvent_atoms.neighbor_ligand_distance          . 
# 
loop_
_pdbx_unobs_or_zero_occ_residues.id 
_pdbx_unobs_or_zero_occ_residues.PDB_model_num 
_pdbx_unobs_or_zero_occ_residues.polymer_flag 
_pdbx_unobs_or_zero_occ_residues.occupancy_flag 
_pdbx_unobs_or_zero_occ_residues.auth_asym_id 
_pdbx_unobs_or_zero_occ_residues.auth_comp_id 
_pdbx_unobs_or_zero_occ_residues.auth_seq_id 
_pdbx_unobs_or_zero_occ_residues.PDB_ins_code 
_pdbx_unobs_or_zero_occ_residues.label_asym_id 
_pdbx_unobs_or_zero_occ_residues.label_comp_id 
_pdbx_unobs_or_zero_occ_residues.label_seq_id 
1  1 Y 1 A GLY 398 ? A GLY 1  
2  1 Y 1 A PRO 399 ? A PRO 2  
3  1 Y 1 A HIS 400 ? A HIS 3  
4  1 Y 1 A MET 401 ? A MET 4  
5  1 Y 1 A LYS 402 ? A LYS 5  
6  1 Y 1 A ASN 403 ? A ASN 6  
7  1 Y 1 A VAL 404 ? A VAL 7  
8  1 Y 1 B GLY 498 ? B GLY 1  
9  1 Y 1 B PRO 499 ? B PRO 2  
10 1 Y 1 B ARG 500 ? B ARG 3  
11 1 Y 1 B SER 501 ? B SER 4  
12 1 Y 1 B ARG 502 ? B ARG 5  
13 1 Y 1 B LEU 503 ? B LEU 6  
14 1 Y 1 B LEU 504 ? B LEU 7  
15 1 Y 1 B LEU 505 ? B LEU 8  
16 1 Y 1 B GLY 506 ? B GLY 9  
17 1 Y 1 B PRO 507 ? B PRO 10 
18 1 Y 1 B ASN 508 ? B ASN 11 
19 1 Y 1 B SER 509 ? B SER 12 
20 1 Y 1 B ALA 510 ? B ALA 13 
21 1 Y 1 B SER 511 ? B SER 14 
22 1 Y 1 B SER 512 ? B SER 15 
23 1 Y 1 B SER 513 ? B SER 16 
24 1 Y 1 B THR 514 ? B THR 17 
25 1 Y 1 B LYS 515 ? B LYS 18 
26 1 Y 1 B SER 532 ? B SER 35 
27 1 Y 1 B SER 533 ? B SER 36 
28 1 Y 1 B PRO 534 ? B PRO 37 
29 1 Y 1 B TYR 535 ? B TYR 38 
30 1 Y 1 B ARG 536 ? B ARG 39 
31 1 Y 1 B THR 537 ? B THR 40 
32 1 Y 1 B HIS 538 ? B HIS 41 
33 1 Y 1 B ASP 539 ? B ASP 42 
34 1 Y 1 B LYS 540 ? B LYS 43 
35 1 Y 1 B PRO 541 ? B PRO 44 
36 1 Y 1 B ILE 542 ? B ILE 45 
37 1 Y 1 B SER 543 ? B SER 46 
# 
loop_
_chem_comp_atom.comp_id 
_chem_comp_atom.atom_id 
_chem_comp_atom.type_symbol 
_chem_comp_atom.pdbx_aromatic_flag 
_chem_comp_atom.pdbx_stereo_config 
_chem_comp_atom.pdbx_ordinal 
ALA N    N  N N 1   
ALA CA   C  N S 2   
ALA C    C  N N 3   
ALA O    O  N N 4   
ALA CB   C  N N 5   
ALA OXT  O  N N 6   
ALA H    H  N N 7   
ALA H2   H  N N 8   
ALA HA   H  N N 9   
ALA HB1  H  N N 10  
ALA HB2  H  N N 11  
ALA HB3  H  N N 12  
ALA HXT  H  N N 13  
ARG N    N  N N 14  
ARG CA   C  N S 15  
ARG C    C  N N 16  
ARG O    O  N N 17  
ARG CB   C  N N 18  
ARG CG   C  N N 19  
ARG CD   C  N N 20  
ARG NE   N  N N 21  
ARG CZ   C  N N 22  
ARG NH1  N  N N 23  
ARG NH2  N  N N 24  
ARG OXT  O  N N 25  
ARG H    H  N N 26  
ARG H2   H  N N 27  
ARG HA   H  N N 28  
ARG HB2  H  N N 29  
ARG HB3  H  N N 30  
ARG HG2  H  N N 31  
ARG HG3  H  N N 32  
ARG HD2  H  N N 33  
ARG HD3  H  N N 34  
ARG HE   H  N N 35  
ARG HH11 H  N N 36  
ARG HH12 H  N N 37  
ARG HH21 H  N N 38  
ARG HH22 H  N N 39  
ARG HXT  H  N N 40  
ASN N    N  N N 41  
ASN CA   C  N S 42  
ASN C    C  N N 43  
ASN O    O  N N 44  
ASN CB   C  N N 45  
ASN CG   C  N N 46  
ASN OD1  O  N N 47  
ASN ND2  N  N N 48  
ASN OXT  O  N N 49  
ASN H    H  N N 50  
ASN H2   H  N N 51  
ASN HA   H  N N 52  
ASN HB2  H  N N 53  
ASN HB3  H  N N 54  
ASN HD21 H  N N 55  
ASN HD22 H  N N 56  
ASN HXT  H  N N 57  
ASP N    N  N N 58  
ASP CA   C  N S 59  
ASP C    C  N N 60  
ASP O    O  N N 61  
ASP CB   C  N N 62  
ASP CG   C  N N 63  
ASP OD1  O  N N 64  
ASP OD2  O  N N 65  
ASP OXT  O  N N 66  
ASP H    H  N N 67  
ASP H2   H  N N 68  
ASP HA   H  N N 69  
ASP HB2  H  N N 70  
ASP HB3  H  N N 71  
ASP HD2  H  N N 72  
ASP HXT  H  N N 73  
BR  BR   BR N N 74  
GLN N    N  N N 75  
GLN CA   C  N S 76  
GLN C    C  N N 77  
GLN O    O  N N 78  
GLN CB   C  N N 79  
GLN CG   C  N N 80  
GLN CD   C  N N 81  
GLN OE1  O  N N 82  
GLN NE2  N  N N 83  
GLN OXT  O  N N 84  
GLN H    H  N N 85  
GLN H2   H  N N 86  
GLN HA   H  N N 87  
GLN HB2  H  N N 88  
GLN HB3  H  N N 89  
GLN HG2  H  N N 90  
GLN HG3  H  N N 91  
GLN HE21 H  N N 92  
GLN HE22 H  N N 93  
GLN HXT  H  N N 94  
GLU N    N  N N 95  
GLU CA   C  N S 96  
GLU C    C  N N 97  
GLU O    O  N N 98  
GLU CB   C  N N 99  
GLU CG   C  N N 100 
GLU CD   C  N N 101 
GLU OE1  O  N N 102 
GLU OE2  O  N N 103 
GLU OXT  O  N N 104 
GLU H    H  N N 105 
GLU H2   H  N N 106 
GLU HA   H  N N 107 
GLU HB2  H  N N 108 
GLU HB3  H  N N 109 
GLU HG2  H  N N 110 
GLU HG3  H  N N 111 
GLU HE2  H  N N 112 
GLU HXT  H  N N 113 
GLY N    N  N N 114 
GLY CA   C  N N 115 
GLY C    C  N N 116 
GLY O    O  N N 117 
GLY OXT  O  N N 118 
GLY H    H  N N 119 
GLY H2   H  N N 120 
GLY HA2  H  N N 121 
GLY HA3  H  N N 122 
GLY HXT  H  N N 123 
HIS N    N  N N 124 
HIS CA   C  N S 125 
HIS C    C  N N 126 
HIS O    O  N N 127 
HIS CB   C  N N 128 
HIS CG   C  Y N 129 
HIS ND1  N  Y N 130 
HIS CD2  C  Y N 131 
HIS CE1  C  Y N 132 
HIS NE2  N  Y N 133 
HIS OXT  O  N N 134 
HIS H    H  N N 135 
HIS H2   H  N N 136 
HIS HA   H  N N 137 
HIS HB2  H  N N 138 
HIS HB3  H  N N 139 
HIS HD1  H  N N 140 
HIS HD2  H  N N 141 
HIS HE1  H  N N 142 
HIS HE2  H  N N 143 
HIS HXT  H  N N 144 
HOH O    O  N N 145 
HOH H1   H  N N 146 
HOH H2   H  N N 147 
ILE N    N  N N 148 
ILE CA   C  N S 149 
ILE C    C  N N 150 
ILE O    O  N N 151 
ILE CB   C  N S 152 
ILE CG1  C  N N 153 
ILE CG2  C  N N 154 
ILE CD1  C  N N 155 
ILE OXT  O  N N 156 
ILE H    H  N N 157 
ILE H2   H  N N 158 
ILE HA   H  N N 159 
ILE HB   H  N N 160 
ILE HG12 H  N N 161 
ILE HG13 H  N N 162 
ILE HG21 H  N N 163 
ILE HG22 H  N N 164 
ILE HG23 H  N N 165 
ILE HD11 H  N N 166 
ILE HD12 H  N N 167 
ILE HD13 H  N N 168 
ILE HXT  H  N N 169 
LEU N    N  N N 170 
LEU CA   C  N S 171 
LEU C    C  N N 172 
LEU O    O  N N 173 
LEU CB   C  N N 174 
LEU CG   C  N N 175 
LEU CD1  C  N N 176 
LEU CD2  C  N N 177 
LEU OXT  O  N N 178 
LEU H    H  N N 179 
LEU H2   H  N N 180 
LEU HA   H  N N 181 
LEU HB2  H  N N 182 
LEU HB3  H  N N 183 
LEU HG   H  N N 184 
LEU HD11 H  N N 185 
LEU HD12 H  N N 186 
LEU HD13 H  N N 187 
LEU HD21 H  N N 188 
LEU HD22 H  N N 189 
LEU HD23 H  N N 190 
LEU HXT  H  N N 191 
LYS N    N  N N 192 
LYS CA   C  N S 193 
LYS C    C  N N 194 
LYS O    O  N N 195 
LYS CB   C  N N 196 
LYS CG   C  N N 197 
LYS CD   C  N N 198 
LYS CE   C  N N 199 
LYS NZ   N  N N 200 
LYS OXT  O  N N 201 
LYS H    H  N N 202 
LYS H2   H  N N 203 
LYS HA   H  N N 204 
LYS HB2  H  N N 205 
LYS HB3  H  N N 206 
LYS HG2  H  N N 207 
LYS HG3  H  N N 208 
LYS HD2  H  N N 209 
LYS HD3  H  N N 210 
LYS HE2  H  N N 211 
LYS HE3  H  N N 212 
LYS HZ1  H  N N 213 
LYS HZ2  H  N N 214 
LYS HZ3  H  N N 215 
LYS HXT  H  N N 216 
MET N    N  N N 217 
MET CA   C  N S 218 
MET C    C  N N 219 
MET O    O  N N 220 
MET CB   C  N N 221 
MET CG   C  N N 222 
MET SD   S  N N 223 
MET CE   C  N N 224 
MET OXT  O  N N 225 
MET H    H  N N 226 
MET H2   H  N N 227 
MET HA   H  N N 228 
MET HB2  H  N N 229 
MET HB3  H  N N 230 
MET HG2  H  N N 231 
MET HG3  H  N N 232 
MET HE1  H  N N 233 
MET HE2  H  N N 234 
MET HE3  H  N N 235 
MET HXT  H  N N 236 
PHE N    N  N N 237 
PHE CA   C  N S 238 
PHE C    C  N N 239 
PHE O    O  N N 240 
PHE CB   C  N N 241 
PHE CG   C  Y N 242 
PHE CD1  C  Y N 243 
PHE CD2  C  Y N 244 
PHE CE1  C  Y N 245 
PHE CE2  C  Y N 246 
PHE CZ   C  Y N 247 
PHE OXT  O  N N 248 
PHE H    H  N N 249 
PHE H2   H  N N 250 
PHE HA   H  N N 251 
PHE HB2  H  N N 252 
PHE HB3  H  N N 253 
PHE HD1  H  N N 254 
PHE HD2  H  N N 255 
PHE HE1  H  N N 256 
PHE HE2  H  N N 257 
PHE HZ   H  N N 258 
PHE HXT  H  N N 259 
PRO N    N  N N 260 
PRO CA   C  N S 261 
PRO C    C  N N 262 
PRO O    O  N N 263 
PRO CB   C  N N 264 
PRO CG   C  N N 265 
PRO CD   C  N N 266 
PRO OXT  O  N N 267 
PRO H    H  N N 268 
PRO HA   H  N N 269 
PRO HB2  H  N N 270 
PRO HB3  H  N N 271 
PRO HG2  H  N N 272 
PRO HG3  H  N N 273 
PRO HD2  H  N N 274 
PRO HD3  H  N N 275 
PRO HXT  H  N N 276 
SER N    N  N N 277 
SER CA   C  N S 278 
SER C    C  N N 279 
SER O    O  N N 280 
SER CB   C  N N 281 
SER OG   O  N N 282 
SER OXT  O  N N 283 
SER H    H  N N 284 
SER H2   H  N N 285 
SER HA   H  N N 286 
SER HB2  H  N N 287 
SER HB3  H  N N 288 
SER HG   H  N N 289 
SER HXT  H  N N 290 
THR N    N  N N 291 
THR CA   C  N S 292 
THR C    C  N N 293 
THR O    O  N N 294 
THR CB   C  N R 295 
THR OG1  O  N N 296 
THR CG2  C  N N 297 
THR OXT  O  N N 298 
THR H    H  N N 299 
THR H2   H  N N 300 
THR HA   H  N N 301 
THR HB   H  N N 302 
THR HG1  H  N N 303 
THR HG21 H  N N 304 
THR HG22 H  N N 305 
THR HG23 H  N N 306 
THR HXT  H  N N 307 
TYR N    N  N N 308 
TYR CA   C  N S 309 
TYR C    C  N N 310 
TYR O    O  N N 311 
TYR CB   C  N N 312 
TYR CG   C  Y N 313 
TYR CD1  C  Y N 314 
TYR CD2  C  Y N 315 
TYR CE1  C  Y N 316 
TYR CE2  C  Y N 317 
TYR CZ   C  Y N 318 
TYR OH   O  N N 319 
TYR OXT  O  N N 320 
TYR H    H  N N 321 
TYR H2   H  N N 322 
TYR HA   H  N N 323 
TYR HB2  H  N N 324 
TYR HB3  H  N N 325 
TYR HD1  H  N N 326 
TYR HD2  H  N N 327 
TYR HE1  H  N N 328 
TYR HE2  H  N N 329 
TYR HH   H  N N 330 
TYR HXT  H  N N 331 
VAL N    N  N N 332 
VAL CA   C  N S 333 
VAL C    C  N N 334 
VAL O    O  N N 335 
VAL CB   C  N N 336 
VAL CG1  C  N N 337 
VAL CG2  C  N N 338 
VAL OXT  O  N N 339 
VAL H    H  N N 340 
VAL H2   H  N N 341 
VAL HA   H  N N 342 
VAL HB   H  N N 343 
VAL HG11 H  N N 344 
VAL HG12 H  N N 345 
VAL HG13 H  N N 346 
VAL HG21 H  N N 347 
VAL HG22 H  N N 348 
VAL HG23 H  N N 349 
VAL HXT  H  N N 350 
# 
loop_
_chem_comp_bond.comp_id 
_chem_comp_bond.atom_id_1 
_chem_comp_bond.atom_id_2 
_chem_comp_bond.value_order 
_chem_comp_bond.pdbx_aromatic_flag 
_chem_comp_bond.pdbx_stereo_config 
_chem_comp_bond.pdbx_ordinal 
ALA N   CA   sing N N 1   
ALA N   H    sing N N 2   
ALA N   H2   sing N N 3   
ALA CA  C    sing N N 4   
ALA CA  CB   sing N N 5   
ALA CA  HA   sing N N 6   
ALA C   O    doub N N 7   
ALA C   OXT  sing N N 8   
ALA CB  HB1  sing N N 9   
ALA CB  HB2  sing N N 10  
ALA CB  HB3  sing N N 11  
ALA OXT HXT  sing N N 12  
ARG N   CA   sing N N 13  
ARG N   H    sing N N 14  
ARG N   H2   sing N N 15  
ARG CA  C    sing N N 16  
ARG CA  CB   sing N N 17  
ARG CA  HA   sing N N 18  
ARG C   O    doub N N 19  
ARG C   OXT  sing N N 20  
ARG CB  CG   sing N N 21  
ARG CB  HB2  sing N N 22  
ARG CB  HB3  sing N N 23  
ARG CG  CD   sing N N 24  
ARG CG  HG2  sing N N 25  
ARG CG  HG3  sing N N 26  
ARG CD  NE   sing N N 27  
ARG CD  HD2  sing N N 28  
ARG CD  HD3  sing N N 29  
ARG NE  CZ   sing N N 30  
ARG NE  HE   sing N N 31  
ARG CZ  NH1  sing N N 32  
ARG CZ  NH2  doub N N 33  
ARG NH1 HH11 sing N N 34  
ARG NH1 HH12 sing N N 35  
ARG NH2 HH21 sing N N 36  
ARG NH2 HH22 sing N N 37  
ARG OXT HXT  sing N N 38  
ASN N   CA   sing N N 39  
ASN N   H    sing N N 40  
ASN N   H2   sing N N 41  
ASN CA  C    sing N N 42  
ASN CA  CB   sing N N 43  
ASN CA  HA   sing N N 44  
ASN C   O    doub N N 45  
ASN C   OXT  sing N N 46  
ASN CB  CG   sing N N 47  
ASN CB  HB2  sing N N 48  
ASN CB  HB3  sing N N 49  
ASN CG  OD1  doub N N 50  
ASN CG  ND2  sing N N 51  
ASN ND2 HD21 sing N N 52  
ASN ND2 HD22 sing N N 53  
ASN OXT HXT  sing N N 54  
ASP N   CA   sing N N 55  
ASP N   H    sing N N 56  
ASP N   H2   sing N N 57  
ASP CA  C    sing N N 58  
ASP CA  CB   sing N N 59  
ASP CA  HA   sing N N 60  
ASP C   O    doub N N 61  
ASP C   OXT  sing N N 62  
ASP CB  CG   sing N N 63  
ASP CB  HB2  sing N N 64  
ASP CB  HB3  sing N N 65  
ASP CG  OD1  doub N N 66  
ASP CG  OD2  sing N N 67  
ASP OD2 HD2  sing N N 68  
ASP OXT HXT  sing N N 69  
GLN N   CA   sing N N 70  
GLN N   H    sing N N 71  
GLN N   H2   sing N N 72  
GLN CA  C    sing N N 73  
GLN CA  CB   sing N N 74  
GLN CA  HA   sing N N 75  
GLN C   O    doub N N 76  
GLN C   OXT  sing N N 77  
GLN CB  CG   sing N N 78  
GLN CB  HB2  sing N N 79  
GLN CB  HB3  sing N N 80  
GLN CG  CD   sing N N 81  
GLN CG  HG2  sing N N 82  
GLN CG  HG3  sing N N 83  
GLN CD  OE1  doub N N 84  
GLN CD  NE2  sing N N 85  
GLN NE2 HE21 sing N N 86  
GLN NE2 HE22 sing N N 87  
GLN OXT HXT  sing N N 88  
GLU N   CA   sing N N 89  
GLU N   H    sing N N 90  
GLU N   H2   sing N N 91  
GLU CA  C    sing N N 92  
GLU CA  CB   sing N N 93  
GLU CA  HA   sing N N 94  
GLU C   O    doub N N 95  
GLU C   OXT  sing N N 96  
GLU CB  CG   sing N N 97  
GLU CB  HB2  sing N N 98  
GLU CB  HB3  sing N N 99  
GLU CG  CD   sing N N 100 
GLU CG  HG2  sing N N 101 
GLU CG  HG3  sing N N 102 
GLU CD  OE1  doub N N 103 
GLU CD  OE2  sing N N 104 
GLU OE2 HE2  sing N N 105 
GLU OXT HXT  sing N N 106 
GLY N   CA   sing N N 107 
GLY N   H    sing N N 108 
GLY N   H2   sing N N 109 
GLY CA  C    sing N N 110 
GLY CA  HA2  sing N N 111 
GLY CA  HA3  sing N N 112 
GLY C   O    doub N N 113 
GLY C   OXT  sing N N 114 
GLY OXT HXT  sing N N 115 
HIS N   CA   sing N N 116 
HIS N   H    sing N N 117 
HIS N   H2   sing N N 118 
HIS CA  C    sing N N 119 
HIS CA  CB   sing N N 120 
HIS CA  HA   sing N N 121 
HIS C   O    doub N N 122 
HIS C   OXT  sing N N 123 
HIS CB  CG   sing N N 124 
HIS CB  HB2  sing N N 125 
HIS CB  HB3  sing N N 126 
HIS CG  ND1  sing Y N 127 
HIS CG  CD2  doub Y N 128 
HIS ND1 CE1  doub Y N 129 
HIS ND1 HD1  sing N N 130 
HIS CD2 NE2  sing Y N 131 
HIS CD2 HD2  sing N N 132 
HIS CE1 NE2  sing Y N 133 
HIS CE1 HE1  sing N N 134 
HIS NE2 HE2  sing N N 135 
HIS OXT HXT  sing N N 136 
HOH O   H1   sing N N 137 
HOH O   H2   sing N N 138 
ILE N   CA   sing N N 139 
ILE N   H    sing N N 140 
ILE N   H2   sing N N 141 
ILE CA  C    sing N N 142 
ILE CA  CB   sing N N 143 
ILE CA  HA   sing N N 144 
ILE C   O    doub N N 145 
ILE C   OXT  sing N N 146 
ILE CB  CG1  sing N N 147 
ILE CB  CG2  sing N N 148 
ILE CB  HB   sing N N 149 
ILE CG1 CD1  sing N N 150 
ILE CG1 HG12 sing N N 151 
ILE CG1 HG13 sing N N 152 
ILE CG2 HG21 sing N N 153 
ILE CG2 HG22 sing N N 154 
ILE CG2 HG23 sing N N 155 
ILE CD1 HD11 sing N N 156 
ILE CD1 HD12 sing N N 157 
ILE CD1 HD13 sing N N 158 
ILE OXT HXT  sing N N 159 
LEU N   CA   sing N N 160 
LEU N   H    sing N N 161 
LEU N   H2   sing N N 162 
LEU CA  C    sing N N 163 
LEU CA  CB   sing N N 164 
LEU CA  HA   sing N N 165 
LEU C   O    doub N N 166 
LEU C   OXT  sing N N 167 
LEU CB  CG   sing N N 168 
LEU CB  HB2  sing N N 169 
LEU CB  HB3  sing N N 170 
LEU CG  CD1  sing N N 171 
LEU CG  CD2  sing N N 172 
LEU CG  HG   sing N N 173 
LEU CD1 HD11 sing N N 174 
LEU CD1 HD12 sing N N 175 
LEU CD1 HD13 sing N N 176 
LEU CD2 HD21 sing N N 177 
LEU CD2 HD22 sing N N 178 
LEU CD2 HD23 sing N N 179 
LEU OXT HXT  sing N N 180 
LYS N   CA   sing N N 181 
LYS N   H    sing N N 182 
LYS N   H2   sing N N 183 
LYS CA  C    sing N N 184 
LYS CA  CB   sing N N 185 
LYS CA  HA   sing N N 186 
LYS C   O    doub N N 187 
LYS C   OXT  sing N N 188 
LYS CB  CG   sing N N 189 
LYS CB  HB2  sing N N 190 
LYS CB  HB3  sing N N 191 
LYS CG  CD   sing N N 192 
LYS CG  HG2  sing N N 193 
LYS CG  HG3  sing N N 194 
LYS CD  CE   sing N N 195 
LYS CD  HD2  sing N N 196 
LYS CD  HD3  sing N N 197 
LYS CE  NZ   sing N N 198 
LYS CE  HE2  sing N N 199 
LYS CE  HE3  sing N N 200 
LYS NZ  HZ1  sing N N 201 
LYS NZ  HZ2  sing N N 202 
LYS NZ  HZ3  sing N N 203 
LYS OXT HXT  sing N N 204 
MET N   CA   sing N N 205 
MET N   H    sing N N 206 
MET N   H2   sing N N 207 
MET CA  C    sing N N 208 
MET CA  CB   sing N N 209 
MET CA  HA   sing N N 210 
MET C   O    doub N N 211 
MET C   OXT  sing N N 212 
MET CB  CG   sing N N 213 
MET CB  HB2  sing N N 214 
MET CB  HB3  sing N N 215 
MET CG  SD   sing N N 216 
MET CG  HG2  sing N N 217 
MET CG  HG3  sing N N 218 
MET SD  CE   sing N N 219 
MET CE  HE1  sing N N 220 
MET CE  HE2  sing N N 221 
MET CE  HE3  sing N N 222 
MET OXT HXT  sing N N 223 
PHE N   CA   sing N N 224 
PHE N   H    sing N N 225 
PHE N   H2   sing N N 226 
PHE CA  C    sing N N 227 
PHE CA  CB   sing N N 228 
PHE CA  HA   sing N N 229 
PHE C   O    doub N N 230 
PHE C   OXT  sing N N 231 
PHE CB  CG   sing N N 232 
PHE CB  HB2  sing N N 233 
PHE CB  HB3  sing N N 234 
PHE CG  CD1  doub Y N 235 
PHE CG  CD2  sing Y N 236 
PHE CD1 CE1  sing Y N 237 
PHE CD1 HD1  sing N N 238 
PHE CD2 CE2  doub Y N 239 
PHE CD2 HD2  sing N N 240 
PHE CE1 CZ   doub Y N 241 
PHE CE1 HE1  sing N N 242 
PHE CE2 CZ   sing Y N 243 
PHE CE2 HE2  sing N N 244 
PHE CZ  HZ   sing N N 245 
PHE OXT HXT  sing N N 246 
PRO N   CA   sing N N 247 
PRO N   CD   sing N N 248 
PRO N   H    sing N N 249 
PRO CA  C    sing N N 250 
PRO CA  CB   sing N N 251 
PRO CA  HA   sing N N 252 
PRO C   O    doub N N 253 
PRO C   OXT  sing N N 254 
PRO CB  CG   sing N N 255 
PRO CB  HB2  sing N N 256 
PRO CB  HB3  sing N N 257 
PRO CG  CD   sing N N 258 
PRO CG  HG2  sing N N 259 
PRO CG  HG3  sing N N 260 
PRO CD  HD2  sing N N 261 
PRO CD  HD3  sing N N 262 
PRO OXT HXT  sing N N 263 
SER N   CA   sing N N 264 
SER N   H    sing N N 265 
SER N   H2   sing N N 266 
SER CA  C    sing N N 267 
SER CA  CB   sing N N 268 
SER CA  HA   sing N N 269 
SER C   O    doub N N 270 
SER C   OXT  sing N N 271 
SER CB  OG   sing N N 272 
SER CB  HB2  sing N N 273 
SER CB  HB3  sing N N 274 
SER OG  HG   sing N N 275 
SER OXT HXT  sing N N 276 
THR N   CA   sing N N 277 
THR N   H    sing N N 278 
THR N   H2   sing N N 279 
THR CA  C    sing N N 280 
THR CA  CB   sing N N 281 
THR CA  HA   sing N N 282 
THR C   O    doub N N 283 
THR C   OXT  sing N N 284 
THR CB  OG1  sing N N 285 
THR CB  CG2  sing N N 286 
THR CB  HB   sing N N 287 
THR OG1 HG1  sing N N 288 
THR CG2 HG21 sing N N 289 
THR CG2 HG22 sing N N 290 
THR CG2 HG23 sing N N 291 
THR OXT HXT  sing N N 292 
TYR N   CA   sing N N 293 
TYR N   H    sing N N 294 
TYR N   H2   sing N N 295 
TYR CA  C    sing N N 296 
TYR CA  CB   sing N N 297 
TYR CA  HA   sing N N 298 
TYR C   O    doub N N 299 
TYR C   OXT  sing N N 300 
TYR CB  CG   sing N N 301 
TYR CB  HB2  sing N N 302 
TYR CB  HB3  sing N N 303 
TYR CG  CD1  doub Y N 304 
TYR CG  CD2  sing Y N 305 
TYR CD1 CE1  sing Y N 306 
TYR CD1 HD1  sing N N 307 
TYR CD2 CE2  doub Y N 308 
TYR CD2 HD2  sing N N 309 
TYR CE1 CZ   doub Y N 310 
TYR CE1 HE1  sing N N 311 
TYR CE2 CZ   sing Y N 312 
TYR CE2 HE2  sing N N 313 
TYR CZ  OH   sing N N 314 
TYR OH  HH   sing N N 315 
TYR OXT HXT  sing N N 316 
VAL N   CA   sing N N 317 
VAL N   H    sing N N 318 
VAL N   H2   sing N N 319 
VAL CA  C    sing N N 320 
VAL CA  CB   sing N N 321 
VAL CA  HA   sing N N 322 
VAL C   O    doub N N 323 
VAL C   OXT  sing N N 324 
VAL CB  CG1  sing N N 325 
VAL CB  CG2  sing N N 326 
VAL CB  HB   sing N N 327 
VAL CG1 HG11 sing N N 328 
VAL CG1 HG12 sing N N 329 
VAL CG1 HG13 sing N N 330 
VAL CG2 HG21 sing N N 331 
VAL CG2 HG22 sing N N 332 
VAL CG2 HG23 sing N N 333 
VAL OXT HXT  sing N N 334 
# 
_pdbx_audit_support.funding_organization   'National Institutes of Health/National Cancer Institute (NIH/NCI)' 
_pdbx_audit_support.country                'United States' 
_pdbx_audit_support.grant_number           ? 
_pdbx_audit_support.ordinal                1 
# 
_atom_sites.entry_id                    6XAW 
_atom_sites.Cartn_transf_matrix[1][1]   ? 
_atom_sites.Cartn_transf_matrix[1][2]   ? 
_atom_sites.Cartn_transf_matrix[1][3]   ? 
_atom_sites.Cartn_transf_matrix[2][1]   ? 
_atom_sites.Cartn_transf_matrix[2][2]   ? 
_atom_sites.Cartn_transf_matrix[2][3]   ? 
_atom_sites.Cartn_transf_matrix[3][1]   ? 
_atom_sites.Cartn_transf_matrix[3][2]   ? 
_atom_sites.Cartn_transf_matrix[3][3]   ? 
_atom_sites.Cartn_transf_vector[1]      ? 
_atom_sites.Cartn_transf_vector[2]      ? 
_atom_sites.Cartn_transf_vector[3]      ? 
_atom_sites.fract_transf_matrix[1][1]   -0.00802365 
_atom_sites.fract_transf_matrix[1][2]   0.01104646 
_atom_sites.fract_transf_matrix[1][3]   -0.01113037 
_atom_sites.fract_transf_matrix[2][1]   0.01237491 
_atom_sites.fract_transf_matrix[2][2]   0.01213960 
_atom_sites.fract_transf_matrix[2][3]   0.00312726 
_atom_sites.fract_transf_matrix[3][1]   0.00855676 
_atom_sites.fract_transf_matrix[3][2]   -0.00568112 
_atom_sites.fract_transf_matrix[3][3]   -0.01180669 
_atom_sites.fract_transf_vector[1]      0.210788 
_atom_sites.fract_transf_vector[2]      0.436140 
_atom_sites.fract_transf_vector[3]      0.451279 
_atom_sites.solution_primary            ? 
_atom_sites.solution_secondary          ? 
_atom_sites.solution_hydrogens          ? 
_atom_sites.special_details             ? 
# 
loop_
_atom_type.symbol 
BR 
C  
N  
O  
S  
# 
loop_
_atom_site.group_PDB 
_atom_site.id 
_atom_site.type_symbol 
_atom_site.label_atom_id 
_atom_site.label_alt_id 
_atom_site.label_comp_id 
_atom_site.label_asym_id 
_atom_site.label_entity_id 
_atom_site.label_seq_id 
_atom_site.pdbx_PDB_ins_code 
_atom_site.Cartn_x 
_atom_site.Cartn_y 
_atom_site.Cartn_z 
_atom_site.occupancy 
_atom_site.B_iso_or_equiv 
_atom_site.pdbx_formal_charge 
_atom_site.auth_seq_id 
_atom_site.auth_comp_id 
_atom_site.auth_asym_id 
_atom_site.auth_atom_id 
_atom_site.pdbx_PDB_model_num 
ATOM   1   N  N   . ASP A 1 8  ? 6.365   4.592   14.172  1.00 43.51 ? 405 ASP A N   1 
ATOM   2   C  CA  . ASP A 1 8  ? 5.402   4.582   15.281  1.00 50.42 ? 405 ASP A CA  1 
ATOM   3   C  C   . ASP A 1 8  ? 4.132   5.376   14.953  1.00 45.27 ? 405 ASP A C   1 
ATOM   4   O  O   . ASP A 1 8  ? 3.070   4.777   14.754  1.00 40.72 ? 405 ASP A O   1 
ATOM   5   C  CB  . ASP A 1 8  ? 6.030   5.127   16.553  1.00 57.81 ? 405 ASP A CB  1 
ATOM   6   C  CG  . ASP A 1 8  ? 5.136   4.944   17.756  1.00 65.28 ? 405 ASP A CG  1 
ATOM   7   O  OD1 . ASP A 1 8  ? 5.218   5.764   18.694  1.00 71.79 ? 405 ASP A OD1 1 
ATOM   8   O  OD2 . ASP A 1 8  ? 4.344   3.978   17.755  1.00 67.23 ? 405 ASP A OD2 1 
ATOM   9   N  N   . VAL A 1 9  ? 4.219   6.712   14.925  1.00 39.43 ? 406 VAL A N   1 
ATOM   10  C  CA  . VAL A 1 9  ? 3.167   7.484   14.269  1.00 25.96 ? 406 VAL A CA  1 
ATOM   11  C  C   . VAL A 1 9  ? 3.069   7.059   12.804  1.00 25.86 ? 406 VAL A C   1 
ATOM   12  O  O   . VAL A 1 9  ? 1.979   6.811   12.280  1.00 22.74 ? 406 VAL A O   1 
ATOM   13  C  CB  . VAL A 1 9  ? 3.416   8.998   14.400  1.00 31.98 ? 406 VAL A CB  1 
ATOM   14  C  CG1 . VAL A 1 9  ? 2.618   9.752   13.352  1.00 30.41 ? 406 VAL A CG1 1 
ATOM   15  C  CG2 . VAL A 1 9  ? 3.026   9.509   15.795  1.00 29.40 ? 406 VAL A CG2 1 
ATOM   16  N  N   . GLU A 1 10 ? 4.221   6.932   12.136  1.00 26.19 ? 407 GLU A N   1 
ATOM   17  C  CA  . GLU A 1 10 ? 4.214   6.527   10.731  1.00 25.48 ? 407 GLU A CA  1 
ATOM   18  C  C   . GLU A 1 10 ? 3.613   5.134   10.553  1.00 22.94 ? 407 GLU A C   1 
ATOM   19  O  O   . GLU A 1 10 ? 2.880   4.879   9.590   1.00 21.56 ? 407 GLU A O   1 
ATOM   20  C  CB  . GLU A 1 10 ? 5.637   6.571   10.163  1.00 29.34 ? 407 GLU A CB  1 
ATOM   21  C  CG  . GLU A 1 10 ? 6.240   7.966   10.086  1.00 44.37 ? 407 GLU A CG  1 
ATOM   22  C  CD  . GLU A 1 10 ? 6.689   8.481   11.443  1.00 58.17 ? 407 GLU A CD  1 
ATOM   23  O  OE1 . GLU A 1 10 ? 6.845   9.712   11.584  1.00 66.89 ? 407 GLU A OE1 1 
ATOM   24  O  OE2 . GLU A 1 10 ? 6.874   7.658   12.368  1.00 61.46 ? 407 GLU A OE2 1 
ATOM   25  N  N   . PHE A 1 11 ? 3.936   4.209   11.455  1.00 23.57 ? 408 PHE A N   1 
ATOM   26  C  CA  . PHE A 1 11 ? 3.315   2.892   11.396  1.00 22.90 ? 408 PHE A CA  1 
ATOM   27  C  C   . PHE A 1 11 ? 1.804   3.003   11.538  1.00 23.02 ? 408 PHE A C   1 
ATOM   28  O  O   . PHE A 1 11 ? 1.051   2.386   10.774  1.00 18.04 ? 408 PHE A O   1 
ATOM   29  C  CB  . PHE A 1 11 ? 3.895   1.998   12.484  1.00 23.75 ? 408 PHE A CB  1 
ATOM   30  C  CG  . PHE A 1 11 ? 3.423   0.578   12.421  1.00 26.06 ? 408 PHE A CG  1 
ATOM   31  C  CD1 . PHE A 1 11 ? 3.846   -0.261  11.415  1.00 31.79 ? 408 PHE A CD1 1 
ATOM   32  C  CD2 . PHE A 1 11 ? 2.576   0.074   13.393  1.00 31.35 ? 408 PHE A CD2 1 
ATOM   33  C  CE1 . PHE A 1 11 ? 3.425   -1.579  11.365  1.00 31.62 ? 408 PHE A CE1 1 
ATOM   34  C  CE2 . PHE A 1 11 ? 2.157   -1.245  13.346  1.00 35.17 ? 408 PHE A CE2 1 
ATOM   35  C  CZ  . PHE A 1 11 ? 2.579   -2.069  12.321  1.00 27.59 ? 408 PHE A CZ  1 
ATOM   36  N  N   . SER A 1 12 ? 1.339   3.812   12.498  1.00 19.62 ? 409 SER A N   1 
ATOM   37  C  CA  . SER A 1 12 ? -0.101  3.965   12.671  1.00 18.71 ? 409 SER A CA  1 
ATOM   38  C  C   . SER A 1 12 ? -0.740  4.616   11.457  1.00 18.24 ? 409 SER A C   1 
ATOM   39  O  O   . SER A 1 12 ? -1.869  4.276   11.081  1.00 19.88 ? 409 SER A O   1 
ATOM   40  C  CB  . SER A 1 12 ? -0.391  4.787   13.928  1.00 19.78 ? 409 SER A CB  1 
ATOM   41  O  OG  . SER A 1 12 ? 0.021   4.063   15.064  1.00 26.22 ? 409 SER A OG  1 
ATOM   42  N  N   . GLN A 1 13 ? -0.043  5.567   10.834  1.00 19.19 ? 410 GLN A N   1 
ATOM   43  C  CA  . GLN A 1 13 ? -0.583  6.187   9.632   1.00 19.26 ? 410 GLN A CA  1 
ATOM   44  C  C   . GLN A 1 13 ? -0.684  5.166   8.506   1.00 18.28 ? 410 GLN A C   1 
ATOM   45  O  O   . GLN A 1 13 ? -1.661  5.159   7.746   1.00 17.91 ? 410 GLN A O   1 
ATOM   46  C  CB  . GLN A 1 13 ? 0.288   7.375   9.217   1.00 21.26 ? 410 GLN A CB  1 
ATOM   47  C  CG  . GLN A 1 13 ? 0.152   8.586   10.153  1.00 22.71 ? 410 GLN A CG  1 
ATOM   48  C  CD  . GLN A 1 13 ? 1.186   9.659   9.872   1.00 28.13 ? 410 GLN A CD  1 
ATOM   49  O  OE1 . GLN A 1 13 ? 2.334   9.356   9.566   1.00 26.68 ? 410 GLN A OE1 1 
ATOM   50  N  NE2 . GLN A 1 13 ? 0.784   10.928  9.985   1.00 29.24 ? 410 GLN A NE2 1 
ATOM   51  N  N   . ALA A 1 14 ? 0.317   4.288   8.394   1.00 18.28 ? 411 ALA A N   1 
ATOM   52  C  CA  . ALA A 1 14 ? 0.266   3.203   7.414   1.00 19.28 ? 411 ALA A CA  1 
ATOM   53  C  C   . ALA A 1 14 ? -0.896  2.250   7.690   1.00 20.62 ? 411 ALA A C   1 
ATOM   54  O  O   . ALA A 1 14 ? -1.602  1.830   6.762   1.00 17.16 ? 411 ALA A O   1 
ATOM   55  C  CB  . ALA A 1 14 ? 1.596   2.442   7.408   1.00 18.86 ? 411 ALA A CB  1 
ATOM   56  N  N   . ILE A 1 15 ? -1.111  1.890   8.959   1.00 16.26 ? 412 ILE A N   1 
ATOM   57  C  CA  . ILE A 1 15 ? -2.236  1.022   9.288   1.00 15.99 ? 412 ILE A CA  1 
ATOM   58  C  C   . ILE A 1 15 ? -3.547  1.683   8.879   1.00 16.16 ? 412 ILE A C   1 
ATOM   59  O  O   . ILE A 1 15 ? -4.431  1.043   8.299   1.00 16.37 ? 412 ILE A O   1 
ATOM   60  C  CB  . ILE A 1 15 ? -2.230  0.676   10.786  1.00 19.88 ? 412 ILE A CB  1 
ATOM   61  C  CG1 . ILE A 1 15 ? -1.158  -0.357  11.103  1.00 30.18 ? 412 ILE A CG1 1 
ATOM   62  C  CG2 . ILE A 1 15 ? -3.580  0.151   11.203  1.00 19.58 ? 412 ILE A CG2 1 
ATOM   63  C  CD1 . ILE A 1 15 ? -0.983  -0.578  12.572  1.00 40.68 ? 412 ILE A CD1 1 
ATOM   64  N  N   . SER A 1 16 ? -3.692  2.976   9.177   1.00 18.91 ? 413 SER A N   1 
ATOM   65  C  CA  . SER A 1 16 ? -4.920  3.680   8.824   1.00 19.43 ? 413 SER A CA  1 
ATOM   66  C  C   . SER A 1 16 ? -5.108  3.737   7.315   1.00 22.85 ? 413 SER A C   1 
ATOM   67  O  O   . SER A 1 16 ? -6.227  3.561   6.815   1.00 18.97 ? 413 SER A O   1 
ATOM   68  C  CB  . SER A 1 16 ? -4.905  5.086   9.421   1.00 24.39 ? 413 SER A CB  1 
ATOM   69  O  OG  . SER A 1 16 ? -4.720  5.000   10.822  1.00 34.72 ? 413 SER A OG  1 
ATOM   70  N  N   . TYR A 1 17 ? -4.018  3.960   6.578   1.00 17.86 ? 414 TYR A N   1 
ATOM   71  C  CA  . TYR A 1 17 ? -4.097  4.009   5.123   1.00 16.85 ? 414 TYR A CA  1 
ATOM   72  C  C   . TYR A 1 17 ? -4.494  2.657   4.542   1.00 16.16 ? 414 TYR A C   1 
ATOM   73  O  O   . TYR A 1 17 ? -5.392  2.571   3.695   1.00 20.40 ? 414 TYR A O   1 
ATOM   74  C  CB  . TYR A 1 17 ? -2.755  4.460   4.542   1.00 19.55 ? 414 TYR A CB  1 
ATOM   75  C  CG  . TYR A 1 17 ? -2.715  4.398   3.029   1.00 21.63 ? 414 TYR A CG  1 
ATOM   76  C  CD1 . TYR A 1 17 ? -3.623  5.117   2.256   1.00 24.16 ? 414 TYR A CD1 1 
ATOM   77  C  CD2 . TYR A 1 17 ? -1.755  3.637   2.370   1.00 21.60 ? 414 TYR A CD2 1 
ATOM   78  C  CE1 . TYR A 1 17 ? -3.578  5.054   0.856   1.00 17.51 ? 414 TYR A CE1 1 
ATOM   79  C  CE2 . TYR A 1 17 ? -1.711  3.577   1.007   1.00 16.91 ? 414 TYR A CE2 1 
ATOM   80  C  CZ  . TYR A 1 17 ? -2.627  4.283   0.250   1.00 22.62 ? 414 TYR A CZ  1 
ATOM   81  O  OH  . TYR A 1 17 ? -2.582  4.228   -1.125  1.00 22.44 ? 414 TYR A OH  1 
ATOM   82  N  N   . VAL A 1 18 ? -3.819  1.584   4.960   1.00 19.48 ? 415 VAL A N   1 
ATOM   83  C  CA  . VAL A 1 18 ? -4.156  0.281   4.396   1.00 20.57 ? 415 VAL A CA  1 
ATOM   84  C  C   . VAL A 1 18 ? -5.596  -0.087  4.739   1.00 25.44 ? 415 VAL A C   1 
ATOM   85  O  O   . VAL A 1 18 ? -6.312  -0.669  3.916   1.00 16.46 ? 415 VAL A O   1 
ATOM   86  C  CB  . VAL A 1 18 ? -3.150  -0.792  4.858   1.00 18.41 ? 415 VAL A CB  1 
ATOM   87  C  CG1 . VAL A 1 18 ? -3.567  -2.173  4.348   1.00 17.07 ? 415 VAL A CG1 1 
ATOM   88  C  CG2 . VAL A 1 18 ? -1.751  -0.445  4.377   1.00 18.23 ? 415 VAL A CG2 1 
ATOM   89  N  N   . ASN A 1 19 ? -6.074  0.298   5.928   1.00 17.20 ? 416 ASN A N   1 
ATOM   90  C  CA  . ASN A 1 19 ? -7.482  0.061   6.229   1.00 18.22 ? 416 ASN A CA  1 
ATOM   91  C  C   . ASN A 1 19 ? -8.395  0.831   5.280   1.00 20.27 ? 416 ASN A C   1 
ATOM   92  O  O   . ASN A 1 19 ? -9.478  0.351   4.923   1.00 19.24 ? 416 ASN A O   1 
ATOM   93  C  CB  . ASN A 1 19 ? -7.805  0.450   7.672   1.00 19.71 ? 416 ASN A CB  1 
ATOM   94  C  CG  . ASN A 1 19 ? -9.190  0.010   8.071   1.00 26.79 ? 416 ASN A CG  1 
ATOM   95  O  OD1 . ASN A 1 19 ? -9.462  -1.187  8.168   1.00 27.00 ? 416 ASN A OD1 1 
ATOM   96  N  ND2 . ASN A 1 19 ? -10.089 0.972   8.260   1.00 23.42 ? 416 ASN A ND2 1 
ATOM   97  N  N   . LYS A 1 20 ? -7.991  2.040   4.888   1.00 17.66 ? 417 LYS A N   1 
ATOM   98  C  CA  . LYS A 1 20 ? -8.792  2.822   3.957   1.00 22.07 ? 417 LYS A CA  1 
ATOM   99  C  C   . LYS A 1 20 ? -8.893  2.110   2.619   1.00 26.21 ? 417 LYS A C   1 
ATOM   100 O  O   . LYS A 1 20 ? -9.952  2.108   1.981   1.00 17.70 ? 417 LYS A O   1 
ATOM   101 C  CB  . LYS A 1 20 ? -8.173  4.206   3.782   1.00 21.91 ? 417 LYS A CB  1 
ATOM   102 C  CG  . LYS A 1 20 ? -9.015  5.217   3.024   1.00 24.38 ? 417 LYS A CG  1 
ATOM   103 C  CD  . LYS A 1 20 ? -8.298  6.569   2.984   1.00 33.19 ? 417 LYS A CD  1 
ATOM   104 C  CE  . LYS A 1 20 ? -9.008  7.556   2.054   1.00 40.31 ? 417 LYS A CE  1 
ATOM   105 N  NZ  . LYS A 1 20 ? -8.186  8.772   1.756   1.00 39.42 ? 417 LYS A NZ  1 
ATOM   106 N  N   . ILE A 1 21 ? -7.797  1.491   2.185   1.00 18.07 ? 418 ILE A N   1 
ATOM   107 C  CA  . ILE A 1 21 ? -7.830  0.735   0.937   1.00 19.61 ? 418 ILE A CA  1 
ATOM   108 C  C   . ILE A 1 21 ? -8.763  -0.455  1.078   1.00 18.11 ? 418 ILE A C   1 
ATOM   109 O  O   . ILE A 1 21 ? -9.628  -0.688  0.230   1.00 18.59 ? 418 ILE A O   1 
ATOM   110 C  CB  . ILE A 1 21 ? -6.413  0.298   0.536   1.00 18.54 ? 418 ILE A CB  1 
ATOM   111 C  CG1 . ILE A 1 21 ? -5.537  1.525   0.238   1.00 18.70 ? 418 ILE A CG1 1 
ATOM   112 C  CG2 . ILE A 1 21 ? -6.468  -0.667  -0.683  1.00 16.19 ? 418 ILE A CG2 1 
ATOM   113 C  CD1 . ILE A 1 21 ? -4.053  1.176   0.172   1.00 19.61 ? 418 ILE A CD1 1 
ATOM   114 N  N   . LYS A 1 22 ? -8.624  -1.202  2.174   1.00 19.48 ? 419 LYS A N   1 
ATOM   115 C  CA  . LYS A 1 22 ? -9.453  -2.381  2.396   1.00 19.68 ? 419 LYS A CA  1 
ATOM   116 C  C   . LYS A 1 22 ? -10.940 -2.042  2.357   1.00 21.96 ? 419 LYS A C   1 
ATOM   117 O  O   . LYS A 1 22 ? -11.743 -2.796  1.793   1.00 19.54 ? 419 LYS A O   1 
ATOM   118 C  CB  . LYS A 1 22 ? -9.089  -3.019  3.737   1.00 18.89 ? 419 LYS A CB  1 
ATOM   119 C  CG  . LYS A 1 22 ? -9.836  -4.301  4.058   1.00 23.02 ? 419 LYS A CG  1 
ATOM   120 C  CD  . LYS A 1 22 ? -9.281  -4.909  5.339   1.00 31.76 ? 419 LYS A CD  1 
ATOM   121 C  CE  . LYS A 1 22 ? -10.060 -6.143  5.760   1.00 45.47 ? 419 LYS A CE  1 
ATOM   122 N  NZ  . LYS A 1 22 ? -9.361  -7.390  5.354   1.00 48.63 ? 419 LYS A NZ  1 
ATOM   123 N  N   . THR A 1 23 ? -11.329 -0.913  2.952   1.00 21.10 ? 420 THR A N   1 
ATOM   124 C  CA  . THR A 1 23 ? -12.750 -0.582  3.009   1.00 20.39 ? 420 THR A CA  1 
ATOM   125 C  C   . THR A 1 23 ? -13.240 0.023   1.690   1.00 20.09 ? 420 THR A C   1 
ATOM   126 O  O   . THR A 1 23 ? -14.371 -0.243  1.269   1.00 21.13 ? 420 THR A O   1 
ATOM   127 C  CB  . THR A 1 23 ? -13.013 0.355   4.194   1.00 27.17 ? 420 THR A CB  1 
ATOM   128 O  OG1 . THR A 1 23 ? -12.176 1.507   4.103   1.00 26.42 ? 420 THR A OG1 1 
ATOM   129 C  CG2 . THR A 1 23 ? -12.682 -0.345  5.500   1.00 31.82 ? 420 THR A CG2 1 
ATOM   130 N  N   . ARG A 1 24 ? -12.405 0.820   1.015   1.00 19.05 ? 421 ARG A N   1 
ATOM   131 C  CA  . ARG A 1 24 ? -12.777 1.349   -0.299  1.00 20.99 ? 421 ARG A CA  1 
ATOM   132 C  C   . ARG A 1 24 ? -13.049 0.236   -1.299  1.00 22.47 ? 421 ARG A C   1 
ATOM   133 O  O   . ARG A 1 24 ? -13.928 0.365   -2.167  1.00 22.11 ? 421 ARG A O   1 
ATOM   134 C  CB  . ARG A 1 24 ? -11.681 2.265   -0.838  1.00 22.05 ? 421 ARG A CB  1 
ATOM   135 C  CG  . ARG A 1 24 ? -12.031 2.880   -2.186  1.00 24.84 ? 421 ARG A CG  1 
ATOM   136 C  CD  . ARG A 1 24 ? -13.033 4.030   -2.027  1.00 26.36 ? 421 ARG A CD  1 
ATOM   137 N  NE  . ARG A 1 24 ? -12.468 5.074   -1.190  1.00 29.97 ? 421 ARG A NE  1 
ATOM   138 C  CZ  . ARG A 1 24 ? -11.676 6.047   -1.628  1.00 32.74 ? 421 ARG A CZ  1 
ATOM   139 N  NH1 . ARG A 1 24 ? -11.358 6.142   -2.913  1.00 22.35 ? 421 ARG A NH1 1 
ATOM   140 N  NH2 . ARG A 1 24 ? -11.213 6.944   -0.773  1.00 33.38 ? 421 ARG A NH2 1 
ATOM   141 N  N   . PHE A 1 25 ? -12.304 -0.864  -1.201  1.00 19.03 ? 422 PHE A N   1 
ATOM   142 C  CA  . PHE A 1 25 ? -12.467 -2.019  -2.079  1.00 18.87 ? 422 PHE A CA  1 
ATOM   143 C  C   . PHE A 1 25 ? -13.087 -3.199  -1.332  1.00 19.89 ? 422 PHE A C   1 
ATOM   144 O  O   . PHE A 1 25 ? -12.770 -4.363  -1.589  1.00 24.93 ? 422 PHE A O   1 
ATOM   145 C  CB  . PHE A 1 25 ? -11.127 -2.379  -2.721  1.00 19.23 ? 422 PHE A CB  1 
ATOM   146 C  CG  . PHE A 1 25 ? -10.576 -1.253  -3.551  1.00 18.35 ? 422 PHE A CG  1 
ATOM   147 C  CD1 . PHE A 1 25 ? -11.144 -0.957  -4.785  1.00 18.79 ? 422 PHE A CD1 1 
ATOM   148 C  CD2 . PHE A 1 25 ? -9.579  -0.428  -3.060  1.00 18.81 ? 422 PHE A CD2 1 
ATOM   149 C  CE1 . PHE A 1 25 ? -10.694 0.111   -5.544  1.00 20.29 ? 422 PHE A CE1 1 
ATOM   150 C  CE2 . PHE A 1 25 ? -9.109  0.638   -3.821  1.00 20.46 ? 422 PHE A CE2 1 
ATOM   151 C  CZ  . PHE A 1 25 ? -9.669  0.909   -5.064  1.00 20.70 ? 422 PHE A CZ  1 
ATOM   152 N  N   . ALA A 1 26 ? -14.005 -2.891  -0.409  1.00 20.70 ? 423 ALA A N   1 
ATOM   153 C  CA  . ALA A 1 26 ? -14.718 -3.933  0.320   1.00 24.49 ? 423 ALA A CA  1 
ATOM   154 C  C   . ALA A 1 26 ? -15.463 -4.875  -0.620  1.00 23.49 ? 423 ALA A C   1 
ATOM   155 O  O   . ALA A 1 26 ? -15.575 -6.069  -0.331  1.00 26.19 ? 423 ALA A O   1 
ATOM   156 C  CB  . ALA A 1 26 ? -15.692 -3.297  1.319   1.00 23.65 ? 423 ALA A CB  1 
ATOM   157 N  N   . ASP A 1 27 ? -15.979 -4.366  -1.736  1.00 24.71 ? 424 ASP A N   1 
ATOM   158 C  CA  . ASP A 1 27 ? -16.683 -5.185  -2.718  1.00 28.71 ? 424 ASP A CA  1 
ATOM   159 C  C   . ASP A 1 27 ? -15.791 -5.598  -3.881  1.00 27.53 ? 424 ASP A C   1 
ATOM   160 O  O   . ASP A 1 27 ? -16.277 -6.211  -4.834  1.00 25.87 ? 424 ASP A O   1 
ATOM   161 C  CB  . ASP A 1 27 ? -17.928 -4.449  -3.246  1.00 28.74 ? 424 ASP A CB  1 
ATOM   162 C  CG  . ASP A 1 27 ? -17.593 -3.101  -3.889  1.00 23.99 ? 424 ASP A CG  1 
ATOM   163 O  OD1 . ASP A 1 27 ? -18.484 -2.495  -4.524  1.00 28.52 ? 424 ASP A OD1 1 
ATOM   164 O  OD2 . ASP A 1 27 ? -16.445 -2.639  -3.745  1.00 24.83 ? 424 ASP A OD2 1 
ATOM   165 N  N   . GLN A 1 28 ? -14.507 -5.260  -3.835  1.00 26.30 ? 425 GLN A N   1 
ATOM   166 C  CA  . GLN A 1 28 ? -13.533 -5.718  -4.825  1.00 25.63 ? 425 GLN A CA  1 
ATOM   167 C  C   . GLN A 1 28 ? -12.297 -6.238  -4.104  1.00 24.07 ? 425 GLN A C   1 
ATOM   168 O  O   . GLN A 1 28 ? -11.201 -5.686  -4.253  1.00 23.56 ? 425 GLN A O   1 
ATOM   169 C  CB  . GLN A 1 28 ? -13.153 -4.593  -5.783  1.00 26.61 ? 425 GLN A CB  1 
ATOM   170 C  CG  . GLN A 1 28 ? -14.292 -3.882  -6.460  1.00 26.05 ? 425 GLN A CG  1 
ATOM   171 C  CD  . GLN A 1 28 ? -13.763 -2.812  -7.384  1.00 33.26 ? 425 GLN A CD  1 
ATOM   172 O  OE1 . GLN A 1 28 ? -13.653 -1.642  -7.008  1.00 27.29 ? 425 GLN A OE1 1 
ATOM   173 N  NE2 . GLN A 1 28 ? -13.399 -3.213  -8.596  1.00 23.03 ? 425 GLN A NE2 1 
ATOM   174 N  N   . PRO A 1 29 ? -12.440 -7.304  -3.304  1.00 24.69 ? 426 PRO A N   1 
ATOM   175 C  CA  . PRO A 1 29 ? -11.303 -7.768  -2.494  1.00 22.90 ? 426 PRO A CA  1 
ATOM   176 C  C   . PRO A 1 29 ? -10.067 -8.100  -3.318  1.00 24.99 ? 426 PRO A C   1 
ATOM   177 O  O   . PRO A 1 29 ? -8.957  -8.052  -2.777  1.00 22.22 ? 426 PRO A O   1 
ATOM   178 C  CB  . PRO A 1 29 ? -11.852 -9.020  -1.792  1.00 27.92 ? 426 PRO A CB  1 
ATOM   179 C  CG  . PRO A 1 29 ? -12.984 -9.472  -2.656  1.00 33.22 ? 426 PRO A CG  1 
ATOM   180 C  CD  . PRO A 1 29 ? -13.597 -8.212  -3.195  1.00 27.23 ? 426 PRO A CD  1 
ATOM   181 N  N   . ASP A 1 30 ? -10.224 -8.415  -4.607  1.00 24.84 ? 427 ASP A N   1 
ATOM   182 C  CA  . ASP A 1 30 ? -9.068  -8.736  -5.440  1.00 35.03 ? 427 ASP A CA  1 
ATOM   183 C  C   . ASP A 1 30 ? -8.145  -7.538  -5.605  1.00 24.88 ? 427 ASP A C   1 
ATOM   184 O  O   . ASP A 1 30 ? -6.928  -7.702  -5.738  1.00 24.67 ? 427 ASP A O   1 
ATOM   185 C  CB  . ASP A 1 30 ? -9.532  -9.233  -6.808  1.00 43.97 ? 427 ASP A CB  1 
ATOM   186 C  CG  . ASP A 1 30 ? -9.776  -10.730 -6.836  1.00 65.52 ? 427 ASP A CG  1 
ATOM   187 O  OD1 . ASP A 1 30 ? -9.430  -11.413 -5.845  1.00 68.92 ? 427 ASP A OD1 1 
ATOM   188 O  OD2 . ASP A 1 30 ? -10.318 -11.221 -7.851  1.00 75.05 ? 427 ASP A OD2 1 
ATOM   189 N  N   . ILE A 1 31 ? -8.703  -6.331  -5.612  1.00 22.07 ? 428 ILE A N   1 
ATOM   190 C  CA  . ILE A 1 31 ? -7.888  -5.127  -5.727  1.00 24.03 ? 428 ILE A CA  1 
ATOM   191 C  C   . ILE A 1 31 ? -7.093  -4.896  -4.446  1.00 23.46 ? 428 ILE A C   1 
ATOM   192 O  O   . ILE A 1 31 ? -5.891  -4.602  -4.480  1.00 18.48 ? 428 ILE A O   1 
ATOM   193 C  CB  . ILE A 1 31 ? -8.783  -3.922  -6.064  1.00 21.16 ? 428 ILE A CB  1 
ATOM   194 C  CG1 . ILE A 1 31 ? -9.362  -4.088  -7.476  1.00 26.72 ? 428 ILE A CG1 1 
ATOM   195 C  CG2 . ILE A 1 31 ? -8.010  -2.632  -5.910  1.00 19.56 ? 428 ILE A CG2 1 
ATOM   196 C  CD1 . ILE A 1 31 ? -9.952  -2.831  -8.044  1.00 35.43 ? 428 ILE A CD1 1 
ATOM   197 N  N   . TYR A 1 32 ? -7.759  -4.992  -3.296  1.00 24.23 ? 429 TYR A N   1 
ATOM   198 C  CA  . TYR A 1 32 ? -7.052  -4.940  -2.021  1.00 17.68 ? 429 TYR A CA  1 
ATOM   199 C  C   . TYR A 1 32 ? -5.956  -5.996  -1.963  1.00 19.75 ? 429 TYR A C   1 
ATOM   200 O  O   . TYR A 1 32 ? -4.806  -5.706  -1.590  1.00 17.73 ? 429 TYR A O   1 
ATOM   201 C  CB  . TYR A 1 32 ? -8.053  -5.134  -0.877  1.00 18.04 ? 429 TYR A CB  1 
ATOM   202 C  CG  . TYR A 1 32 ? -7.419  -5.288  0.483   1.00 20.92 ? 429 TYR A CG  1 
ATOM   203 C  CD1 . TYR A 1 32 ? -6.638  -4.267  1.032   1.00 22.38 ? 429 TYR A CD1 1 
ATOM   204 C  CD2 . TYR A 1 32 ? -7.618  -6.446  1.240   1.00 19.85 ? 429 TYR A CD2 1 
ATOM   205 C  CE1 . TYR A 1 32 ? -6.061  -4.403  2.298   1.00 21.68 ? 429 TYR A CE1 1 
ATOM   206 C  CE2 . TYR A 1 32 ? -7.045  -6.588  2.496   1.00 20.82 ? 429 TYR A CE2 1 
ATOM   207 C  CZ  . TYR A 1 32 ? -6.268  -5.567  3.021   1.00 22.10 ? 429 TYR A CZ  1 
ATOM   208 O  OH  . TYR A 1 32 ? -5.705  -5.715  4.285   1.00 21.91 ? 429 TYR A OH  1 
ATOM   209 N  N   . LYS A 1 33 ? -6.296  -7.231  -2.345  1.00 19.82 ? 430 LYS A N   1 
ATOM   210 C  CA  . LYS A 1 33 ? -5.324  -8.313  -2.350  1.00 22.54 ? 430 LYS A CA  1 
ATOM   211 C  C   . LYS A 1 33 ? -4.142  -7.992  -3.266  1.00 25.32 ? 430 LYS A C   1 
ATOM   212 O  O   . LYS A 1 33 ? -2.984  -8.246  -2.911  1.00 20.60 ? 430 LYS A O   1 
ATOM   213 C  CB  . LYS A 1 33 ? -6.021  -9.607  -2.771  1.00 26.04 ? 430 LYS A CB  1 
ATOM   214 C  CG  . LYS A 1 33 ? -5.100  -10.792 -2.988  1.00 37.80 ? 430 LYS A CG  1 
ATOM   215 C  CD  . LYS A 1 33 ? -5.827  -11.938 -3.696  1.00 53.77 ? 430 LYS A CD  1 
ATOM   216 C  CE  . LYS A 1 33 ? -5.606  -13.261 -2.980  1.00 61.32 ? 430 LYS A CE  1 
ATOM   217 N  NZ  . LYS A 1 33 ? -4.192  -13.428 -2.535  1.00 64.48 ? 430 LYS A NZ  1 
ATOM   218 N  N   . HIS A 1 34 ? -4.416  -7.407  -4.436  1.00 24.81 ? 431 HIS A N   1 
ATOM   219 C  CA  . HIS A 1 34 ? -3.338  -7.021  -5.348  1.00 21.00 ? 431 HIS A CA  1 
ATOM   220 C  C   . HIS A 1 34 ? -2.426  -5.970  -4.715  1.00 25.41 ? 431 HIS A C   1 
ATOM   221 O  O   . HIS A 1 34 ? -1.200  -6.042  -4.853  1.00 19.35 ? 431 HIS A O   1 
ATOM   222 C  CB  . HIS A 1 34 ? -3.923  -6.506  -6.662  1.00 22.31 ? 431 HIS A CB  1 
ATOM   223 C  CG  . HIS A 1 34 ? -2.917  -6.390  -7.771  1.00 27.45 ? 431 HIS A CG  1 
ATOM   224 N  ND1 . HIS A 1 34 ? -3.240  -5.914  -9.025  1.00 37.15 ? 431 HIS A ND1 1 
ATOM   225 C  CD2 . HIS A 1 34 ? -1.593  -6.677  -7.812  1.00 32.47 ? 431 HIS A CD2 1 
ATOM   226 C  CE1 . HIS A 1 34 ? -2.160  -5.915  -9.789  1.00 38.06 ? 431 HIS A CE1 1 
ATOM   227 N  NE2 . HIS A 1 34 ? -1.148  -6.375  -9.077  1.00 30.87 ? 431 HIS A NE2 1 
ATOM   228 N  N   . PHE A 1 35 ? -3.002  -4.988  -4.009  1.00 17.98 ? 432 PHE A N   1 
ATOM   229 C  CA  . PHE A 1 35 ? -2.177  -4.014  -3.301  1.00 18.96 ? 432 PHE A CA  1 
ATOM   230 C  C   . PHE A 1 35 ? -1.270  -4.702  -2.288  1.00 17.04 ? 432 PHE A C   1 
ATOM   231 O  O   . PHE A 1 35 ? -0.079  -4.385  -2.189  1.00 19.07 ? 432 PHE A O   1 
ATOM   232 C  CB  . PHE A 1 35 ? -3.052  -2.968  -2.593  1.00 16.64 ? 432 PHE A CB  1 
ATOM   233 C  CG  . PHE A 1 35 ? -2.257  -1.971  -1.797  1.00 19.40 ? 432 PHE A CG  1 
ATOM   234 C  CD1 . PHE A 1 35 ? -1.655  -0.889  -2.417  1.00 20.26 ? 432 PHE A CD1 1 
ATOM   235 C  CD2 . PHE A 1 35 ? -2.090  -2.130  -0.426  1.00 21.15 ? 432 PHE A CD2 1 
ATOM   236 C  CE1 . PHE A 1 35 ? -0.913  0.031   -1.675  1.00 22.69 ? 432 PHE A CE1 1 
ATOM   237 C  CE2 . PHE A 1 35 ? -1.344  -1.225  0.304   1.00 17.64 ? 432 PHE A CE2 1 
ATOM   238 C  CZ  . PHE A 1 35 ? -0.760  -0.153  -0.311  1.00 18.22 ? 432 PHE A CZ  1 
ATOM   239 N  N   . LEU A 1 36 ? -1.831  -5.624  -1.501  1.00 17.42 ? 433 LEU A N   1 
ATOM   240 C  CA  . LEU A 1 36 ? -1.024  -6.369  -0.546  1.00 18.05 ? 433 LEU A CA  1 
ATOM   241 C  C   . LEU A 1 36 ? 0.122   -7.090  -1.247  1.00 25.23 ? 433 LEU A C   1 
ATOM   242 O  O   . LEU A 1 36 ? 1.247   -7.110  -0.746  1.00 18.79 ? 433 LEU A O   1 
ATOM   243 C  CB  . LEU A 1 36 ? -1.875  -7.389  0.197   1.00 19.43 ? 433 LEU A CB  1 
ATOM   244 C  CG  . LEU A 1 36 ? -2.974  -6.883  1.131   1.00 21.08 ? 433 LEU A CG  1 
ATOM   245 C  CD1 . LEU A 1 36 ? -3.624  -8.073  1.796   1.00 21.17 ? 433 LEU A CD1 1 
ATOM   246 C  CD2 . LEU A 1 36 ? -2.380  -5.946  2.144   1.00 19.24 ? 433 LEU A CD2 1 
ATOM   247 N  N   . GLU A 1 37 ? -0.152  -7.697  -2.401  1.00 19.45 ? 434 GLU A N   1 
ATOM   248 C  CA  . GLU A 1 37 ? 0.888   -8.467  -3.083  1.00 20.73 ? 434 GLU A CA  1 
ATOM   249 C  C   . GLU A 1 37 ? 1.945   -7.576  -3.720  1.00 22.50 ? 434 GLU A C   1 
ATOM   250 O  O   . GLU A 1 37 ? 3.105   -7.993  -3.834  1.00 25.72 ? 434 GLU A O   1 
ATOM   251 C  CB  . GLU A 1 37 ? 0.261   -9.384  -4.128  1.00 26.85 ? 434 GLU A CB  1 
ATOM   252 C  CG  . GLU A 1 37 ? -0.673  -10.419 -3.499  1.00 48.35 ? 434 GLU A CG  1 
ATOM   253 C  CD  . GLU A 1 37 ? -1.397  -11.281 -4.520  1.00 69.06 ? 434 GLU A CD  1 
ATOM   254 O  OE1 . GLU A 1 37 ? -1.295  -10.990 -5.723  1.00 74.83 ? 434 GLU A OE1 1 
ATOM   255 O  OE2 . GLU A 1 37 ? -2.078  -12.236 -4.109  1.00 74.28 ? 434 GLU A OE2 1 
ATOM   256 N  N   . ILE A 1 38 ? 1.564   -6.376  -4.170  1.00 22.74 ? 435 ILE A N   1 
ATOM   257 C  CA  . ILE A 1 38 ? 2.561   -5.406  -4.624  1.00 21.75 ? 435 ILE A CA  1 
ATOM   258 C  C   . ILE A 1 38 ? 3.589   -5.160  -3.529  1.00 25.19 ? 435 ILE A C   1 
ATOM   259 O  O   . ILE A 1 38 ? 4.795   -5.141  -3.783  1.00 19.04 ? 435 ILE A O   1 
ATOM   260 C  CB  . ILE A 1 38 ? 1.884   -4.094  -5.062  1.00 19.79 ? 435 ILE A CB  1 
ATOM   261 C  CG1 . ILE A 1 38 ? 1.096   -4.280  -6.360  1.00 21.87 ? 435 ILE A CG1 1 
ATOM   262 C  CG2 . ILE A 1 38 ? 2.916   -2.983  -5.242  1.00 21.73 ? 435 ILE A CG2 1 
ATOM   263 C  CD1 . ILE A 1 38 ? 0.217   -3.078  -6.672  1.00 24.04 ? 435 ILE A CD1 1 
ATOM   264 N  N   . LEU A 1 39 ? 3.128   -4.957  -2.287  1.00 19.44 ? 436 LEU A N   1 
ATOM   265 C  CA  . LEU A 1 39 ? 4.068   -4.726  -1.196  1.00 18.07 ? 436 LEU A CA  1 
ATOM   266 C  C   . LEU A 1 39 ? 4.873   -5.984  -0.877  1.00 18.80 ? 436 LEU A C   1 
ATOM   267 O  O   . LEU A 1 39 ? 6.075   -5.905  -0.596  1.00 22.37 ? 436 LEU A O   1 
ATOM   268 C  CB  . LEU A 1 39 ? 3.325   -4.227  0.048   1.00 18.09 ? 436 LEU A CB  1 
ATOM   269 C  CG  . LEU A 1 39 ? 2.663   -2.861  -0.136  1.00 20.16 ? 436 LEU A CG  1 
ATOM   270 C  CD1 . LEU A 1 39 ? 1.987   -2.408  1.156   1.00 21.21 ? 436 LEU A CD1 1 
ATOM   271 C  CD2 . LEU A 1 39 ? 3.683   -1.835  -0.610  1.00 21.76 ? 436 LEU A CD2 1 
ATOM   272 N  N   . GLN A 1 40 ? 4.232   -7.154  -0.900  1.00 20.24 ? 437 GLN A N   1 
ATOM   273 C  CA  . GLN A 1 40 ? 4.975   -8.385  -0.628  1.00 20.75 ? 437 GLN A CA  1 
ATOM   274 C  C   . GLN A 1 40 ? 6.033   -8.629  -1.705  1.00 21.25 ? 437 GLN A C   1 
ATOM   275 O  O   . GLN A 1 40 ? 7.153   -9.061  -1.406  1.00 22.20 ? 437 GLN A O   1 
ATOM   276 C  CB  . GLN A 1 40 ? 4.016   -9.571  -0.536  1.00 23.46 ? 437 GLN A CB  1 
ATOM   277 C  CG  . GLN A 1 40 ? 3.200   -9.634  0.778   1.00 27.34 ? 437 GLN A CG  1 
ATOM   278 C  CD  . GLN A 1 40 ? 4.063   -9.450  2.025   1.00 37.55 ? 437 GLN A CD  1 
ATOM   279 O  OE1 . GLN A 1 40 ? 4.238   -8.335  2.517   1.00 45.60 ? 437 GLN A OE1 1 
ATOM   280 N  NE2 . GLN A 1 40 ? 4.608   -10.545 2.535   1.00 40.01 ? 437 GLN A NE2 1 
ATOM   281 N  N   . THR A 1 41 ? 5.691   -8.350  -2.960  1.00 21.17 ? 438 THR A N   1 
ATOM   282 C  CA  . THR A 1 41 ? 6.645   -8.548  -4.053  1.00 22.28 ? 438 THR A CA  1 
ATOM   283 C  C   . THR A 1 41 ? 7.791   -7.545  -3.966  1.00 25.75 ? 438 THR A C   1 
ATOM   284 O  O   . THR A 1 41 ? 8.959   -7.905  -4.167  1.00 24.86 ? 438 THR A O   1 
ATOM   285 C  CB  . THR A 1 41 ? 5.925   -8.429  -5.397  1.00 24.56 ? 438 THR A CB  1 
ATOM   286 O  OG1 . THR A 1 41 ? 5.083   -9.573  -5.598  1.00 26.42 ? 438 THR A OG1 1 
ATOM   287 C  CG2 . THR A 1 41 ? 6.946   -8.340  -6.550  1.00 26.10 ? 438 THR A CG2 1 
ATOM   288 N  N   . TYR A 1 42 ? 7.463   -6.277  -3.690  1.00 22.69 ? 439 TYR A N   1 
ATOM   289 C  CA  . TYR A 1 42 ? 8.473   -5.251  -3.433  1.00 26.66 ? 439 TYR A CA  1 
ATOM   290 C  C   . TYR A 1 42 ? 9.520   -5.736  -2.441  1.00 29.63 ? 439 TYR A C   1 
ATOM   291 O  O   . TYR A 1 42 ? 10.729  -5.628  -2.682  1.00 26.32 ? 439 TYR A O   1 
ATOM   292 C  CB  . TYR A 1 42 ? 7.788   -3.991  -2.904  1.00 23.30 ? 439 TYR A CB  1 
ATOM   293 C  CG  . TYR A 1 42 ? 8.685   -3.010  -2.173  1.00 24.76 ? 439 TYR A CG  1 
ATOM   294 C  CD1 . TYR A 1 42 ? 9.630   -2.255  -2.857  1.00 24.05 ? 439 TYR A CD1 1 
ATOM   295 C  CD2 . TYR A 1 42 ? 8.568   -2.816  -0.802  1.00 30.72 ? 439 TYR A CD2 1 
ATOM   296 C  CE1 . TYR A 1 42 ? 10.428  -1.324  -2.195  1.00 31.89 ? 439 TYR A CE1 1 
ATOM   297 C  CE2 . TYR A 1 42 ? 9.373   -1.894  -0.132  1.00 29.68 ? 439 TYR A CE2 1 
ATOM   298 C  CZ  . TYR A 1 42 ? 10.290  -1.154  -0.831  1.00 30.46 ? 439 TYR A CZ  1 
ATOM   299 O  OH  . TYR A 1 42 ? 11.083  -0.241  -0.173  1.00 35.64 ? 439 TYR A OH  1 
ATOM   300 N  N   . GLN A 1 43 ? 9.064   -6.284  -1.319  1.00 23.20 ? 440 GLN A N   1 
ATOM   301 C  CA  . GLN A 1 43 ? 9.981   -6.712  -0.276  1.00 24.94 ? 440 GLN A CA  1 
ATOM   302 C  C   . GLN A 1 43 ? 10.751  -7.963  -0.685  1.00 24.70 ? 440 GLN A C   1 
ATOM   303 O  O   . GLN A 1 43 ? 11.971  -8.041  -0.505  1.00 27.31 ? 440 GLN A O   1 
ATOM   304 C  CB  . GLN A 1 43 ? 9.197   -6.957  1.010   1.00 23.49 ? 440 GLN A CB  1 
ATOM   305 C  CG  . GLN A 1 43 ? 10.064  -7.413  2.135   1.00 25.61 ? 440 GLN A CG  1 
ATOM   306 C  CD  . GLN A 1 43 ? 9.250   -7.758  3.360   1.00 32.87 ? 440 GLN A CD  1 
ATOM   307 O  OE1 . GLN A 1 43 ? 8.392   -8.643  3.324   1.00 31.28 ? 440 GLN A OE1 1 
ATOM   308 N  NE2 . GLN A 1 43 ? 9.520   -7.066  4.454   1.00 32.20 ? 440 GLN A NE2 1 
ATOM   309 N  N   . ARG A 1 44 ? 10.054  -8.953  -1.245  1.00 24.58 ? 441 ARG A N   1 
ATOM   310 C  CA  . ARG A 1 44 ? 10.653  -10.261 -1.482  1.00 26.45 ? 441 ARG A CA  1 
ATOM   311 C  C   . ARG A 1 44 ? 11.604  -10.252 -2.674  1.00 29.23 ? 441 ARG A C   1 
ATOM   312 O  O   . ARG A 1 44 ? 12.585  -11.003 -2.692  1.00 28.98 ? 441 ARG A O   1 
ATOM   313 C  CB  . ARG A 1 44 ? 9.543   -11.285 -1.694  1.00 27.38 ? 441 ARG A CB  1 
ATOM   314 C  CG  . ARG A 1 44 ? 9.931   -12.505 -2.459  1.00 41.53 ? 441 ARG A CG  1 
ATOM   315 C  CD  . ARG A 1 44 ? 8.847   -13.537 -2.349  1.00 46.89 ? 441 ARG A CD  1 
ATOM   316 N  NE  . ARG A 1 44 ? 7.635   -13.101 -3.023  1.00 48.71 ? 441 ARG A NE  1 
ATOM   317 C  CZ  . ARG A 1 44 ? 6.495   -12.807 -2.406  1.00 45.27 ? 441 ARG A CZ  1 
ATOM   318 N  NH1 . ARG A 1 44 ? 6.399   -12.902 -1.089  1.00 48.05 ? 441 ARG A NH1 1 
ATOM   319 N  NH2 . ARG A 1 44 ? 5.449   -12.416 -3.114  1.00 34.99 ? 441 ARG A NH2 1 
ATOM   320 N  N   . GLU A 1 45 ? 11.322  -9.419  -3.666  1.00 34.74 ? 442 GLU A N   1 
ATOM   321 C  CA  . GLU A 1 45 ? 12.136  -9.306  -4.862  1.00 35.33 ? 442 GLU A CA  1 
ATOM   322 C  C   . GLU A 1 45 ? 13.017  -8.067  -4.844  1.00 34.38 ? 442 GLU A C   1 
ATOM   323 O  O   . GLU A 1 45 ? 13.701  -7.796  -5.833  1.00 28.46 ? 442 GLU A O   1 
ATOM   324 C  CB  . GLU A 1 45 ? 11.230  -9.302  -6.098  1.00 37.58 ? 442 GLU A CB  1 
ATOM   325 C  CG  . GLU A 1 45 ? 10.430  -10.599 -6.262  1.00 44.12 ? 442 GLU A CG  1 
ATOM   326 C  CD  . GLU A 1 45 ? 9.755   -10.711 -7.623  1.00 48.60 ? 442 GLU A CD  1 
ATOM   327 O  OE1 . GLU A 1 45 ? 10.268  -10.118 -8.591  1.00 53.47 ? 442 GLU A OE1 1 
ATOM   328 O  OE2 . GLU A 1 45 ? 8.716   -11.392 -7.732  1.00 47.73 ? 442 GLU A OE2 1 
ATOM   329 N  N   . GLN A 1 46 ? 13.020  -7.317  -3.740  1.00 28.83 ? 443 GLN A N   1 
ATOM   330 C  CA  . GLN A 1 46 ? 13.834  -6.112  -3.592  1.00 27.70 ? 443 GLN A CA  1 
ATOM   331 C  C   . GLN A 1 46 ? 13.634  -5.161  -4.774  1.00 31.74 ? 443 GLN A C   1 
ATOM   332 O  O   . GLN A 1 46 ? 14.588  -4.670  -5.379  1.00 28.55 ? 443 GLN A O   1 
ATOM   333 C  CB  . GLN A 1 46 ? 15.313  -6.470  -3.415  1.00 34.47 ? 443 GLN A CB  1 
ATOM   334 C  CG  . GLN A 1 46 ? 15.569  -7.519  -2.340  1.00 45.50 ? 443 GLN A CG  1 
ATOM   335 C  CD  . GLN A 1 46 ? 15.499  -6.942  -0.936  1.00 56.05 ? 443 GLN A CD  1 
ATOM   336 O  OE1 . GLN A 1 46 ? 16.503  -6.473  -0.401  1.00 61.98 ? 443 GLN A OE1 1 
ATOM   337 N  NE2 . GLN A 1 46 ? 14.307  -6.966  -0.336  1.00 55.73 ? 443 GLN A NE2 1 
ATOM   338 N  N   . LYS A 1 47 ? 12.368  -4.929  -5.122  1.00 26.10 ? 444 LYS A N   1 
ATOM   339 C  CA  . LYS A 1 47 ? 12.061  -4.033  -6.224  1.00 25.06 ? 444 LYS A CA  1 
ATOM   340 C  C   . LYS A 1 47 ? 12.332  -2.593  -5.794  1.00 27.12 ? 444 LYS A C   1 
ATOM   341 O  O   . LYS A 1 47 ? 12.269  -2.271  -4.604  1.00 21.66 ? 444 LYS A O   1 
ATOM   342 C  CB  . LYS A 1 47 ? 10.596  -4.164  -6.658  1.00 22.89 ? 444 LYS A CB  1 
ATOM   343 C  CG  . LYS A 1 47 ? 10.156  -5.563  -7.033  1.00 30.66 ? 444 LYS A CG  1 
ATOM   344 C  CD  . LYS A 1 47 ? 10.839  -6.039  -8.308  1.00 43.51 ? 444 LYS A CD  1 
ATOM   345 C  CE  . LYS A 1 47 ? 9.883   -6.867  -9.151  1.00 49.41 ? 444 LYS A CE  1 
ATOM   346 N  NZ  . LYS A 1 47 ? 10.633  -7.683  -10.148 1.00 54.55 ? 444 LYS A NZ  1 
ATOM   347 N  N   . PRO A 1 48 ? 12.635  -1.710  -6.736  1.00 21.38 ? 445 PRO A N   1 
ATOM   348 C  CA  . PRO A 1 48 ? 12.876  -0.312  -6.377  1.00 28.37 ? 445 PRO A CA  1 
ATOM   349 C  C   . PRO A 1 48 ? 11.575  0.455   -6.199  1.00 28.88 ? 445 PRO A C   1 
ATOM   350 O  O   . PRO A 1 48 ? 10.514  0.076   -6.707  1.00 22.53 ? 445 PRO A O   1 
ATOM   351 C  CB  . PRO A 1 48 ? 13.673  0.230   -7.568  1.00 25.15 ? 445 PRO A CB  1 
ATOM   352 C  CG  . PRO A 1 48 ? 13.222  -0.618  -8.711  1.00 24.06 ? 445 PRO A CG  1 
ATOM   353 C  CD  . PRO A 1 48 ? 12.965  -1.987  -8.146  1.00 23.15 ? 445 PRO A CD  1 
ATOM   354 N  N   . ILE A 1 49 ? 11.693  1.560   -5.459  1.00 20.35 ? 446 ILE A N   1 
ATOM   355 C  CA  . ILE A 1 49 ? 10.561  2.458   -5.219  1.00 20.00 ? 446 ILE A CA  1 
ATOM   356 C  C   . ILE A 1 49 ? 9.835   2.788   -6.519  1.00 19.59 ? 446 ILE A C   1 
ATOM   357 O  O   . ILE A 1 49 ? 8.603   2.739   -6.595  1.00 18.94 ? 446 ILE A O   1 
ATOM   358 C  CB  . ILE A 1 49 ? 11.051  3.733   -4.511  1.00 26.15 ? 446 ILE A CB  1 
ATOM   359 C  CG1 . ILE A 1 49 ? 11.543  3.378   -3.113  1.00 26.16 ? 446 ILE A CG1 1 
ATOM   360 C  CG2 . ILE A 1 49 ? 9.944   4.777   -4.440  1.00 26.44 ? 446 ILE A CG2 1 
ATOM   361 C  CD1 . ILE A 1 49 ? 10.525  2.631   -2.296  1.00 28.31 ? 446 ILE A CD1 1 
ATOM   362 N  N   . ASN A 1 50 ? 10.584  3.120   -7.576  1.00 20.12 ? 447 ASN A N   1 
ATOM   363 C  CA  . ASN A 1 50 ? 9.908   3.573   -8.784  1.00 20.30 ? 447 ASN A CA  1 
ATOM   364 C  C   . ASN A 1 50 ? 9.035   2.485   -9.403  1.00 23.33 ? 447 ASN A C   1 
ATOM   365 O  O   . ASN A 1 50 ? 8.022   2.793   -10.040 1.00 20.85 ? 447 ASN A O   1 
ATOM   366 C  CB  . ASN A 1 50 ? 10.907  4.072   -9.819  1.00 21.65 ? 447 ASN A CB  1 
ATOM   367 C  CG  . ASN A 1 50 ? 10.216  4.521   -11.081 1.00 32.12 ? 447 ASN A CG  1 
ATOM   368 O  OD1 . ASN A 1 50 ? 9.424   5.469   -11.053 1.00 26.64 ? 447 ASN A OD1 1 
ATOM   369 N  ND2 . ASN A 1 50 ? 10.467  3.815   -12.190 1.00 25.30 ? 447 ASN A ND2 1 
ATOM   370 N  N   . GLU A 1 51 ? 9.403   1.218   -9.237  1.00 19.44 ? 448 GLU A N   1 
ATOM   371 C  CA  . GLU A 1 51 ? 8.557   0.149   -9.752  1.00 21.90 ? 448 GLU A CA  1 
ATOM   372 C  C   . GLU A 1 51 ? 7.287   0.006   -8.920  1.00 18.45 ? 448 GLU A C   1 
ATOM   373 O  O   . GLU A 1 51 ? 6.200   -0.220  -9.467  1.00 21.59 ? 448 GLU A O   1 
ATOM   374 C  CB  . GLU A 1 51 ? 9.335   -1.167  -9.789  1.00 24.68 ? 448 GLU A CB  1 
ATOM   375 C  CG  . GLU A 1 51 ? 8.475   -2.420  -9.976  1.00 40.57 ? 448 GLU A CG  1 
ATOM   376 C  CD  . GLU A 1 51 ? 7.726   -2.477  -11.309 1.00 47.88 ? 448 GLU A CD  1 
ATOM   377 O  OE1 . GLU A 1 51 ? 8.012   -1.670  -12.227 1.00 51.22 ? 448 GLU A OE1 1 
ATOM   378 O  OE2 . GLU A 1 51 ? 6.841   -3.353  -11.436 1.00 51.09 ? 448 GLU A OE2 1 
ATOM   379 N  N   . VAL A 1 52 ? 7.401   0.142   -7.598  1.00 18.11 ? 449 VAL A N   1 
ATOM   380 C  CA  . VAL A 1 52 ? 6.203   0.121   -6.755  1.00 17.73 ? 449 VAL A CA  1 
ATOM   381 C  C   . VAL A 1 52 ? 5.292   1.296   -7.082  1.00 17.59 ? 449 VAL A C   1 
ATOM   382 O  O   . VAL A 1 52 ? 4.063   1.152   -7.141  1.00 20.40 ? 449 VAL A O   1 
ATOM   383 C  CB  . VAL A 1 52 ? 6.591   0.124   -5.268  1.00 29.00 ? 449 VAL A CB  1 
ATOM   384 C  CG1 . VAL A 1 52 ? 5.363   -0.102  -4.410  1.00 30.87 ? 449 VAL A CG1 1 
ATOM   385 C  CG2 . VAL A 1 52 ? 7.602   -0.952  -5.029  1.00 35.08 ? 449 VAL A CG2 1 
ATOM   386 N  N   . TYR A 1 53 ? 5.881   2.480   -7.261  1.00 19.16 ? 450 TYR A N   1 
ATOM   387 C  CA  . TYR A 1 53 ? 5.123   3.657   -7.678  1.00 18.48 ? 450 TYR A CA  1 
ATOM   388 C  C   . TYR A 1 53 ? 4.349   3.370   -8.957  1.00 19.14 ? 450 TYR A C   1 
ATOM   389 O  O   . TYR A 1 53 ? 3.165   3.693   -9.071  1.00 18.70 ? 450 TYR A O   1 
ATOM   390 C  CB  . TYR A 1 53 ? 6.084   4.835   -7.875  1.00 21.09 ? 450 TYR A CB  1 
ATOM   391 C  CG  . TYR A 1 53 ? 5.448   6.146   -8.292  1.00 22.46 ? 450 TYR A CG  1 
ATOM   392 C  CD1 . TYR A 1 53 ? 5.141   6.409   -9.626  1.00 30.58 ? 450 TYR A CD1 1 
ATOM   393 C  CD2 . TYR A 1 53 ? 5.185   7.138   -7.356  1.00 25.80 ? 450 TYR A CD2 1 
ATOM   394 C  CE1 . TYR A 1 53 ? 4.564   7.614   -10.012 1.00 27.26 ? 450 TYR A CE1 1 
ATOM   395 C  CE2 . TYR A 1 53 ? 4.615   8.347   -7.732  1.00 31.94 ? 450 TYR A CE2 1 
ATOM   396 C  CZ  . TYR A 1 53 ? 4.304   8.577   -9.056  1.00 34.27 ? 450 TYR A CZ  1 
ATOM   397 O  OH  . TYR A 1 53 ? 3.742   9.779   -9.428  1.00 41.01 ? 450 TYR A OH  1 
ATOM   398 N  N   . ALA A 1 54 ? 5.011   2.758   -9.937  1.00 18.78 ? 451 ALA A N   1 
ATOM   399 C  CA  . ALA A 1 54 ? 4.328   2.420   -11.183 1.00 19.40 ? 451 ALA A CA  1 
ATOM   400 C  C   . ALA A 1 54 ? 3.144   1.487   -10.933 1.00 18.90 ? 451 ALA A C   1 
ATOM   401 O  O   . ALA A 1 54 ? 2.061   1.686   -11.488 1.00 19.39 ? 451 ALA A O   1 
ATOM   402 C  CB  . ALA A 1 54 ? 5.314   1.780   -12.164 1.00 20.25 ? 451 ALA A CB  1 
ATOM   403 N  N   . GLN A 1 55 ? 3.339   0.455   -10.102 1.00 18.29 ? 452 GLN A N   1 
ATOM   404 C  CA  . GLN A 1 55 ? 2.287   -0.537  -9.892  1.00 21.81 ? 452 GLN A CA  1 
ATOM   405 C  C   . GLN A 1 55 ? 1.100   0.071   -9.151  1.00 17.96 ? 452 GLN A C   1 
ATOM   406 O  O   . GLN A 1 55 ? -0.057  -0.179  -9.504  1.00 18.36 ? 452 GLN A O   1 
ATOM   407 C  CB  . GLN A 1 55 ? 2.825   -1.738  -9.107  1.00 20.81 ? 452 GLN A CB  1 
ATOM   408 C  CG  . GLN A 1 55 ? 3.828   -2.635  -9.858  1.00 24.08 ? 452 GLN A CG  1 
ATOM   409 C  CD  . GLN A 1 55 ? 3.239   -3.298  -11.096 1.00 34.57 ? 452 GLN A CD  1 
ATOM   410 O  OE1 . GLN A 1 55 ? 2.034   -3.557  -11.168 1.00 34.47 ? 452 GLN A OE1 1 
ATOM   411 N  NE2 . GLN A 1 55 ? 4.099   -3.597  -12.078 1.00 37.31 ? 452 GLN A NE2 1 
ATOM   412 N  N   . VAL A 1 56 ? 1.372   0.870   -8.121  1.00 17.61 ? 453 VAL A N   1 
ATOM   413 C  CA  . VAL A 1 56 ? 0.287   1.460   -7.340  1.00 17.78 ? 453 VAL A CA  1 
ATOM   414 C  C   . VAL A 1 56 ? -0.451  2.515   -8.160  1.00 19.74 ? 453 VAL A C   1 
ATOM   415 O  O   . VAL A 1 56 ? -1.685  2.598   -8.117  1.00 18.78 ? 453 VAL A O   1 
ATOM   416 C  CB  . VAL A 1 56 ? 0.845   2.023   -6.018  1.00 17.91 ? 453 VAL A CB  1 
ATOM   417 C  CG1 . VAL A 1 56 ? -0.271  2.750   -5.205  1.00 18.68 ? 453 VAL A CG1 1 
ATOM   418 C  CG2 . VAL A 1 56 ? 1.461   0.897   -5.200  1.00 17.82 ? 453 VAL A CG2 1 
ATOM   419 N  N   . THR A 1 57 ? 0.284   3.314   -8.941  1.00 18.74 ? 454 THR A N   1 
ATOM   420 C  CA  . THR A 1 57 ? -0.342  4.259   -9.865  1.00 19.91 ? 454 THR A CA  1 
ATOM   421 C  C   . THR A 1 57 ? -1.355  3.567   -10.769 1.00 20.24 ? 454 THR A C   1 
ATOM   422 O  O   . THR A 1 57 ? -2.481  4.038   -10.943 1.00 21.06 ? 454 THR A O   1 
ATOM   423 C  CB  . THR A 1 57 ? 0.729   4.957   -10.711 1.00 20.66 ? 454 THR A CB  1 
ATOM   424 O  OG1 . THR A 1 57 ? 1.541   5.776   -9.865  1.00 22.74 ? 454 THR A OG1 1 
ATOM   425 C  CG2 . THR A 1 57 ? 0.083   5.827   -11.773 1.00 27.26 ? 454 THR A CG2 1 
ATOM   426 N  N   . HIS A 1 58 ? -0.965  2.436   -11.359 1.00 20.02 ? 455 HIS A N   1 
ATOM   427 C  CA  . HIS A 1 58 ? -1.888  1.695   -12.209 1.00 20.84 ? 455 HIS A CA  1 
ATOM   428 C  C   . HIS A 1 58 ? -3.053  1.134   -11.403 1.00 20.53 ? 455 HIS A C   1 
ATOM   429 O  O   . HIS A 1 58 ? -4.209  1.212   -11.831 1.00 21.46 ? 455 HIS A O   1 
ATOM   430 C  CB  . HIS A 1 58 ? -1.147  0.564   -12.919 1.00 21.22 ? 455 HIS A CB  1 
ATOM   431 C  CG  . HIS A 1 58 ? -2.026  -0.285  -13.783 1.00 27.76 ? 455 HIS A CG  1 
ATOM   432 N  ND1 . HIS A 1 58 ? -2.650  0.199   -14.916 1.00 27.20 ? 455 HIS A ND1 1 
ATOM   433 C  CD2 . HIS A 1 58 ? -2.371  -1.593  -13.690 1.00 28.07 ? 455 HIS A CD2 1 
ATOM   434 C  CE1 . HIS A 1 58 ? -3.351  -0.774  -15.475 1.00 33.10 ? 455 HIS A CE1 1 
ATOM   435 N  NE2 . HIS A 1 58 ? -3.195  -1.872  -14.755 1.00 27.71 ? 455 HIS A NE2 1 
ATOM   436 N  N   . LEU A 1 59 ? -2.765  0.539   -10.244 1.00 19.59 ? 456 LEU A N   1 
ATOM   437 C  CA  . LEU A 1 59 ? -3.831  -0.106  -9.488  1.00 19.76 ? 456 LEU A CA  1 
ATOM   438 C  C   . LEU A 1 59 ? -4.893  0.905   -9.074  1.00 20.17 ? 456 LEU A C   1 
ATOM   439 O  O   . LEU A 1 59 ? -6.094  0.618   -9.145  1.00 20.96 ? 456 LEU A O   1 
ATOM   440 C  CB  . LEU A 1 59 ? -3.261  -0.819  -8.263  1.00 19.22 ? 456 LEU A CB  1 
ATOM   441 C  CG  . LEU A 1 59 ? -4.273  -1.632  -7.438  1.00 19.91 ? 456 LEU A CG  1 
ATOM   442 C  CD1 . LEU A 1 59 ? -4.787  -2.849  -8.213  1.00 22.53 ? 456 LEU A CD1 1 
ATOM   443 C  CD2 . LEU A 1 59 ? -3.675  -2.053  -6.098  1.00 20.33 ? 456 LEU A CD2 1 
ATOM   444 N  N   . PHE A 1 60 ? -4.468  2.100   -8.648  1.00 22.16 ? 457 PHE A N   1 
ATOM   445 C  CA  . PHE A 1 60 ? -5.381  3.123   -8.144  1.00 21.69 ? 457 PHE A CA  1 
ATOM   446 C  C   . PHE A 1 60 ? -5.696  4.200   -9.192  1.00 22.63 ? 457 PHE A C   1 
ATOM   447 O  O   . PHE A 1 60 ? -5.983  5.349   -8.837  1.00 22.49 ? 457 PHE A O   1 
ATOM   448 C  CB  . PHE A 1 60 ? -4.805  3.743   -6.868  1.00 20.40 ? 457 PHE A CB  1 
ATOM   449 C  CG  . PHE A 1 60 ? -4.697  2.775   -5.709  1.00 19.88 ? 457 PHE A CG  1 
ATOM   450 C  CD1 . PHE A 1 60 ? -5.479  1.627   -5.664  1.00 20.78 ? 457 PHE A CD1 1 
ATOM   451 C  CD2 . PHE A 1 60 ? -3.822  3.020   -4.657  1.00 19.02 ? 457 PHE A CD2 1 
ATOM   452 C  CE1 . PHE A 1 60 ? -5.381  0.733   -4.603  1.00 20.96 ? 457 PHE A CE1 1 
ATOM   453 C  CE2 . PHE A 1 60 ? -3.727  2.134   -3.582  1.00 19.47 ? 457 PHE A CE2 1 
ATOM   454 C  CZ  . PHE A 1 60 ? -4.505  0.984   -3.559  1.00 20.00 ? 457 PHE A CZ  1 
ATOM   455 N  N   . GLN A 1 61 ? -5.675  3.836   -10.483 1.00 24.07 ? 458 GLN A N   1 
ATOM   456 C  CA  . GLN A 1 61 ? -5.981  4.789   -11.550 1.00 25.53 ? 458 GLN A CA  1 
ATOM   457 C  C   . GLN A 1 61 ? -7.342  5.443   -11.344 1.00 25.80 ? 458 GLN A C   1 
ATOM   458 O  O   . GLN A 1 61 ? -7.512  6.633   -11.618 1.00 26.58 ? 458 GLN A O   1 
ATOM   459 C  CB  . GLN A 1 61 ? -5.925  4.078   -12.909 1.00 33.45 ? 458 GLN A CB  1 
ATOM   460 C  CG  . GLN A 1 61 ? -6.158  4.974   -14.119 1.00 45.72 ? 458 GLN A CG  1 
ATOM   461 C  CD  . GLN A 1 61 ? -5.429  4.487   -15.365 1.00 60.61 ? 458 GLN A CD  1 
ATOM   462 O  OE1 . GLN A 1 61 ? -6.042  3.980   -16.307 1.00 60.90 ? 458 GLN A OE1 1 
ATOM   463 N  NE2 . GLN A 1 61 ? -4.114  4.642   -15.374 1.00 72.61 ? 458 GLN A NE2 1 
ATOM   464 N  N   . ASN A 1 62 ? -8.319  4.685   -10.848 1.00 26.51 ? 459 ASN A N   1 
ATOM   465 C  CA  . ASN A 1 62 ? -9.653  5.195   -10.563 1.00 26.20 ? 459 ASN A CA  1 
ATOM   466 C  C   . ASN A 1 62 ? -9.834  5.549   -9.085  1.00 33.44 ? 459 ASN A C   1 
ATOM   467 O  O   . ASN A 1 62 ? -10.970 5.715   -8.625  1.00 26.89 ? 459 ASN A O   1 
ATOM   468 C  CB  . ASN A 1 62 ? -10.715 4.183   -11.006 1.00 28.65 ? 459 ASN A CB  1 
ATOM   469 C  CG  . ASN A 1 62 ? -12.115 4.788   -11.073 1.00 48.52 ? 459 ASN A CG  1 
ATOM   470 O  OD1 . ASN A 1 62 ? -12.305 5.889   -11.590 1.00 48.37 ? 459 ASN A OD1 1 
ATOM   471 N  ND2 . ASN A 1 62 ? -13.101 4.069   -10.535 1.00 52.99 ? 459 ASN A ND2 1 
ATOM   472 N  N   . ALA A 1 63 ? -8.743  5.662   -8.330  1.00 23.59 ? 460 ALA A N   1 
ATOM   473 C  CA  . ALA A 1 63 ? -8.798  6.088   -6.930  1.00 25.60 ? 460 ALA A CA  1 
ATOM   474 C  C   . ALA A 1 63 ? -7.690  7.105   -6.679  1.00 22.34 ? 460 ALA A C   1 
ATOM   475 O  O   . ALA A 1 63 ? -6.747  6.852   -5.921  1.00 21.33 ? 460 ALA A O   1 
ATOM   476 C  CB  . ALA A 1 63 ? -8.687  4.882   -5.989  1.00 22.45 ? 460 ALA A CB  1 
ATOM   477 N  N   . PRO A 1 64 ? -7.789  8.289   -7.297  1.00 23.50 ? 461 PRO A N   1 
ATOM   478 C  CA  . PRO A 1 64 ? -6.673  9.249   -7.217  1.00 33.47 ? 461 PRO A CA  1 
ATOM   479 C  C   . PRO A 1 64 ? -6.362  9.703   -5.801  1.00 32.80 ? 461 PRO A C   1 
ATOM   480 O  O   . PRO A 1 64 ? -5.199  10.019  -5.507  1.00 23.37 ? 461 PRO A O   1 
ATOM   481 C  CB  . PRO A 1 64 ? -7.145  10.416  -8.102  1.00 29.20 ? 461 PRO A CB  1 
ATOM   482 C  CG  . PRO A 1 64 ? -8.629  10.288  -8.167  1.00 27.77 ? 461 PRO A CG  1 
ATOM   483 C  CD  . PRO A 1 64 ? -8.917  8.811   -8.090  1.00 27.56 ? 461 PRO A CD  1 
ATOM   484 N  N   . ASP A 1 65 ? -7.355  9.722   -4.907  1.00 24.53 ? 462 ASP A N   1 
ATOM   485 C  CA  . ASP A 1 65 ? -7.070  10.090  -3.524  1.00 25.94 ? 462 ASP A CA  1 
ATOM   486 C  C   . ASP A 1 65 ? -6.203  9.039   -2.840  1.00 25.85 ? 462 ASP A C   1 
ATOM   487 O  O   . ASP A 1 65 ? -5.293  9.383   -2.076  1.00 22.72 ? 462 ASP A O   1 
ATOM   488 C  CB  . ASP A 1 65 ? -8.373  10.326  -2.747  1.00 27.20 ? 462 ASP A CB  1 
ATOM   489 C  CG  . ASP A 1 65 ? -9.237  9.065   -2.605  1.00 31.23 ? 462 ASP A CG  1 
ATOM   490 O  OD1 . ASP A 1 65 ? -9.465  8.357   -3.605  1.00 29.63 ? 462 ASP A OD1 1 
ATOM   491 O  OD2 . ASP A 1 65 ? -9.742  8.812   -1.490  1.00 36.96 ? 462 ASP A OD2 1 
ATOM   492 N  N   . LEU A 1 66 ? -6.465  7.753   -3.104  1.00 21.31 ? 463 LEU A N   1 
ATOM   493 C  CA  . LEU A 1 66 ? -5.637  6.708   -2.513  1.00 20.02 ? 463 LEU A CA  1 
ATOM   494 C  C   . LEU A 1 66 ? -4.231  6.756   -3.071  1.00 22.81 ? 463 LEU A C   1 
ATOM   495 O  O   . LEU A 1 66 ? -3.266  6.459   -2.359  1.00 18.98 ? 463 LEU A O   1 
ATOM   496 C  CB  . LEU A 1 66 ? -6.253  5.327   -2.752  1.00 19.91 ? 463 LEU A CB  1 
ATOM   497 C  CG  . LEU A 1 66 ? -7.612  5.130   -2.061  1.00 30.33 ? 463 LEU A CG  1 
ATOM   498 C  CD1 . LEU A 1 66 ? -8.153  3.720   -2.298  1.00 28.57 ? 463 LEU A CD1 1 
ATOM   499 C  CD2 . LEU A 1 66 ? -7.512  5.436   -0.568  1.00 21.46 ? 463 LEU A CD2 1 
ATOM   500 N  N   . LEU A 1 67 ? -4.096  7.138   -4.339  1.00 23.89 ? 464 LEU A N   1 
ATOM   501 C  CA  . LEU A 1 67 ? -2.769  7.254   -4.929  1.00 23.18 ? 464 LEU A CA  1 
ATOM   502 C  C   . LEU A 1 67 ? -1.965  8.358   -4.256  1.00 21.82 ? 464 LEU A C   1 
ATOM   503 O  O   . LEU A 1 67 ? -0.792  8.167   -3.911  1.00 21.79 ? 464 LEU A O   1 
ATOM   504 C  CB  . LEU A 1 67 ? -2.902  7.514   -6.425  1.00 24.58 ? 464 LEU A CB  1 
ATOM   505 C  CG  . LEU A 1 67 ? -1.592  7.543   -7.204  1.00 29.38 ? 464 LEU A CG  1 
ATOM   506 C  CD1 . LEU A 1 67 ? -0.750  6.330   -6.852  1.00 24.96 ? 464 LEU A CD1 1 
ATOM   507 C  CD2 . LEU A 1 67 ? -1.915  7.600   -8.685  1.00 29.26 ? 464 LEU A CD2 1 
ATOM   508 N  N   . GLU A 1 68 ? -2.577  9.535   -4.076  1.00 22.03 ? 465 GLU A N   1 
ATOM   509 C  CA  . GLU A 1 68 ? -1.882  10.636  -3.416  1.00 32.04 ? 465 GLU A CA  1 
ATOM   510 C  C   . GLU A 1 68 ? -1.496  10.268  -1.987  1.00 23.82 ? 465 GLU A C   1 
ATOM   511 O  O   . GLU A 1 68 ? -0.388  10.579  -1.539  1.00 26.62 ? 465 GLU A O   1 
ATOM   512 C  CB  . GLU A 1 68 ? -2.753  11.891  -3.429  1.00 36.13 ? 465 GLU A CB  1 
ATOM   513 C  CG  . GLU A 1 68 ? -2.770  12.630  -4.761  1.00 45.99 ? 465 GLU A CG  1 
ATOM   514 C  CD  . GLU A 1 68 ? -1.373  12.872  -5.328  1.00 52.79 ? 465 GLU A CD  1 
ATOM   515 O  OE1 . GLU A 1 68 ? -0.598  13.637  -4.707  1.00 54.41 ? 465 GLU A OE1 1 
ATOM   516 O  OE2 . GLU A 1 68 ? -1.056  12.296  -6.396  1.00 50.85 ? 465 GLU A OE2 1 
ATOM   517 N  N   . ASP A 1 69 ? -2.401  9.613   -1.256  1.00 21.77 ? 466 ASP A N   1 
ATOM   518 C  CA  . ASP A 1 69 ? -2.080  9.153   0.095   1.00 25.11 ? 466 ASP A CA  1 
ATOM   519 C  C   . ASP A 1 69 ? -0.867  8.232   0.087   1.00 29.84 ? 466 ASP A C   1 
ATOM   520 O  O   . ASP A 1 69 ? -0.019  8.295   0.987   1.00 22.34 ? 466 ASP A O   1 
ATOM   521 C  CB  . ASP A 1 69 ? -3.261  8.400   0.694   1.00 23.90 ? 466 ASP A CB  1 
ATOM   522 C  CG  . ASP A 1 69 ? -4.403  9.304   1.102   1.00 36.70 ? 466 ASP A CG  1 
ATOM   523 O  OD1 . ASP A 1 69 ? -4.221  10.539  1.147   1.00 35.85 ? 466 ASP A OD1 1 
ATOM   524 O  OD2 . ASP A 1 69 ? -5.491  8.752   1.380   1.00 35.94 ? 466 ASP A OD2 1 
ATOM   525 N  N   . PHE A 1 70 ? -0.790  7.338   -0.905  1.00 24.40 ? 467 PHE A N   1 
ATOM   526 C  CA  . PHE A 1 70 ? 0.337   6.418   -0.974  1.00 20.13 ? 467 PHE A CA  1 
ATOM   527 C  C   . PHE A 1 70 ? 1.650   7.175   -1.064  1.00 19.77 ? 467 PHE A C   1 
ATOM   528 O  O   . PHE A 1 70 ? 2.647   6.783   -0.450  1.00 19.80 ? 467 PHE A O   1 
ATOM   529 C  CB  . PHE A 1 70 ? 0.178   5.475   -2.168  1.00 19.93 ? 467 PHE A CB  1 
ATOM   530 C  CG  . PHE A 1 70 ? 1.392   4.623   -2.435  1.00 22.08 ? 467 PHE A CG  1 
ATOM   531 C  CD1 . PHE A 1 70 ? 1.649   3.498   -1.662  1.00 20.44 ? 467 PHE A CD1 1 
ATOM   532 C  CD2 . PHE A 1 70 ? 2.257   4.928   -3.466  1.00 27.33 ? 467 PHE A CD2 1 
ATOM   533 C  CE1 . PHE A 1 70 ? 2.759   2.702   -1.905  1.00 27.47 ? 467 PHE A CE1 1 
ATOM   534 C  CE2 . PHE A 1 70 ? 3.373   4.139   -3.716  1.00 27.02 ? 467 PHE A CE2 1 
ATOM   535 C  CZ  . PHE A 1 70 ? 3.620   3.023   -2.931  1.00 31.20 ? 467 PHE A CZ  1 
ATOM   536 N  N   . LYS A 1 71 ? 1.662   8.290   -1.794  1.00 21.03 ? 468 LYS A N   1 
ATOM   537 C  CA  . LYS A 1 71 ? 2.917   8.973   -2.061  1.00 22.65 ? 468 LYS A CA  1 
ATOM   538 C  C   . LYS A 1 71 ? 3.515   9.579   -0.800  1.00 26.56 ? 468 LYS A C   1 
ATOM   539 O  O   . LYS A 1 71 ? 4.727   9.796   -0.744  1.00 25.00 ? 468 LYS A O   1 
ATOM   540 C  CB  . LYS A 1 71 ? 2.706   10.041  -3.140  1.00 24.49 ? 468 LYS A CB  1 
ATOM   541 C  CG  . LYS A 1 71 ? 2.428   9.434   -4.522  1.00 30.30 ? 468 LYS A CG  1 
ATOM   542 C  CD  . LYS A 1 71 ? 2.159   10.486  -5.584  1.00 38.15 ? 468 LYS A CD  1 
ATOM   543 C  CE  . LYS A 1 71 ? 1.620   9.823   -6.851  1.00 46.56 ? 468 LYS A CE  1 
ATOM   544 N  NZ  . LYS A 1 71 ? 1.279   10.799  -7.924  1.00 51.29 ? 468 LYS A NZ  1 
ATOM   545 N  N   . LYS A 1 72 ? 2.697   9.816   0.227   1.00 23.55 ? 469 LYS A N   1 
ATOM   546 C  CA  . LYS A 1 72 ? 3.221   10.336  1.481   1.00 24.93 ? 469 LYS A CA  1 
ATOM   547 C  C   . LYS A 1 72 ? 4.136   9.344   2.180   1.00 24.13 ? 469 LYS A C   1 
ATOM   548 O  O   . LYS A 1 72 ? 4.903   9.743   3.062   1.00 25.63 ? 469 LYS A O   1 
ATOM   549 C  CB  . LYS A 1 72 ? 2.054   10.729  2.391   1.00 25.33 ? 469 LYS A CB  1 
ATOM   550 C  CG  . LYS A 1 72 ? 1.147   11.757  1.740   1.00 35.02 ? 469 LYS A CG  1 
ATOM   551 C  CD  . LYS A 1 72 ? 0.028   12.180  2.671   1.00 43.32 ? 469 LYS A CD  1 
ATOM   552 C  CE  . LYS A 1 72 ? -0.904  13.164  1.982   1.00 51.72 ? 469 LYS A CE  1 
ATOM   553 N  NZ  . LYS A 1 72 ? -2.336  12.837  2.252   1.00 54.59 ? 469 LYS A NZ  1 
ATOM   554 N  N   . PHE A 1 73 ? 4.084   8.069   1.811   1.00 22.24 ? 470 PHE A N   1 
ATOM   555 C  CA  . PHE A 1 73 ? 4.975   7.082   2.403   1.00 21.86 ? 470 PHE A CA  1 
ATOM   556 C  C   . PHE A 1 73 ? 6.296   6.936   1.649   1.00 23.34 ? 470 PHE A C   1 
ATOM   557 O  O   . PHE A 1 73 ? 7.184   6.222   2.126   1.00 23.19 ? 470 PHE A O   1 
ATOM   558 C  CB  . PHE A 1 73 ? 4.252   5.735   2.507   1.00 21.99 ? 470 PHE A CB  1 
ATOM   559 C  CG  . PHE A 1 73 ? 3.061   5.791   3.434   1.00 22.83 ? 470 PHE A CG  1 
ATOM   560 C  CD1 . PHE A 1 73 ? 1.796   6.047   2.933   1.00 19.97 ? 470 PHE A CD1 1 
ATOM   561 C  CD2 . PHE A 1 73 ? 3.229   5.666   4.811   1.00 21.32 ? 470 PHE A CD2 1 
ATOM   562 C  CE1 . PHE A 1 73 ? 0.689   6.148   3.787   1.00 20.55 ? 470 PHE A CE1 1 
ATOM   563 C  CE2 . PHE A 1 73 ? 2.127   5.761   5.676   1.00 22.01 ? 470 PHE A CE2 1 
ATOM   564 C  CZ  . PHE A 1 73 ? 0.858   6.009   5.159   1.00 21.66 ? 470 PHE A CZ  1 
ATOM   565 N  N   . LEU A 1 74 ? 6.470   7.640   0.528   1.00 25.48 ? 471 LEU A N   1 
ATOM   566 C  CA  . LEU A 1 74 ? 7.654   7.496   -0.309  1.00 24.47 ? 471 LEU A CA  1 
ATOM   567 C  C   . LEU A 1 74 ? 8.780   8.409   0.156   1.00 27.01 ? 471 LEU A C   1 
ATOM   568 O  O   . LEU A 1 74 ? 8.537   9.430   0.798   1.00 28.28 ? 471 LEU A O   1 
ATOM   569 C  CB  . LEU A 1 74 ? 7.295   7.789   -1.763  1.00 25.24 ? 471 LEU A CB  1 
ATOM   570 C  CG  . LEU A 1 74 ? 6.311   6.747   -2.315  1.00 25.27 ? 471 LEU A CG  1 
ATOM   571 C  CD1 . LEU A 1 74 ? 6.025   6.914   -3.804  1.00 23.57 ? 471 LEU A CD1 1 
ATOM   572 C  CD2 . LEU A 1 74 ? 6.777   5.328   -2.006  1.00 30.28 ? 471 LEU A CD2 1 
ATOM   573 N  N   . PRO A 1 75 ? 10.034  8.070   -0.177  1.00 31.19 ? 472 PRO A N   1 
ATOM   574 C  CA  . PRO A 1 75 ? 11.172  8.875   0.282   1.00 31.67 ? 472 PRO A CA  1 
ATOM   575 C  C   . PRO A 1 75 ? 11.005  10.351  -0.042  1.00 41.83 ? 472 PRO A C   1 
ATOM   576 O  O   . PRO A 1 75 ? 10.496  10.717  -1.106  1.00 41.03 ? 472 PRO A O   1 
ATOM   577 C  CB  . PRO A 1 75 ? 12.362  8.268   -0.471  1.00 38.15 ? 472 PRO A CB  1 
ATOM   578 C  CG  . PRO A 1 75 ? 11.981  6.854   -0.665  1.00 31.24 ? 472 PRO A CG  1 
ATOM   579 C  CD  . PRO A 1 75 ? 10.472  6.836   -0.848  1.00 27.43 ? 472 PRO A CD  1 
ATOM   580 N  N   . ASP A 1 76 ? 11.444  11.183  0.904   1.00 48.45 ? 473 ASP A N   1 
ATOM   581 C  CA  . ASP A 1 76 ? 11.261  12.639  0.947   1.00 66.62 ? 473 ASP A CA  1 
ATOM   582 C  C   . ASP A 1 76 ? 9.804   13.073  1.058   1.00 69.60 ? 473 ASP A C   1 
ATOM   583 O  O   . ASP A 1 76 ? 9.467   13.895  1.916   1.00 67.78 ? 473 ASP A O   1 
ATOM   584 C  CB  . ASP A 1 76 ? 11.903  13.305  -0.262  1.00 75.86 ? 473 ASP A CB  1 
ATOM   585 C  CG  . ASP A 1 76 ? 13.371  13.564  -0.052  1.00 86.05 ? 473 ASP A CG  1 
ATOM   586 O  OD1 . ASP A 1 76 ? 14.027  12.715  0.587   1.00 87.86 ? 473 ASP A OD1 1 
ATOM   587 O  OD2 . ASP A 1 76 ? 13.866  14.616  -0.510  1.00 96.77 ? 473 ASP A OD2 1 
ATOM   588 N  N   . LEU B 2 19 ? -5.656  -11.495 7.746   1.00 61.73 ? 516 LEU B N   1 
ATOM   589 C  CA  . LEU B 2 19 ? -6.735  -10.656 8.272   1.00 69.15 ? 516 LEU B CA  1 
ATOM   590 C  C   . LEU B 2 19 ? -6.224  -9.275  8.680   1.00 66.90 ? 516 LEU B C   1 
ATOM   591 O  O   . LEU B 2 19 ? -5.705  -8.531  7.844   1.00 60.31 ? 516 LEU B O   1 
ATOM   592 C  CB  . LEU B 2 19 ? -7.445  -11.372 9.441   1.00 72.54 ? 516 LEU B CB  1 
ATOM   593 C  CG  . LEU B 2 19 ? -6.722  -12.193 10.522  1.00 70.29 ? 516 LEU B CG  1 
ATOM   594 C  CD1 . LEU B 2 19 ? -5.711  -11.421 11.342  1.00 62.74 ? 516 LEU B CD1 1 
ATOM   595 C  CD2 . LEU B 2 19 ? -7.748  -12.831 11.453  1.00 76.37 ? 516 LEU B CD2 1 
ATOM   596 N  N   . ASP B 2 20 ? -6.392  -8.920  9.956   1.00 66.58 ? 517 ASP B N   1 
ATOM   597 C  CA  . ASP B 2 20 ? -5.604  -7.821  10.501  1.00 54.46 ? 517 ASP B CA  1 
ATOM   598 C  C   . ASP B 2 20 ? -4.114  -8.139  10.451  1.00 40.66 ? 517 ASP B C   1 
ATOM   599 O  O   . ASP B 2 20 ? -3.293  -7.217  10.528  1.00 35.34 ? 517 ASP B O   1 
ATOM   600 C  CB  . ASP B 2 20 ? -6.028  -7.506  11.938  1.00 59.98 ? 517 ASP B CB  1 
ATOM   601 C  CG  . ASP B 2 20 ? -5.690  -8.627  12.906  1.00 70.28 ? 517 ASP B CG  1 
ATOM   602 O  OD1 . ASP B 2 20 ? -6.597  -9.428  13.229  1.00 77.81 ? 517 ASP B OD1 1 
ATOM   603 O  OD2 . ASP B 2 20 ? -4.519  -8.712  13.339  1.00 65.99 ? 517 ASP B OD2 1 
ATOM   604 N  N   . ASP B 2 21 ? -3.758  -9.427  10.332  1.00 38.98 ? 518 ASP B N   1 
ATOM   605 C  CA  . ASP B 2 21 ? -2.378  -9.830  10.061  1.00 34.91 ? 518 ASP B CA  1 
ATOM   606 C  C   . ASP B 2 21 ? -1.889  -9.271  8.729   1.00 29.99 ? 518 ASP B C   1 
ATOM   607 O  O   . ASP B 2 21 ? -0.834  -8.630  8.657   1.00 26.43 ? 518 ASP B O   1 
ATOM   608 C  CB  . ASP B 2 21 ? -2.256  -11.353 10.047  1.00 36.30 ? 518 ASP B CB  1 
ATOM   609 C  CG  . ASP B 2 21 ? -2.179  -11.956 11.437  1.00 47.68 ? 518 ASP B CG  1 
ATOM   610 O  OD1 . ASP B 2 21 ? -2.114  -11.197 12.429  1.00 46.51 ? 518 ASP B OD1 1 
ATOM   611 O  OD2 . ASP B 2 21 ? -2.179  -13.201 11.527  1.00 53.85 ? 518 ASP B OD2 1 
ATOM   612 N  N   . ASP B 2 22 ? -2.621  -9.562  7.647   1.00 28.44 ? 519 ASP B N   1 
ATOM   613 C  CA  . ASP B 2 22 ? -2.236  -9.068  6.328   1.00 31.90 ? 519 ASP B CA  1 
ATOM   614 C  C   . ASP B 2 22 ? -2.186  -7.547  6.316   1.00 33.07 ? 519 ASP B C   1 
ATOM   615 O  O   . ASP B 2 22 ? -1.336  -6.948  5.648   1.00 24.09 ? 519 ASP B O   1 
ATOM   616 C  CB  . ASP B 2 22 ? -3.220  -9.577  5.272   1.00 39.36 ? 519 ASP B CB  1 
ATOM   617 C  CG  . ASP B 2 22 ? -3.033  -11.047 4.962   1.00 50.68 ? 519 ASP B CG  1 
ATOM   618 O  OD1 . ASP B 2 22 ? -1.958  -11.590 5.301   1.00 54.58 ? 519 ASP B OD1 1 
ATOM   619 O  OD2 . ASP B 2 22 ? -3.957  -11.658 4.379   1.00 48.71 ? 519 ASP B OD2 1 
ATOM   620 N  N   . LEU B 2 23 ? -3.099  -6.909  7.048   1.00 31.22 ? 520 LEU B N   1 
ATOM   621 C  CA  . LEU B 2 23 ? -3.133  -5.456  7.114   1.00 30.47 ? 520 LEU B CA  1 
ATOM   622 C  C   . LEU B 2 23 ? -1.890  -4.911  7.812   1.00 28.92 ? 520 LEU B C   1 
ATOM   623 O  O   . LEU B 2 23 ? -1.238  -3.987  7.307   1.00 27.58 ? 520 LEU B O   1 
ATOM   624 C  CB  . LEU B 2 23 ? -4.414  -5.007  7.828   1.00 36.40 ? 520 LEU B CB  1 
ATOM   625 C  CG  . LEU B 2 23 ? -4.861  -3.556  7.637   1.00 37.67 ? 520 LEU B CG  1 
ATOM   626 C  CD1 . LEU B 2 23 ? -6.338  -3.394  7.965   1.00 37.89 ? 520 LEU B CD1 1 
ATOM   627 C  CD2 . LEU B 2 23 ? -4.022  -2.626  8.503   1.00 41.13 ? 520 LEU B CD2 1 
ATOM   628 N  N   . GLY B 2 24 ? -1.558  -5.459  8.984   1.00 22.64 ? 521 GLY B N   1 
ATOM   629 C  CA  . GLY B 2 24 ? -0.369  -5.010  9.691   1.00 22.01 ? 521 GLY B CA  1 
ATOM   630 C  C   . GLY B 2 24 ? 0.915   -5.315  8.935   1.00 22.67 ? 521 GLY B C   1 
ATOM   631 O  O   . GLY B 2 24 ? 1.862   -4.524  8.955   1.00 21.75 ? 521 GLY B O   1 
ATOM   632 N  N   . THR B 2 25 ? 0.961   -6.462  8.260   1.00 21.87 ? 522 THR B N   1 
ATOM   633 C  CA  . THR B 2 25 ? 2.114   -6.767  7.414   1.00 21.88 ? 522 THR B CA  1 
ATOM   634 C  C   . THR B 2 25 ? 2.313   -5.701  6.344   1.00 20.74 ? 522 THR B C   1 
ATOM   635 O  O   . THR B 2 25 ? 3.431   -5.217  6.139   1.00 20.49 ? 522 THR B O   1 
ATOM   636 C  CB  . THR B 2 25 ? 1.938   -8.141  6.778   1.00 23.63 ? 522 THR B CB  1 
ATOM   637 O  OG1 . THR B 2 25 ? 2.051   -9.129  7.794   1.00 25.64 ? 522 THR B OG1 1 
ATOM   638 C  CG2 . THR B 2 25 ? 3.014   -8.389  5.715   1.00 24.28 ? 522 THR B CG2 1 
ATOM   639 N  N   . ALA B 2 26 ? 1.247   -5.338  5.629   1.00 21.58 ? 523 ALA B N   1 
ATOM   640 C  CA  . ALA B 2 26 ? 1.373   -4.303  4.607   1.00 23.57 ? 523 ALA B CA  1 
ATOM   641 C  C   . ALA B 2 26 ? 1.787   -2.969  5.223   1.00 21.03 ? 523 ALA B C   1 
ATOM   642 O  O   . ALA B 2 26 ? 2.603   -2.236  4.656   1.00 18.92 ? 523 ALA B O   1 
ATOM   643 C  CB  . ALA B 2 26 ? 0.064   -4.155  3.844   1.00 21.09 ? 523 ALA B CB  1 
ATOM   644 N  N   . ALA B 2 27 ? 1.237   -2.642  6.390   1.00 23.69 ? 524 ALA B N   1 
ATOM   645 C  CA  . ALA B 2 27 ? 1.608   -1.399  7.056   1.00 20.55 ? 524 ALA B CA  1 
ATOM   646 C  C   . ALA B 2 27 ? 3.087   -1.372  7.402   1.00 20.02 ? 524 ALA B C   1 
ATOM   647 O  O   . ALA B 2 27 ? 3.740   -0.332  7.266   1.00 20.60 ? 524 ALA B O   1 
ATOM   648 C  CB  . ALA B 2 27 ? 0.773   -1.205  8.319   1.00 20.86 ? 524 ALA B CB  1 
ATOM   649 N  N   . ALA B 2 28 ? 3.633   -2.502  7.859   1.00 20.29 ? 525 ALA B N   1 
ATOM   650 C  CA  . ALA B 2 28 ? 5.043   -2.533  8.228   1.00 21.43 ? 525 ALA B CA  1 
ATOM   651 C  C   . ALA B 2 28 ? 5.929   -2.294  7.014   1.00 21.17 ? 525 ALA B C   1 
ATOM   652 O  O   . ALA B 2 28 ? 6.931   -1.576  7.098   1.00 22.38 ? 525 ALA B O   1 
ATOM   653 C  CB  . ALA B 2 28 ? 5.391   -3.863  8.890   1.00 22.44 ? 525 ALA B CB  1 
ATOM   654 N  N   . VAL B 2 29 ? 5.576   -2.894  5.879   1.00 20.25 ? 526 VAL B N   1 
ATOM   655 C  CA  . VAL B 2 29 ? 6.364   -2.707  4.664   1.00 20.41 ? 526 VAL B CA  1 
ATOM   656 C  C   . VAL B 2 29 ? 6.237   -1.273  4.169   1.00 21.88 ? 526 VAL B C   1 
ATOM   657 O  O   . VAL B 2 29 ? 7.234   -0.607  3.856   1.00 22.22 ? 526 VAL B O   1 
ATOM   658 C  CB  . VAL B 2 29 ? 5.918   -3.718  3.595   1.00 20.55 ? 526 VAL B CB  1 
ATOM   659 C  CG1 . VAL B 2 29 ? 6.609   -3.421  2.248   1.00 23.44 ? 526 VAL B CG1 1 
ATOM   660 C  CG2 . VAL B 2 29 ? 6.212   -5.145  4.078   1.00 21.79 ? 526 VAL B CG2 1 
ATOM   661 N  N   . LEU B 2 30 ? 5.002   -0.781  4.084   1.00 19.30 ? 527 LEU B N   1 
ATOM   662 C  CA  . LEU B 2 30 ? 4.763   0.591   3.664   1.00 19.59 ? 527 LEU B CA  1 
ATOM   663 C  C   . LEU B 2 30 ? 5.541   1.576   4.529   1.00 26.77 ? 527 LEU B C   1 
ATOM   664 O  O   . LEU B 2 30 ? 6.180   2.502   4.015   1.00 27.97 ? 527 LEU B O   1 
ATOM   665 C  CB  . LEU B 2 30 ? 3.263   0.887   3.731   1.00 19.55 ? 527 LEU B CB  1 
ATOM   666 C  CG  . LEU B 2 30 ? 2.741   2.123   3.023   1.00 32.88 ? 527 LEU B CG  1 
ATOM   667 C  CD1 . LEU B 2 30 ? 3.135   2.124   1.549   1.00 25.62 ? 527 LEU B CD1 1 
ATOM   668 C  CD2 . LEU B 2 30 ? 1.225   2.170   3.195   1.00 27.20 ? 527 LEU B CD2 1 
ATOM   669 N  N   . SER B 2 31 ? 5.504   1.390   5.851   1.00 24.36 ? 528 SER B N   1 
ATOM   670 C  CA  . SER B 2 31 ? 6.039   2.412   6.744   1.00 24.05 ? 528 SER B CA  1 
ATOM   671 C  C   . SER B 2 31 ? 7.557   2.422   6.764   1.00 33.09 ? 528 SER B C   1 
ATOM   672 O  O   . SER B 2 31 ? 8.149   3.342   7.337   1.00 35.95 ? 528 SER B O   1 
ATOM   673 C  CB  . SER B 2 31 ? 5.492   2.224   8.164   1.00 27.13 ? 528 SER B CB  1 
ATOM   674 O  OG  . SER B 2 31 ? 6.081   1.114   8.815   1.00 30.83 ? 528 SER B OG  1 
ATOM   675 N  N   . ASN B 2 32 ? 8.192   1.438   6.134   1.00 29.88 ? 529 ASN B N   1 
ATOM   676 C  CA  . ASN B 2 32 ? 9.641   1.390   6.029   1.00 37.63 ? 529 ASN B CA  1 
ATOM   677 C  C   . ASN B 2 32 ? 10.171  1.705   4.630   1.00 30.59 ? 529 ASN B C   1 
ATOM   678 O  O   . ASN B 2 32 ? 11.361  1.491   4.383   1.00 33.09 ? 529 ASN B O   1 
ATOM   679 C  CB  . ASN B 2 32 ? 10.148  0.019   6.477   1.00 42.59 ? 529 ASN B CB  1 
ATOM   680 C  CG  . ASN B 2 32 ? 10.093  -0.154  7.982   1.00 53.50 ? 529 ASN B CG  1 
ATOM   681 O  OD1 . ASN B 2 32 ? 10.505  0.730   8.734   1.00 53.20 ? 529 ASN B OD1 1 
ATOM   682 N  ND2 . ASN B 2 32 ? 9.579   -1.295  8.429   1.00 59.33 ? 529 ASN B ND2 1 
ATOM   683 N  N   . MET B 2 33 ? 9.346   2.220   3.707   1.00 28.68 ? 530 MET B N   1 
ATOM   684 C  CA  . MET B 2 33 ? 9.951   2.596   2.425   1.00 35.96 ? 530 MET B CA  1 
ATOM   685 C  C   . MET B 2 33 ? 10.686  3.934   2.485   1.00 40.30 ? 530 MET B C   1 
ATOM   686 O  O   . MET B 2 33 ? 11.610  4.162   1.701   1.00 42.53 ? 530 MET B O   1 
ATOM   687 C  CB  . MET B 2 33 ? 8.930   2.618   1.277   1.00 29.79 ? 530 MET B CB  1 
ATOM   688 C  CG  . MET B 2 33 ? 7.915   1.486   1.251   1.00 28.32 ? 530 MET B CG  1 
ATOM   689 S  SD  . MET B 2 33 ? 6.638   1.668   -0.016  1.00 32.69 ? 530 MET B SD  1 
ATOM   690 C  CE  . MET B 2 33 ? 7.494   1.023   -1.444  1.00 47.54 ? 530 MET B CE  1 
ATOM   691 N  N   . ARG B 2 34 ? 10.329  4.827   3.394   1.00 38.19 ? 531 ARG B N   1 
ATOM   692 C  CA  . ARG B 2 34 ? 10.988  6.134   3.393   1.00 47.77 ? 531 ARG B CA  1 
ATOM   693 C  C   . ARG B 2 34 ? 12.235  6.121   4.263   1.00 52.73 ? 531 ARG B C   1 
ATOM   694 O  O   . ARG B 2 34 ? 12.762  5.058   4.580   1.00 54.89 ? 531 ARG B O   1 
ATOM   695 C  CB  . ARG B 2 34 ? 10.028  7.226   3.860   1.00 51.65 ? 531 ARG B CB  1 
ATOM   696 C  CG  . ARG B 2 34 ? 9.943   7.382   5.362   1.00 61.68 ? 531 ARG B CG  1 
ATOM   697 C  CD  . ARG B 2 34 ? 9.591   8.816   5.749   1.00 69.81 ? 531 ARG B CD  1 
ATOM   698 N  NE  . ARG B 2 34 ? 8.575   9.398   4.874   1.00 69.54 ? 531 ARG B NE  1 
ATOM   699 C  CZ  . ARG B 2 34 ? 8.831   10.251  3.889   1.00 73.52 ? 531 ARG B CZ  1 
ATOM   700 N  NH1 . ARG B 2 34 ? 10.078  10.629  3.642   1.00 79.32 ? 531 ARG B NH1 1 
ATOM   701 N  NH2 . ARG B 2 34 ? 7.839   10.727  3.150   1.00 73.30 ? 531 ARG B NH2 1 
HETATM 702 BR BR  L BR  C 3 .  ? -13.200 0.992   -9.274  0.56 28.92 ? 501 BR  A BR  1 
HETATM 703 BR BR  L BR  D 3 .  ? -6.600  -8.008  5.615   0.35 46.22 ? 502 BR  A BR  1 
HETATM 704 BR BR  L BR  E 3 .  ? 4.010   -6.531  -8.379  0.35 42.20 ? 503 BR  A BR  1 
HETATM 705 BR BR  L BR  F 3 .  ? -12.594 -8.314  -6.789  0.43 50.51 ? 504 BR  A BR  1 
HETATM 706 O  O   . HOH G 4 .  ? -2.882  -10.800 -6.568  1.00 49.24 ? 601 HOH A O   1 
HETATM 707 O  O   . HOH G 4 .  ? -3.112  5.613   -13.991 1.00 50.60 ? 602 HOH A O   1 
HETATM 708 O  O   . HOH G 4 .  ? 5.612   5.914   20.632  1.00 42.43 ? 603 HOH A O   1 
HETATM 709 O  O   . HOH G 4 .  ? -0.897  2.227   15.327  0.50 50.41 ? 604 HOH A O   1 
HETATM 710 O  O   . HOH G 4 .  ? 7.393   2.528   13.912  1.00 43.07 ? 605 HOH A O   1 
HETATM 711 O  O   . HOH G 4 .  ? -6.615  8.344   -12.934 0.50 40.57 ? 606 HOH A O   1 
HETATM 712 O  O   . HOH G 4 .  ? 3.223   6.432   19.809  1.00 51.19 ? 607 HOH A O   1 
HETATM 713 O  O   . HOH G 4 .  ? 7.430   -4.245  -13.705 1.00 50.25 ? 608 HOH A O   1 
HETATM 714 O  O   . HOH G 4 .  ? -2.581  2.455   -16.089 1.00 44.42 ? 609 HOH A O   1 
HETATM 715 O  O   . HOH G 4 .  ? -9.763  10.458  0.633   1.00 38.94 ? 610 HOH A O   1 
HETATM 716 O  O   . HOH G 4 .  ? 14.920  10.867  -1.008  1.00 43.39 ? 611 HOH A O   1 
HETATM 717 O  O   . HOH G 4 .  ? -14.939 -0.688  -4.651  1.00 17.49 ? 612 HOH A O   1 
HETATM 718 O  O   . HOH G 4 .  ? -21.018 -2.780  -3.894  1.00 48.11 ? 613 HOH A O   1 
HETATM 719 O  O   . HOH G 4 .  ? 6.508   -9.266  5.050   0.50 29.32 ? 614 HOH A O   1 
HETATM 720 O  O   . HOH G 4 .  ? -12.635 -2.430  -11.000 1.00 41.27 ? 615 HOH A O   1 
HETATM 721 O  O   . HOH G 4 .  ? 7.411   5.006   4.475   1.00 26.34 ? 616 HOH A O   1 
HETATM 722 O  O   . HOH G 4 .  ? 6.150   12.040  -0.796  1.00 48.94 ? 617 HOH A O   1 
HETATM 723 O  O   . HOH G 4 .  ? 3.186   -11.149 -3.776  1.00 35.99 ? 618 HOH A O   1 
HETATM 724 O  O   . HOH G 4 .  ? -11.175 -5.089  0.486   1.00 21.84 ? 619 HOH A O   1 
HETATM 725 O  O   . HOH G 4 .  ? 7.149   4.703   -12.313 1.00 35.31 ? 620 HOH A O   1 
HETATM 726 O  O   . HOH G 4 .  ? -8.398  1.998   -9.612  1.00 26.32 ? 621 HOH A O   1 
HETATM 727 O  O   . HOH G 4 .  ? -8.704  3.968   7.928   1.00 23.52 ? 622 HOH A O   1 
HETATM 728 O  O   . HOH G 4 .  ? -10.844 -9.626  5.992   1.00 48.02 ? 623 HOH A O   1 
HETATM 729 O  O   . HOH G 4 .  ? 1.645   -6.884  1.998   1.00 19.51 ? 624 HOH A O   1 
HETATM 730 O  O   . HOH G 4 .  ? -16.040 1.958   1.639   1.00 26.03 ? 625 HOH A O   1 
HETATM 731 O  O   . HOH G 4 .  ? -11.485 8.777   -5.509  1.00 40.73 ? 626 HOH A O   1 
HETATM 732 O  O   . HOH G 4 .  ? -0.663  -2.710  -10.572 1.00 25.45 ? 627 HOH A O   1 
HETATM 733 O  O   . HOH G 4 .  ? 1.945   3.253   -13.822 1.00 30.27 ? 628 HOH A O   1 
HETATM 734 O  O   . HOH G 4 .  ? -6.317  0.051   -13.404 1.00 39.10 ? 629 HOH A O   1 
HETATM 735 O  O   . HOH G 4 .  ? 4.089   -13.321 1.990   1.00 42.92 ? 630 HOH A O   1 
HETATM 736 O  O   . HOH G 4 .  ? -3.583  11.195  -7.575  1.00 35.45 ? 631 HOH A O   1 
HETATM 737 O  O   . HOH G 4 .  ? -12.174 4.069   2.786   1.00 47.60 ? 632 HOH A O   1 
HETATM 738 O  O   . HOH G 4 .  ? 1.022   13.080  -1.960  1.00 40.65 ? 633 HOH A O   1 
HETATM 739 O  O   . HOH G 4 .  ? -5.767  -10.159 -6.835  1.00 39.98 ? 634 HOH A O   1 
HETATM 740 O  O   . HOH G 4 .  ? 6.610   -5.112  -9.093  1.00 50.33 ? 635 HOH A O   1 
HETATM 741 O  O   . HOH G 4 .  ? -12.303 6.721   1.954   1.00 38.13 ? 636 HOH A O   1 
HETATM 742 O  O   . HOH G 4 .  ? -3.119  7.601   6.973   1.00 32.88 ? 637 HOH A O   1 
HETATM 743 O  O   . HOH G 4 .  ? 6.139   -4.668  -6.408  1.00 35.88 ? 638 HOH A O   1 
HETATM 744 O  O   . HOH G 4 .  ? -7.758  -1.343  -10.691 1.00 48.44 ? 639 HOH A O   1 
HETATM 745 O  O   . HOH G 4 .  ? 2.408   9.471   -12.108 1.00 45.21 ? 640 HOH A O   1 
HETATM 746 O  O   . HOH G 4 .  ? 4.433   11.303  10.507  1.00 48.51 ? 641 HOH A O   1 
HETATM 747 O  O   . HOH G 4 .  ? 12.035  -5.977  5.737   1.00 52.26 ? 642 HOH A O   1 
HETATM 748 O  O   . HOH G 4 .  ? -13.003 1.782   8.388   1.00 48.75 ? 643 HOH A O   1 
HETATM 749 O  O   . HOH G 4 .  ? 0.856   8.739   -10.221 1.00 37.32 ? 644 HOH A O   1 
HETATM 750 O  O   . HOH G 4 .  ? -3.041  6.795   -12.239 1.00 50.61 ? 645 HOH A O   1 
HETATM 751 O  O   . HOH G 4 .  ? -6.356  -6.001  -9.549  1.00 43.22 ? 646 HOH A O   1 
HETATM 752 O  O   . HOH G 4 .  ? 5.476   -0.946  -14.015 1.00 47.94 ? 647 HOH A O   1 
HETATM 753 O  O   . HOH G 4 .  ? -4.914  7.286   -13.726 1.00 43.54 ? 648 HOH A O   1 
HETATM 754 O  O   . HOH G 4 .  ? 2.826   -8.404  -7.622  1.00 35.96 ? 649 HOH A O   1 
HETATM 755 O  O   . HOH G 4 .  ? 3.236   -5.192  -14.877 1.00 41.16 ? 650 HOH A O   1 
HETATM 756 O  O   . HOH G 4 .  ? -4.187  -12.164 0.556   1.00 55.04 ? 651 HOH A O   1 
HETATM 757 O  O   . HOH G 4 .  ? -14.521 4.075   1.264   1.00 37.12 ? 652 HOH A O   1 
HETATM 758 O  O   . HOH G 4 .  ? 10.739  -3.928  3.876   1.00 40.08 ? 653 HOH A O   1 
HETATM 759 O  O   . HOH G 4 .  ? 2.825   9.256   6.184   1.00 50.69 ? 654 HOH A O   1 
HETATM 760 O  O   . HOH G 4 .  ? -13.571 -4.060  4.451   1.00 39.48 ? 655 HOH A O   1 
HETATM 761 O  O   . HOH G 4 .  ? 6.891   8.652   16.011  1.00 46.77 ? 656 HOH A O   1 
HETATM 762 O  O   . HOH G 4 .  ? -3.837  8.163   4.474   1.00 55.48 ? 657 HOH A O   1 
HETATM 763 O  O   . HOH G 4 .  ? 2.105   -12.433 -1.809  1.00 39.37 ? 658 HOH A O   1 
HETATM 764 O  O   . HOH G 4 .  ? -6.190  7.143   6.475   1.00 44.22 ? 659 HOH A O   1 
HETATM 765 O  O   . HOH G 4 .  ? -4.667  -9.218  -9.323  1.00 52.08 ? 660 HOH A O   1 
HETATM 766 O  O   . HOH G 4 .  ? -11.429 4.439   6.285   1.00 53.35 ? 661 HOH A O   1 
HETATM 767 O  O   . HOH G 4 .  ? -19.184 -7.060  -0.542  1.00 56.01 ? 662 HOH A O   1 
HETATM 768 O  O   . HOH G 4 .  ? -11.385 -7.230  -8.194  1.00 52.78 ? 663 HOH A O   1 
HETATM 769 O  O   . HOH G 4 .  ? 2.576   -12.482 -6.439  1.00 50.25 ? 664 HOH A O   1 
HETATM 770 O  O   . HOH G 4 .  ? 3.670   13.649  -1.212  1.00 48.32 ? 665 HOH A O   1 
HETATM 771 O  O   . HOH G 4 .  ? -11.297 -7.445  1.817   1.00 41.88 ? 666 HOH A O   1 
HETATM 772 O  O   . HOH G 4 .  ? -14.665 0.621   -12.004 1.00 53.92 ? 667 HOH A O   1 
HETATM 773 O  O   . HOH G 4 .  ? -19.329 -4.654  0.634   1.00 37.12 ? 668 HOH A O   1 
HETATM 774 O  O   . HOH G 4 .  ? -16.970 -7.319  3.332   1.00 52.07 ? 669 HOH A O   1 
HETATM 775 O  O   . HOH G 4 .  ? -10.227 -10.528 7.910   1.00 58.30 ? 670 HOH A O   1 
HETATM 776 O  O   . HOH G 4 .  ? -10.214 0.280   -10.292 1.00 44.53 ? 671 HOH A O   1 
HETATM 777 O  O   . HOH G 4 .  ? -10.171 -9.329  1.589   1.00 51.27 ? 672 HOH A O   1 
HETATM 778 O  O   . HOH G 4 .  ? -0.532  7.434   -15.541 1.00 42.06 ? 673 HOH A O   1 
HETATM 779 O  O   . HOH G 4 .  ? 5.991   10.742  -5.060  1.00 45.19 ? 674 HOH A O   1 
HETATM 780 O  O   . HOH G 4 .  ? 0.064   9.675   5.575   1.00 47.58 ? 675 HOH A O   1 
HETATM 781 O  O   . HOH G 4 .  ? 0.642   0.108   17.462  0.50 34.73 ? 676 HOH A O   1 
HETATM 782 O  O   . HOH G 4 .  ? -1.470  9.775   -11.588 1.00 46.43 ? 677 HOH A O   1 
HETATM 783 O  O   . HOH G 4 .  ? -1.869  8.428   -13.598 1.00 50.00 ? 678 HOH A O   1 
HETATM 784 O  O   . HOH G 4 .  ? -13.380 1.708   -14.644 0.50 45.34 ? 679 HOH A O   1 
HETATM 785 O  O   . HOH G 4 .  ? -4.130  10.283  -10.219 1.00 46.81 ? 680 HOH A O   1 
HETATM 786 O  O   . HOH G 4 .  ? -2.719  -16.503 -8.528  1.00 56.00 ? 681 HOH A O   1 
HETATM 787 O  O   . HOH H 4 .  ? 6.663   12.104  1.856   1.00 54.33 ? 601 HOH B O   1 
HETATM 788 O  O   . HOH H 4 .  ? 11.620  4.362   6.401   1.00 49.82 ? 602 HOH B O   1 
HETATM 789 O  O   . HOH H 4 .  ? 13.484  3.078   0.401   1.00 45.98 ? 603 HOH B O   1 
HETATM 790 O  O   . HOH H 4 .  ? 4.431   -9.173  8.737   1.00 21.21 ? 604 HOH B O   1 
HETATM 791 O  O   . HOH H 4 .  ? -1.561  -14.979 9.572   1.00 50.08 ? 605 HOH B O   1 
HETATM 792 O  O   . HOH H 4 .  ? 9.811   -1.427  3.280   1.00 32.48 ? 606 HOH B O   1 
HETATM 793 O  O   . HOH H 4 .  ? 0.106   -8.239  3.631   1.00 26.06 ? 607 HOH B O   1 
HETATM 794 O  O   . HOH H 4 .  ? -6.371  -10.109 3.689   1.00 54.17 ? 608 HOH B O   1 
HETATM 795 O  O   . HOH H 4 .  ? 6.980   6.188   6.704   1.00 38.01 ? 609 HOH B O   1 
HETATM 796 O  O   . HOH H 4 .  ? 12.964  2.740   7.799   1.00 51.05 ? 610 HOH B O   1 
HETATM 797 O  O   . HOH H 4 .  ? 5.560   8.777   6.235   1.00 40.44 ? 611 HOH B O   1 
HETATM 798 O  O   . HOH H 4 .  ? -9.467  -13.561 4.733   1.00 53.05 ? 612 HOH B O   1 
# 
loop_
_atom_site_anisotrop.id 
_atom_site_anisotrop.type_symbol 
_atom_site_anisotrop.pdbx_label_atom_id 
_atom_site_anisotrop.pdbx_label_alt_id 
_atom_site_anisotrop.pdbx_label_comp_id 
_atom_site_anisotrop.pdbx_label_asym_id 
_atom_site_anisotrop.pdbx_label_seq_id 
_atom_site_anisotrop.pdbx_PDB_ins_code 
_atom_site_anisotrop.U[1][1] 
_atom_site_anisotrop.U[2][2] 
_atom_site_anisotrop.U[3][3] 
_atom_site_anisotrop.U[1][2] 
_atom_site_anisotrop.U[1][3] 
_atom_site_anisotrop.U[2][3] 
_atom_site_anisotrop.pdbx_auth_seq_id 
_atom_site_anisotrop.pdbx_auth_comp_id 
_atom_site_anisotrop.pdbx_auth_asym_id 
_atom_site_anisotrop.pdbx_auth_atom_id 
1   N N   . ASP A 8  ? 0.4596 0.5473 0.6463 0.0558  -0.0547 -0.0783 405 ASP A N   
2   C CA  . ASP A 8  ? 0.5836 0.6235 0.7088 0.0756  -0.0691 -0.0844 405 ASP A CA  
3   C C   . ASP A 8  ? 0.5389 0.5429 0.6382 0.0625  -0.0568 -0.0727 405 ASP A C   
4   O O   . ASP A 8  ? 0.5016 0.4876 0.5580 0.0695  -0.0385 -0.0613 405 ASP A O   
5   C CB  . ASP A 8  ? 0.6746 0.7122 0.8097 0.0885  -0.1075 -0.1099 405 ASP A CB  
6   C CG  . ASP A 8  ? 0.8110 0.7984 0.8709 0.1167  -0.1184 -0.1159 405 ASP A CG  
7   O OD1 . ASP A 8  ? 0.9027 0.8693 0.9556 0.1256  -0.1475 -0.1335 405 ASP A OD1 
8   O OD2 . ASP A 8  ? 0.8610 0.8275 0.8661 0.1286  -0.0967 -0.1029 405 ASP A OD2 
9   N N   . VAL A 9  ? 0.4613 0.4528 0.5842 0.0447  -0.0696 -0.0777 406 VAL A N   
10  C CA  . VAL A 9  ? 0.3091 0.2677 0.4094 0.0345  -0.0578 -0.0665 406 VAL A CA  
11  C C   . VAL A 9  ? 0.3013 0.2709 0.4103 0.0200  -0.0272 -0.0458 406 VAL A C   
12  O O   . VAL A 9  ? 0.2781 0.2320 0.3539 0.0268  -0.0129 -0.0366 406 VAL A O   
13  C CB  . VAL A 9  ? 0.3914 0.3190 0.5048 0.0176  -0.0795 -0.0748 406 VAL A CB  
14  C CG1 . VAL A 9  ? 0.3917 0.2818 0.4820 0.0062  -0.0655 -0.0610 406 VAL A CG1 
15  C CG2 . VAL A 9  ? 0.3800 0.2779 0.4591 0.0420  -0.1108 -0.0951 406 VAL A CG2 
16  N N   . GLU A 10 ? 0.2796 0.2811 0.4343 0.0023  -0.0172 -0.0407 407 GLU A N   
17  C CA  . GLU A 10 ? 0.2689 0.2763 0.4231 -0.0068 0.0131  -0.0210 407 GLU A CA  
18  C C   . GLU A 10 ? 0.2468 0.2588 0.3661 0.0160  0.0245  -0.0151 407 GLU A C   
19  O O   . GLU A 10 ? 0.2449 0.2378 0.3364 0.0170  0.0408  -0.0021 407 GLU A O   
20  C CB  . GLU A 10 ? 0.2831 0.3357 0.4960 -0.0270 0.0259  -0.0184 407 GLU A CB  
21  C CG  . GLU A 10 ? 0.4647 0.5071 0.7140 -0.0625 0.0210  -0.0200 407 GLU A CG  
22  C CD  . GLU A 10 ? 0.6274 0.6780 0.9052 -0.0634 -0.0160 -0.0443 407 GLU A CD  
23  O OE1 . GLU A 10 ? 0.7450 0.7632 1.0334 -0.0900 -0.0295 -0.0482 407 GLU A OE1 
24  O OE2 . GLU A 10 ? 0.6588 0.7376 0.9385 -0.0358 -0.0341 -0.0600 407 GLU A OE2 
25  N N   . PHE A 11 ? 0.2508 0.2804 0.3645 0.0348  0.0136  -0.0256 408 PHE A N   
26  C CA  . PHE A 11 ? 0.2614 0.2786 0.3300 0.0522  0.0223  -0.0197 408 PHE A CA  
27  C C   . PHE A 11 ? 0.2858 0.2723 0.3166 0.0518  0.0255  -0.0167 408 PHE A C   
28  O O   . PHE A 11 ? 0.2341 0.2093 0.2420 0.0509  0.0389  -0.0070 408 PHE A O   
29  C CB  . PHE A 11 ? 0.2758 0.2984 0.3285 0.0744  0.0069  -0.0322 408 PHE A CB  
30  C CG  . PHE A 11 ? 0.3324 0.3286 0.3292 0.0890  0.0153  -0.0251 408 PHE A CG  
31  C CD1 . PHE A 11 ? 0.4046 0.4068 0.3965 0.0952  0.0268  -0.0166 408 PHE A CD1 
32  C CD2 . PHE A 11 ? 0.4291 0.3891 0.3727 0.0962  0.0124  -0.0270 408 PHE A CD2 
33  C CE1 . PHE A 11 ? 0.4352 0.3994 0.3670 0.1075  0.0301  -0.0109 408 PHE A CE1 
34  C CE2 . PHE A 11 ? 0.5082 0.4330 0.3952 0.1027  0.0207  -0.0192 408 PHE A CE2 
35  C CZ  . PHE A 11 ? 0.4151 0.3380 0.2951 0.1079  0.0269  -0.0117 408 PHE A CZ  
36  N N   . SER A 12 ? 0.2476 0.2242 0.2736 0.0541  0.0117  -0.0275 409 SER A N   
37  C CA  . SER A 12 ? 0.2499 0.2129 0.2482 0.0571  0.0164  -0.0283 409 SER A CA  
38  C C   . SER A 12 ? 0.2440 0.2000 0.2490 0.0487  0.0231  -0.0216 409 SER A C   
39  O O   . SER A 12 ? 0.2695 0.2265 0.2593 0.0509  0.0308  -0.0206 409 SER A O   
40  C CB  . SER A 12 ? 0.2698 0.2242 0.2574 0.0683  0.0001  -0.0430 409 SER A CB  
41  O OG  . SER A 12 ? 0.3606 0.3107 0.3249 0.0818  -0.0058 -0.0492 409 SER A OG  
42  N N   . GLN A 13 ? 0.2528 0.1987 0.2778 0.0385  0.0194  -0.0182 410 GLN A N   
43  C CA  . GLN A 13 ? 0.2652 0.1875 0.2792 0.0347  0.0250  -0.0107 410 GLN A CA  
44  C C   . GLN A 13 ? 0.2547 0.1809 0.2591 0.0350  0.0421  0.0017  410 GLN A C   
45  O O   . GLN A 13 ? 0.2618 0.1734 0.2452 0.0419  0.0429  0.0025  410 GLN A O   
46  C CB  . GLN A 13 ? 0.2944 0.1923 0.3211 0.0184  0.0219  -0.0063 410 GLN A CB  
47  C CG  . GLN A 13 ? 0.3225 0.1959 0.3443 0.0200  -0.0017 -0.0203 410 GLN A CG  
48  C CD  . GLN A 13 ? 0.3952 0.2406 0.4331 -0.0059 -0.0058 -0.0159 410 GLN A CD  
49  O OE1 . GLN A 13 ? 0.3547 0.2276 0.4314 -0.0265 0.0074  -0.0084 410 GLN A OE1 
50  N NE2 . GLN A 13 ? 0.4375 0.2280 0.4454 -0.0054 -0.0241 -0.0220 410 GLN A NE2 
51  N N   . ALA A 14 ? 0.2442 0.1890 0.2613 0.0321  0.0519  0.0085  411 ALA A N   
52  C CA  . ALA A 14 ? 0.2642 0.2060 0.2624 0.0378  0.0649  0.0185  411 ALA A CA  
53  C C   . ALA A 14 ? 0.2906 0.2289 0.2642 0.0440  0.0610  0.0137  411 ALA A C   
54  O O   . ALA A 14 ? 0.2583 0.1817 0.2121 0.0469  0.0631  0.0170  411 ALA A O   
55  C CB  . ALA A 14 ? 0.2457 0.2115 0.2594 0.0409  0.0728  0.0224  411 ALA A CB  
56  N N   . ILE A 15 ? 0.2323 0.1813 0.2044 0.0445  0.0556  0.0054  412 ILE A N   
57  C CA  . ILE A 15 ? 0.2368 0.1833 0.1874 0.0417  0.0579  0.0022  412 ILE A CA  
58  C C   . ILE A 15 ? 0.2330 0.1883 0.1924 0.0402  0.0547  -0.0054 412 ILE A C   
59  O O   . ILE A 15 ? 0.2378 0.1937 0.1907 0.0355  0.0558  -0.0068 412 ILE A O   
60  C CB  . ILE A 15 ? 0.2895 0.2387 0.2272 0.0429  0.0574  -0.0038 412 ILE A CB  
61  C CG1 . ILE A 15 ? 0.4336 0.3658 0.3474 0.0507  0.0565  0.0007  412 ILE A CG1 
62  C CG2 . ILE A 15 ? 0.2888 0.2426 0.2124 0.0327  0.0662  -0.0074 412 ILE A CG2 
63  C CD1 . ILE A 15 ? 0.5784 0.5001 0.4670 0.0587  0.0520  -0.0059 412 ILE A CD1 
64  N N   . SER A 16 ? 0.2542 0.2452 0.2190 0.0284  0.0320  -0.0153 413 SER A N   
65  C CA  . SER A 16 ? 0.2552 0.2525 0.2306 0.0376  0.0335  -0.0315 413 SER A CA  
66  C C   . SER A 16 ? 0.3039 0.2741 0.2902 0.0410  0.0292  -0.0256 413 SER A C   
67  O O   . SER A 16 ? 0.2489 0.2272 0.2448 0.0445  0.0314  -0.0283 413 SER A O   
68  C CB  . SER A 16 ? 0.3172 0.3153 0.2943 0.0481  0.0263  -0.0566 413 SER A CB  
69  O OG  . SER A 16 ? 0.4412 0.4732 0.4049 0.0438  0.0312  -0.0647 413 SER A OG  
70  N N   . TYR A 17 ? 0.2492 0.1958 0.2336 0.0375  0.0232  -0.0171 414 TYR A N   
71  C CA  . TYR A 17 ? 0.2397 0.1710 0.2295 0.0360  0.0192  -0.0101 414 TYR A CA  
72  C C   . TYR A 17 ? 0.2272 0.1665 0.2203 0.0344  0.0262  -0.0026 414 TYR A C   
73  O O   . TYR A 17 ? 0.2793 0.2172 0.2785 0.0360  0.0254  -0.0029 414 TYR A O   
74  C CB  . TYR A 17 ? 0.2786 0.2008 0.2634 0.0268  0.0132  -0.0022 414 TYR A CB  
75  C CG  . TYR A 17 ? 0.3049 0.2265 0.2906 0.0200  0.0108  0.0067  414 TYR A CG  
76  C CD1 . TYR A 17 ? 0.3413 0.2477 0.3291 0.0199  0.0013  0.0088  414 TYR A CD1 
77  C CD2 . TYR A 17 ? 0.2980 0.2401 0.2826 0.0143  0.0162  0.0106  414 TYR A CD2 
78  C CE1 . TYR A 17 ? 0.2566 0.1686 0.2403 0.0097  -0.0019 0.0194  414 TYR A CE1 
79  C CE2 . TYR A 17 ? 0.2351 0.1899 0.2176 0.0065  0.0155  0.0150  414 TYR A CE2 
80  C CZ  . TYR A 17 ? 0.3133 0.2532 0.2928 0.0019  0.0069  0.0216  414 TYR A CZ  
81  O OH  . TYR A 17 ? 0.3072 0.2654 0.2801 -0.0097 0.0052  0.0285  414 TYR A OH  
82  N N   . VAL A 18 ? 0.2685 0.2126 0.2591 0.0316  0.0286  0.0036  415 VAL A N   
83  C CA  . VAL A 18 ? 0.2812 0.2229 0.2775 0.0310  0.0284  0.0082  415 VAL A CA  
84  C C   . VAL A 18 ? 0.3395 0.2891 0.3382 0.0269  0.0311  0.0104  415 VAL A C   
85  O O   . VAL A 18 ? 0.2246 0.1710 0.2300 0.0255  0.0297  0.0110  415 VAL A O   
86  C CB  . VAL A 18 ? 0.2549 0.1923 0.2524 0.0318  0.0224  0.0133  415 VAL A CB  
87  C CG1 . VAL A 18 ? 0.2394 0.1637 0.2456 0.0322  0.0147  0.0155  415 VAL A CG1 
88  C CG2 . VAL A 18 ? 0.2490 0.1939 0.2495 0.0365  0.0209  0.0070  415 VAL A CG2 
89  N N   . ASN A 19 ? 0.2303 0.1991 0.2241 0.0237  0.0352  0.0091  416 ASN A N   
90  C CA  . ASN A 19 ? 0.2332 0.2274 0.2315 0.0176  0.0398  0.0085  416 ASN A CA  
91  C C   . ASN A 19 ? 0.2540 0.2511 0.2652 0.0277  0.0399  -0.0039 416 ASN A C   
92  O O   . ASN A 19 ? 0.2329 0.2451 0.2529 0.0231  0.0412  -0.0027 416 ASN A O   
93  C CB  . ASN A 19 ? 0.2419 0.2742 0.2327 0.0129  0.0460  0.0033  416 ASN A CB  
94  C CG  . ASN A 19 ? 0.3155 0.3918 0.3106 0.0009  0.0523  0.0045  416 ASN A CG  
95  O OD1 . ASN A 19 ? 0.3192 0.3966 0.3102 -0.0188 0.0490  0.0256  416 ASN A OD1 
96  N ND2 . ASN A 19 ? 0.2564 0.3704 0.2631 0.0126  0.0583  -0.0192 416 ASN A ND2 
97  N N   . LYS A 20 ? 0.2254 0.2072 0.2384 0.0394  0.0350  -0.0140 417 LYS A N   
98  C CA  . LYS A 20 ? 0.2790 0.2555 0.3042 0.0487  0.0279  -0.0218 417 LYS A CA  
99  C C   . LYS A 20 ? 0.3353 0.2996 0.3610 0.0428  0.0257  -0.0111 417 LYS A C   
100 O O   . LYS A 20 ? 0.2211 0.1941 0.2574 0.0451  0.0225  -0.0137 417 LYS A O   
101 C CB  . LYS A 20 ? 0.2858 0.2367 0.3101 0.0567  0.0155  -0.0278 417 LYS A CB  
102 C CG  . LYS A 20 ? 0.3165 0.2549 0.3549 0.0679  -0.0005 -0.0352 417 LYS A CG  
103 C CD  . LYS A 20 ? 0.4410 0.3433 0.4770 0.0708  -0.0198 -0.0367 417 LYS A CD  
104 C CE  . LYS A 20 ? 0.5356 0.4116 0.5846 0.0790  -0.0449 -0.0364 417 LYS A CE  
105 N NZ  . LYS A 20 ? 0.5419 0.3714 0.5844 0.0721  -0.0706 -0.0268 417 LYS A NZ  
106 N N   . ILE A 21 ? 0.2403 0.1901 0.2562 0.0365  0.0263  -0.0028 418 ILE A N   
107 C CA  . ILE A 21 ? 0.2610 0.2069 0.2772 0.0326  0.0242  0.0003  418 ILE A CA  
108 C C   . ILE A 21 ? 0.2372 0.1902 0.2606 0.0273  0.0257  0.0016  418 ILE A C   
109 O O   . ILE A 21 ? 0.2398 0.1973 0.2692 0.0255  0.0226  0.0001  418 ILE A O   
110 C CB  . ILE A 21 ? 0.2514 0.1927 0.2603 0.0309  0.0244  0.0007  418 ILE A CB  
111 C CG1 . ILE A 21 ? 0.2563 0.1970 0.2571 0.0281  0.0215  0.0037  418 ILE A CG1 
112 C CG2 . ILE A 21 ? 0.2195 0.1651 0.2305 0.0299  0.0220  -0.0050 418 ILE A CG2 
113 C CD1 . ILE A 21 ? 0.2652 0.2174 0.2623 0.0259  0.0239  0.0018  418 ILE A CD1 
114 N N   . LYS A 22 ? 0.2545 0.2092 0.2763 0.0213  0.0278  0.0073  419 LYS A N   
115 C CA  . LYS A 22 ? 0.2545 0.2124 0.2811 0.0086  0.0244  0.0151  419 LYS A CA  
116 C C   . LYS A 22 ? 0.2697 0.2581 0.3065 0.0044  0.0283  0.0125  419 LYS A C   
117 O O   . LYS A 22 ? 0.2360 0.2265 0.2800 -0.0051 0.0234  0.0156  419 LYS A O   
118 C CB  . LYS A 22 ? 0.2467 0.2051 0.2662 -0.0026 0.0226  0.0282  419 LYS A CB  
119 C CG  . LYS A 22 ? 0.2989 0.2551 0.3205 -0.0239 0.0131  0.0443  419 LYS A CG  
120 C CD  . LYS A 22 ? 0.4151 0.3661 0.4254 -0.0380 0.0056  0.0633  419 LYS A CD  
121 C CE  . LYS A 22 ? 0.5902 0.5378 0.5995 -0.0676 -0.0089 0.0874  419 LYS A CE  
122 N NZ  . LYS A 22 ? 0.6484 0.5364 0.6628 -0.0675 -0.0355 0.0949  419 LYS A NZ  
123 N N   . THR A 23 ? 0.2489 0.2636 0.2893 0.0128  0.0349  0.0036  420 THR A N   
124 C CA  . THR A 23 ? 0.2210 0.2764 0.2774 0.0132  0.0375  -0.0047 420 THR A CA  
125 C C   . THR A 23 ? 0.2169 0.2624 0.2842 0.0256  0.0295  -0.0124 420 THR A C   
126 O O   . THR A 23 ? 0.2171 0.2871 0.2985 0.0218  0.0275  -0.0143 420 THR A O   
127 C CB  . THR A 23 ? 0.2925 0.3865 0.3531 0.0221  0.0447  -0.0195 420 THR A CB  
128 O OG1 . THR A 23 ? 0.2938 0.3592 0.3510 0.0406  0.0396  -0.0299 420 THR A OG1 
129 C CG2 . THR A 23 ? 0.3493 0.4644 0.3954 0.0035  0.0520  -0.0080 420 THR A CG2 
130 N N   . ARG A 24 ? 0.2168 0.2301 0.2769 0.0367  0.0228  -0.0138 421 ARG A N   
131 C CA  . ARG A 24 ? 0.2435 0.2459 0.3082 0.0426  0.0112  -0.0141 421 ARG A CA  
132 C C   . ARG A 24 ? 0.2637 0.2645 0.3256 0.0307  0.0099  -0.0082 421 ARG A C   
133 O O   . ARG A 24 ? 0.2530 0.2636 0.3237 0.0317  0.0018  -0.0095 421 ARG A O   
134 C CB  . ARG A 24 ? 0.2717 0.2430 0.3231 0.0463  0.0028  -0.0092 421 ARG A CB  
135 C CG  . ARG A 24 ? 0.3104 0.2720 0.3615 0.0466  -0.0130 -0.0031 421 ARG A CG  
136 C CD  . ARG A 24 ? 0.3222 0.2852 0.3940 0.0631  -0.0291 -0.0112 421 ARG A CD  
137 N NE  . ARG A 24 ? 0.3740 0.3179 0.4470 0.0731  -0.0357 -0.0176 421 ARG A NE  
138 C CZ  . ARG A 24 ? 0.4248 0.3324 0.4867 0.0692  -0.0534 -0.0061 421 ARG A CZ  
139 N NH1 . ARG A 24 ? 0.3028 0.1972 0.3492 0.0537  -0.0646 0.0146  421 ARG A NH1 
140 N NH2 . ARG A 24 ? 0.4383 0.3264 0.5037 0.0778  -0.0615 -0.0147 421 ARG A NH2 
141 N N   . PHE A 25 ? 0.2281 0.2150 0.2797 0.0210  0.0141  -0.0039 422 PHE A N   
142 C CA  . PHE A 25 ? 0.2288 0.2087 0.2795 0.0119  0.0090  -0.0046 422 PHE A CA  
143 C C   . PHE A 25 ? 0.2378 0.2218 0.2962 -0.0028 0.0083  0.0011  422 PHE A C   
144 O O   . PHE A 25 ? 0.3098 0.2712 0.3662 -0.0105 0.0001  0.0013  422 PHE A O   
145 C CB  . PHE A 25 ? 0.2440 0.2049 0.2817 0.0148  0.0074  -0.0095 422 PHE A CB  
146 C CG  . PHE A 25 ? 0.2348 0.2005 0.2617 0.0194  0.0065  -0.0092 422 PHE A CG  
147 C CD1 . PHE A 25 ? 0.2378 0.2145 0.2616 0.0162  -0.0009 -0.0092 422 PHE A CD1 
148 C CD2 . PHE A 25 ? 0.2450 0.2054 0.2642 0.0229  0.0100  -0.0050 422 PHE A CD2 
149 C CE1 . PHE A 25 ? 0.2597 0.2408 0.2704 0.0135  -0.0065 -0.0014 422 PHE A CE1 
150 C CE2 . PHE A 25 ? 0.2686 0.2319 0.2767 0.0197  0.0047  0.0015  422 PHE A CE2 
151 C CZ  . PHE A 25 ? 0.2701 0.2433 0.2729 0.0137  -0.0043 0.0053  422 PHE A CZ  
152 N N   . ALA A 26 ? 0.2340 0.2502 0.3024 -0.0080 0.0141  0.0050  423 ALA A N   
153 C CA  . ALA A 26 ? 0.2749 0.3071 0.3485 -0.0308 0.0126  0.0164  423 ALA A CA  
154 C C   . ALA A 26 ? 0.2620 0.2876 0.3432 -0.0443 0.0009  0.0175  423 ALA A C   
155 O O   . ALA A 26 ? 0.3019 0.3109 0.3823 -0.0659 -0.0096 0.0296  423 ALA A O   
156 C CB  . ALA A 26 ? 0.2410 0.3319 0.3259 -0.0341 0.0234  0.0147  423 ALA A CB  
157 N N   . ASP A 27 ? 0.2720 0.3069 0.3599 -0.0340 -0.0016 0.0066  424 ASP A N   
158 C CA  . ASP A 27 ? 0.3218 0.3531 0.4160 -0.0461 -0.0137 0.0044  424 ASP A CA  
159 C C   . ASP A 27 ? 0.3238 0.3167 0.4056 -0.0373 -0.0227 -0.0075 424 ASP A C   
160 O O   . ASP A 27 ? 0.3029 0.2924 0.3876 -0.0441 -0.0339 -0.0151 424 ASP A O   
161 C CB  . ASP A 27 ? 0.3020 0.3771 0.4128 -0.0419 -0.0136 -0.0011 424 ASP A CB  
162 C CG  . ASP A 27 ? 0.2435 0.3173 0.3508 -0.0171 -0.0131 -0.0091 424 ASP A CG  
163 O OD1 . ASP A 27 ? 0.2882 0.3868 0.4086 -0.0103 -0.0200 -0.0133 424 ASP A OD1 
164 O OD2 . ASP A 27 ? 0.2680 0.3155 0.3600 -0.0062 -0.0089 -0.0090 424 ASP A OD2 
165 N N   . GLN A 28 ? 0.3192 0.2918 0.3882 -0.0228 -0.0179 -0.0120 425 GLN A N   
166 C CA  . GLN A 28 ? 0.3211 0.2727 0.3800 -0.0142 -0.0244 -0.0282 425 GLN A CA  
167 C C   . GLN A 28 ? 0.3116 0.2358 0.3672 -0.0080 -0.0254 -0.0297 425 GLN A C   
168 O O   . GLN A 28 ? 0.3069 0.2346 0.3537 0.0052  -0.0183 -0.0365 425 GLN A O   
169 C CB  . GLN A 28 ? 0.3309 0.3023 0.3779 -0.0034 -0.0187 -0.0333 425 GLN A CB  
170 C CG  . GLN A 28 ? 0.3145 0.3101 0.3651 -0.0065 -0.0220 -0.0285 425 GLN A CG  
171 C CD  . GLN A 28 ? 0.4074 0.4146 0.4419 -0.0012 -0.0226 -0.0267 425 GLN A CD  
172 O OE1 . GLN A 28 ? 0.3320 0.3393 0.3655 0.0043  -0.0211 -0.0150 425 GLN A OE1 
173 N NE2 . GLN A 28 ? 0.2786 0.2970 0.2993 -0.0050 -0.0274 -0.0387 425 GLN A NE2 
174 N N   . PRO A 29 ? 0.3145 0.2448 0.3788 -0.0248 -0.0161 -0.0026 426 PRO A N   
175 C CA  . PRO A 29 ? 0.2969 0.2087 0.3644 -0.0153 -0.0049 0.0097  426 PRO A CA  
176 C C   . PRO A 29 ? 0.3304 0.2347 0.3843 -0.0117 -0.0062 -0.0158 426 PRO A C   
177 O O   . PRO A 29 ? 0.3025 0.1990 0.3427 -0.0023 0.0019  -0.0039 426 PRO A O   
178 C CB  . PRO A 29 ? 0.3424 0.2420 0.4764 -0.0189 0.0019  0.0271  426 PRO A CB  
179 C CG  . PRO A 29 ? 0.3964 0.2976 0.5685 -0.0336 -0.0100 0.0027  426 PRO A CG  
180 C CD  . PRO A 29 ? 0.3292 0.2559 0.4496 -0.0355 -0.0190 -0.0025 426 PRO A CD  
181 N N   . ASP A 30 ? 0.3231 0.2408 0.3799 -0.0169 -0.0166 -0.0520 427 ASP A N   
182 C CA  . ASP A 30 ? 0.4549 0.3786 0.4974 -0.0095 -0.0169 -0.0791 427 ASP A CA  
183 C C   . ASP A 30 ? 0.3381 0.2799 0.3273 0.0005  -0.0140 -0.0609 427 ASP A C   
184 O O   . ASP A 30 ? 0.3403 0.2785 0.3184 0.0095  -0.0085 -0.0643 427 ASP A O   
185 C CB  . ASP A 30 ? 0.5529 0.5111 0.6065 -0.0133 -0.0304 -0.1285 427 ASP A CB  
186 C CG  . ASP A 30 ? 0.8089 0.7426 0.9381 -0.0201 -0.0326 -0.1652 427 ASP A CG  
187 O OD1 . ASP A 30 ? 0.8513 0.7412 1.0263 -0.0198 -0.0205 -0.1419 427 ASP A OD1 
188 O OD2 . ASP A 30 ? 0.9110 0.8769 1.0637 -0.0246 -0.0468 -0.2172 427 ASP A OD2 
189 N N   . ILE A 31 ? 0.3027 0.2645 0.2712 -0.0006 -0.0170 -0.0399 428 ILE A N   
190 C CA  . ILE A 31 ? 0.3304 0.3077 0.2749 0.0077  -0.0139 -0.0185 428 ILE A CA  
191 C C   . ILE A 31 ? 0.3326 0.2795 0.2792 0.0120  -0.0060 -0.0023 428 ILE A C   
192 O O   . ILE A 31 ? 0.2721 0.2199 0.2100 0.0193  -0.0025 0.0029  428 ILE A O   
193 C CB  . ILE A 31 ? 0.2839 0.2907 0.2295 0.0056  -0.0181 0.0012  428 ILE A CB  
194 C CG1 . ILE A 31 ? 0.3386 0.4003 0.2766 0.0055  -0.0265 -0.0115 428 ILE A CG1 
195 C CG2 . ILE A 31 ? 0.2598 0.2725 0.2110 0.0127  -0.0134 0.0277  428 ILE A CG2 
196 C CD1 . ILE A 31 ? 0.4315 0.5394 0.3753 0.0081  -0.0278 0.0206  428 ILE A CD1 
197 N N   . TYR A 32 ? 0.3432 0.2749 0.3025 0.0093  -0.0036 0.0065  429 TYR A N   
198 C CA  . TYR A 32 ? 0.2626 0.1869 0.2223 0.0167  0.0028  0.0177  429 TYR A CA  
199 C C   . TYR A 32 ? 0.2920 0.2036 0.2550 0.0215  0.0090  0.0162  429 TYR A C   
200 O O   . TYR A 32 ? 0.2685 0.1833 0.2220 0.0289  0.0117  0.0211  429 TYR A O   
201 C CB  . TYR A 32 ? 0.2604 0.1912 0.2338 0.0173  0.0062  0.0300  429 TYR A CB  
202 C CG  . TYR A 32 ? 0.2912 0.2393 0.2642 0.0289  0.0133  0.0431  429 TYR A CG  
203 C CD1 . TYR A 32 ? 0.3080 0.2744 0.2680 0.0370  0.0104  0.0343  429 TYR A CD1 
204 C CD2 . TYR A 32 ? 0.2671 0.2237 0.2633 0.0333  0.0224  0.0663  429 TYR A CD2 
205 C CE1 . TYR A 32 ? 0.2884 0.2903 0.2452 0.0501  0.0145  0.0411  429 TYR A CE1 
206 C CE2 . TYR A 32 ? 0.2669 0.2617 0.2622 0.0480  0.0298  0.0861  429 TYR A CE2 
207 C CZ  . TYR A 32 ? 0.2831 0.3050 0.2517 0.0569  0.0248  0.0700  429 TYR A CZ  
208 O OH  . TYR A 32 ? 0.2629 0.3417 0.2278 0.0737  0.0299  0.0847  429 TYR A OH  
209 N N   . LYS A 33 ? 0.2893 0.1870 0.2767 0.0173  0.0109  0.0075  430 LYS A N   
210 C CA  . LYS A 33 ? 0.3219 0.2047 0.3296 0.0226  0.0184  0.0049  430 LYS A CA  
211 C C   . LYS A 33 ? 0.3643 0.2530 0.3446 0.0286  0.0171  -0.0104 430 LYS A C   
212 O O   . LYS A 33 ? 0.3061 0.1902 0.2866 0.0368  0.0241  -0.0011 430 LYS A O   
213 C CB  . LYS A 33 ? 0.3543 0.2204 0.4147 0.0157  0.0186  -0.0119 430 LYS A CB  
214 C CG  . LYS A 33 ? 0.4960 0.3433 0.5971 0.0212  0.0265  -0.0234 430 LYS A CG  
215 C CD  . LYS A 33 ? 0.6808 0.5134 0.8489 0.0130  0.0224  -0.0591 430 LYS A CD  
216 C CE  . LYS A 33 ? 0.7547 0.5611 1.0141 0.0155  0.0361  -0.0387 430 LYS A CE  
217 N NZ  . LYS A 33 ? 0.7984 0.6015 1.0500 0.0294  0.0489  -0.0160 430 LYS A NZ  
218 N N   . HIS A 34 ? 0.3579 0.2674 0.3171 0.0265  0.0092  -0.0274 431 HIS A N   
219 C CA  . HIS A 34 ? 0.3099 0.2419 0.2461 0.0356  0.0098  -0.0323 431 HIS A CA  
220 C C   . HIS A 34 ? 0.3689 0.3023 0.2944 0.0401  0.0124  -0.0047 431 HIS A C   
221 O O   . HIS A 34 ? 0.2923 0.2292 0.2136 0.0483  0.0173  -0.0003 431 HIS A O   
222 C CB  . HIS A 34 ? 0.3171 0.2940 0.2367 0.0359  0.0019  -0.0439 431 HIS A CB  
223 C CG  . HIS A 34 ? 0.3739 0.3941 0.2749 0.0495  0.0043  -0.0487 431 HIS A CG  
224 N ND1 . HIS A 34 ? 0.4799 0.5671 0.3645 0.0563  -0.0005 -0.0505 431 HIS A ND1 
225 C CD2 . HIS A 34 ? 0.4396 0.4572 0.3369 0.0601  0.0122  -0.0469 431 HIS A CD2 
226 C CE1 . HIS A 34 ? 0.4823 0.6110 0.3528 0.0719  0.0051  -0.0488 431 HIS A CE1 
227 N NE2 . HIS A 34 ? 0.4042 0.4863 0.2824 0.0736  0.0127  -0.0483 431 HIS A NE2 
228 N N   . PHE A 35 ? 0.2735 0.2069 0.2028 0.0352  0.0086  0.0096  432 PHE A N   
229 C CA  . PHE A 35 ? 0.2825 0.2193 0.2188 0.0388  0.0082  0.0231  432 PHE A CA  
230 C C   . PHE A 35 ? 0.2613 0.1887 0.1976 0.0443  0.0134  0.0254  432 PHE A C   
231 O O   . PHE A 35 ? 0.2839 0.2179 0.2228 0.0496  0.0142  0.0311  432 PHE A O   
232 C CB  . PHE A 35 ? 0.2467 0.1873 0.1983 0.0343  0.0029  0.0250  432 PHE A CB  
233 C CG  . PHE A 35 ? 0.2717 0.2198 0.2458 0.0378  -0.0005 0.0241  432 PHE A CG  
234 C CD1 . PHE A 35 ? 0.2684 0.2260 0.2752 0.0380  -0.0029 0.0341  432 PHE A CD1 
235 C CD2 . PHE A 35 ? 0.2916 0.2483 0.2637 0.0423  -0.0014 0.0137  432 PHE A CD2 
236 C CE1 . PHE A 35 ? 0.2839 0.2477 0.3304 0.0395  -0.0084 0.0254  432 PHE A CE1 
237 C CE2 . PHE A 35 ? 0.2326 0.2072 0.2303 0.0460  -0.0079 0.0003  432 PHE A CE2 
238 C CZ  . PHE A 35 ? 0.2269 0.1993 0.2660 0.0431  -0.0125 0.0019  432 PHE A CZ  
239 N N   . LEU A 36 ? 0.2673 0.1865 0.2082 0.0441  0.0176  0.0272  433 LEU A N   
240 C CA  . LEU A 36 ? 0.2710 0.1955 0.2194 0.0523  0.0249  0.0407  433 LEU A CA  
241 C C   . LEU A 36 ? 0.3649 0.2774 0.3163 0.0574  0.0314  0.0399  433 LEU A C   
242 O O   . LEU A 36 ? 0.2794 0.2033 0.2313 0.0649  0.0345  0.0514  433 LEU A O   
243 C CB  . LEU A 36 ? 0.2810 0.2059 0.2512 0.0530  0.0320  0.0556  433 LEU A CB  
244 C CG  . LEU A 36 ? 0.2940 0.2440 0.2629 0.0529  0.0293  0.0627  433 LEU A CG  
245 C CD1 . LEU A 36 ? 0.2808 0.2390 0.2847 0.0563  0.0400  0.0911  433 LEU A CD1 
246 C CD2 . LEU A 36 ? 0.2622 0.2534 0.2153 0.0621  0.0246  0.0604  433 LEU A CD2 
247 N N   . GLU A 37 ? 0.2953 0.1927 0.2509 0.0551  0.0327  0.0224  434 GLU A N   
248 C CA  . GLU A 37 ? 0.3112 0.2028 0.2737 0.0633  0.0399  0.0140  434 GLU A CA  
249 C C   . GLU A 37 ? 0.3346 0.2468 0.2734 0.0692  0.0380  0.0175  434 GLU A C   
250 O O   . GLU A 37 ? 0.3736 0.2875 0.3163 0.0785  0.0453  0.0222  434 GLU A O   
251 C CB  . GLU A 37 ? 0.3856 0.2685 0.3661 0.0616  0.0400  -0.0188 434 GLU A CB  
252 C CG  . GLU A 37 ? 0.6494 0.5084 0.6792 0.0554  0.0434  -0.0181 434 GLU A CG  
253 C CD  . GLU A 37 ? 0.9027 0.7547 0.9664 0.0512  0.0394  -0.0620 434 GLU A CD  
254 O OE1 . GLU A 37 ? 0.9768 0.8550 1.0112 0.0546  0.0325  -0.0951 434 GLU A OE1 
255 O OE2 . GLU A 37 ? 0.9555 0.7851 1.0817 0.0456  0.0427  -0.0625 434 GLU A OE2 
256 N N   . ILE A 38 ? 0.3361 0.2668 0.2612 0.0648  0.0299  0.0206  435 ILE A N   
257 C CA  . ILE A 38 ? 0.3161 0.2706 0.2399 0.0700  0.0292  0.0369  435 ILE A CA  
258 C C   . ILE A 38 ? 0.3569 0.3069 0.2934 0.0717  0.0293  0.0506  435 ILE A C   
259 O O   . ILE A 38 ? 0.2738 0.2347 0.2148 0.0792  0.0335  0.0616  435 ILE A O   
260 C CB  . ILE A 38 ? 0.2814 0.2565 0.2140 0.0646  0.0219  0.0481  435 ILE A CB  
261 C CG1 . ILE A 38 ? 0.3032 0.3071 0.2205 0.0671  0.0217  0.0400  435 ILE A CG1 
262 C CG2 . ILE A 38 ? 0.2898 0.2861 0.2498 0.0684  0.0215  0.0739  435 ILE A CG2 
263 C CD1 . ILE A 38 ? 0.3179 0.3440 0.2515 0.0619  0.0162  0.0585  435 ILE A CD1 
264 N N   . LEU A 39 ? 0.2836 0.2286 0.2263 0.0666  0.0243  0.0492  436 LEU A N   
265 C CA  . LEU A 39 ? 0.2576 0.2177 0.2111 0.0703  0.0218  0.0557  436 LEU A CA  
266 C C   . LEU A 39 ? 0.2685 0.2269 0.2190 0.0794  0.0326  0.0675  436 LEU A C   
267 O O   . LEU A 39 ? 0.3058 0.2802 0.2638 0.0852  0.0333  0.0777  436 LEU A O   
268 C CB  . LEU A 39 ? 0.2510 0.2276 0.2088 0.0674  0.0136  0.0457  436 LEU A CB  
269 C CG  . LEU A 39 ? 0.2699 0.2482 0.2479 0.0598  0.0032  0.0316  436 LEU A CG  
270 C CD1 . LEU A 39 ? 0.2728 0.2766 0.2564 0.0610  -0.0045 0.0123  436 LEU A CD1 
271 C CD2 . LEU A 39 ? 0.2757 0.2608 0.2904 0.0584  -0.0022 0.0351  436 LEU A CD2 
272 N N   . GLN A 40 ? 0.2919 0.2327 0.2444 0.0809  0.0416  0.0683  437 GLN A N   
273 C CA  . GLN A 40 ? 0.2932 0.2307 0.2645 0.0906  0.0545  0.0841  437 GLN A CA  
274 C C   . GLN A 40 ? 0.3026 0.2319 0.2732 0.0974  0.0606  0.0783  437 GLN A C   
275 O O   . GLN A 40 ? 0.3075 0.2456 0.2903 0.1067  0.0682  0.0951  437 GLN A O   
276 C CB  . GLN A 40 ? 0.3249 0.2415 0.3248 0.0898  0.0632  0.0860  437 GLN A CB  
277 C CG  . GLN A 40 ? 0.3623 0.3034 0.3731 0.0896  0.0633  0.1092  437 GLN A CG  
278 C CD  . GLN A 40 ? 0.4755 0.4679 0.4834 0.1006  0.0644  0.1372  437 GLN A CD  
279 O OE1 . GLN A 40 ? 0.5757 0.6006 0.5563 0.0997  0.0518  0.1255  437 GLN A OE1 
280 N NE2 . GLN A 40 ? 0.4895 0.4958 0.5350 0.1118  0.0791  0.1725  437 GLN A NE2 
281 N N   . THR A 41 ? 0.3079 0.2320 0.2645 0.0955  0.0581  0.0571  438 THR A N   
282 C CA  . THR A 41 ? 0.3199 0.2547 0.2721 0.1064  0.0648  0.0508  438 THR A CA  
283 C C   . THR A 41 ? 0.3569 0.3161 0.3053 0.1093  0.0617  0.0744  438 THR A C   
284 O O   . THR A 41 ? 0.3404 0.3089 0.2954 0.1203  0.0702  0.0846  438 THR A O   
285 C CB  . THR A 41 ? 0.3493 0.2987 0.2852 0.1073  0.0619  0.0245  438 THR A CB  
286 O OG1 . THR A 41 ? 0.3739 0.3023 0.3278 0.1061  0.0645  -0.0069 438 THR A OG1 
287 C CG2 . THR A 41 ? 0.3600 0.3468 0.2846 0.1230  0.0685  0.0237  438 THR A CG2 
288 N N   . TYR A 42 ? 0.3142 0.2844 0.2636 0.0996  0.0499  0.0819  439 TYR A N   
289 C CA  . TYR A 42 ? 0.3508 0.3419 0.3205 0.0990  0.0440  0.1009  439 TYR A CA  
290 C C   . TYR A 42 ? 0.3836 0.3799 0.3624 0.1038  0.0463  0.1108  439 TYR A C   
291 O O   . TYR A 42 ? 0.3320 0.3444 0.3238 0.1105  0.0497  0.1270  439 TYR A O   
292 C CB  . TYR A 42 ? 0.3003 0.2949 0.2901 0.0866  0.0298  0.0965  439 TYR A CB  
293 C CG  . TYR A 42 ? 0.2991 0.3122 0.3295 0.0829  0.0192  0.1013  439 TYR A CG  
294 C CD1 . TYR A 42 ? 0.2712 0.3018 0.3406 0.0847  0.0193  0.1232  439 TYR A CD1 
295 C CD2 . TYR A 42 ? 0.3686 0.3921 0.4064 0.0788  0.0084  0.0825  439 TYR A CD2 
296 C CE1 . TYR A 42 ? 0.3465 0.3933 0.4718 0.0790  0.0071  0.1223  439 TYR A CE1 
297 C CE2 . TYR A 42 ? 0.3316 0.3812 0.4150 0.0753  -0.0051 0.0734  439 TYR A CE2 
298 C CZ  . TYR A 42 ? 0.3234 0.3786 0.4554 0.0737  -0.0065 0.0912  439 TYR A CZ  
299 O OH  . TYR A 42 ? 0.3598 0.4398 0.5544 0.0684  -0.0218 0.0773  439 TYR A OH  
300 N N   . GLN A 43 ? 0.3044 0.2975 0.2795 0.1022  0.0452  0.1071  440 GLN A N   
301 C CA  . GLN A 43 ? 0.3151 0.3322 0.3003 0.1090  0.0470  0.1231  440 GLN A CA  
302 C C   . GLN A 43 ? 0.3135 0.3197 0.3051 0.1217  0.0647  0.1392  440 GLN A C   
303 O O   . GLN A 43 ? 0.3357 0.3627 0.3394 0.1272  0.0677  0.1544  440 GLN A O   
304 C CB  . GLN A 43 ? 0.2910 0.3282 0.2732 0.1084  0.0434  0.1232  440 GLN A CB  
305 C CG  . GLN A 43 ? 0.2988 0.3831 0.2911 0.1187  0.0456  0.1457  440 GLN A CG  
306 C CD  . GLN A 43 ? 0.3781 0.5032 0.3678 0.1237  0.0455  0.1555  440 GLN A CD  
307 O OE1 . GLN A 43 ? 0.3622 0.4667 0.3593 0.1256  0.0577  0.1700  440 GLN A OE1 
308 N NE2 . GLN A 43 ? 0.3482 0.5408 0.3347 0.1271  0.0314  0.1465  440 GLN A NE2 
309 N N   . ARG A 44 ? 0.3216 0.2971 0.3151 0.1246  0.0761  0.1299  441 ARG A N   
310 C CA  . ARG A 44 ? 0.3410 0.3035 0.3605 0.1376  0.0938  0.1386  441 ARG A CA  
311 C C   . ARG A 44 ? 0.3773 0.3418 0.3914 0.1475  0.1005  0.1300  441 ARG A C   
312 O O   . ARG A 44 ? 0.3658 0.3328 0.4027 0.1605  0.1137  0.1431  441 ARG A O   
313 C CB  . ARG A 44 ? 0.3555 0.2858 0.3990 0.1364  0.1014  0.1224  441 ARG A CB  
314 C CG  . ARG A 44 ? 0.5293 0.4371 0.6118 0.1485  0.1175  0.1075  441 ARG A CG  
315 C CD  . ARG A 44 ? 0.5901 0.4680 0.7235 0.1451  0.1234  0.0954  441 ARG A CD  
316 N NE  . ARG A 44 ? 0.6252 0.4933 0.7324 0.1334  0.1108  0.0580  441 ARG A NE  
317 C CZ  . ARG A 44 ? 0.5838 0.4489 0.6874 0.1210  0.1027  0.0661  441 ARG A CZ  
318 N NH1 . ARG A 44 ? 0.6082 0.4876 0.7301 0.1208  0.1060  0.1094  441 ARG A NH1 
319 N NH2 . ARG A 44 ? 0.4628 0.3223 0.5445 0.1112  0.0918  0.0327  441 ARG A NH2 
320 N N   . GLU A 45 ? 0.3274 0.3902 0.6025 0.0934  0.1418  0.1169  442 GLU A N   
321 C CA  . GLU A 45 ? 0.3426 0.3834 0.6165 0.0867  0.1515  0.0804  442 GLU A CA  
322 C C   . GLU A 45 ? 0.3347 0.4023 0.5691 0.0848  0.1418  0.0706  442 GLU A C   
323 O O   . GLU A 45 ? 0.2650 0.3237 0.4924 0.0772  0.1494  0.0439  442 GLU A O   
324 C CB  . GLU A 45 ? 0.3908 0.3947 0.6423 0.0684  0.1567  0.0439  442 GLU A CB  
325 C CG  . GLU A 45 ? 0.4671 0.4406 0.7686 0.0673  0.1666  0.0453  442 GLU A CG  
326 C CD  . GLU A 45 ? 0.5391 0.4830 0.8244 0.0487  0.1724  0.0007  442 GLU A CD  
327 O OE1 . GLU A 45 ? 0.6109 0.5587 0.8620 0.0404  0.1755  -0.0308 442 GLU A OE1 
328 O OE2 . GLU A 45 ? 0.5275 0.4501 0.8358 0.0416  0.1735  -0.0015 442 GLU A OE2 
329 N N   . GLN A 46 ? 0.2596 0.3644 0.4715 0.0907  0.1253  0.0903  443 GLN A N   
330 C CA  . GLN A 46 ? 0.2461 0.3770 0.4297 0.0879  0.1130  0.0800  443 GLN A CA  
331 C C   . GLN A 46 ? 0.3186 0.4234 0.4642 0.0687  0.1117  0.0476  443 GLN A C   
332 O O   . GLN A 46 ? 0.2770 0.3860 0.4219 0.0623  0.1141  0.0347  443 GLN A O   
333 C CB  . GLN A 46 ? 0.3106 0.4659 0.5330 0.0986  0.1187  0.0900  443 GLN A CB  
334 C CG  . GLN A 46 ? 0.4253 0.6089 0.6947 0.1185  0.1204  0.1297  443 GLN A CG  
335 C CD  . GLN A 46 ? 0.5466 0.7870 0.7959 0.1266  0.1008  0.1526  443 GLN A CD  
336 O OE1 . GLN A 46 ? 0.6078 0.8886 0.8583 0.1310  0.0901  0.1560  443 GLN A OE1 
337 N NE2 . GLN A 46 ? 0.5471 0.7946 0.7759 0.1271  0.0952  0.1651  443 GLN A NE2 
338 N N   . LYS A 47 ? 0.2639 0.3460 0.3816 0.0593  0.1080  0.0383  444 LYS A N   
339 C CA  . LYS A 47 ? 0.2688 0.3312 0.3523 0.0415  0.1047  0.0153  444 LYS A CA  
340 C C   . LYS A 47 ? 0.2961 0.3760 0.3583 0.0380  0.0858  0.0131  444 LYS A C   
341 O O   . LYS A 47 ? 0.2184 0.3235 0.2813 0.0486  0.0734  0.0219  444 LYS A O   
342 C CB  . LYS A 47 ? 0.2557 0.2944 0.3197 0.0333  0.1032  0.0087  444 LYS A CB  
343 C CG  . LYS A 47 ? 0.3513 0.3704 0.4431 0.0343  0.1189  0.0067  444 LYS A CG  
344 C CD  . LYS A 47 ? 0.5148 0.5219 0.6164 0.0262  0.1353  -0.0173 444 LYS A CD  
345 C CE  . LYS A 47 ? 0.5956 0.5790 0.7027 0.0165  0.1436  -0.0371 444 LYS A CE  
346 N NZ  . LYS A 47 ? 0.6540 0.6326 0.7861 0.0143  0.1629  -0.0647 444 LYS A NZ  
347 N N   . PRO A 48 ? 0.2315 0.3024 0.2784 0.0227  0.0832  0.0013  445 PRO A N   
348 C CA  . PRO A 48 ? 0.3192 0.4001 0.3587 0.0176  0.0641  -0.0016 445 PRO A CA  
349 C C   . PRO A 48 ? 0.3373 0.4044 0.3557 0.0153  0.0490  -0.0066 445 PRO A C   
350 O O   . PRO A 48 ? 0.2678 0.3166 0.2713 0.0120  0.0532  -0.0071 445 PRO A O   
351 C CB  . PRO A 48 ? 0.2796 0.3567 0.3193 0.0006  0.0694  -0.0046 445 PRO A CB  
352 C CG  . PRO A 48 ? 0.2749 0.3372 0.3021 -0.0059 0.0871  -0.0098 445 PRO A CG  
353 C CD  . PRO A 48 ? 0.2590 0.3183 0.3023 0.0097  0.0985  -0.0091 445 PRO A CD  
354 N N   . ILE A 49 ? 0.2237 0.3030 0.2466 0.0173  0.0305  -0.0133 446 ILE A N   
355 C CA  . ILE A 49 ? 0.2261 0.2949 0.2388 0.0176  0.0147  -0.0224 446 ILE A CA  
356 C C   . ILE A 49 ? 0.2356 0.2737 0.2352 0.0028  0.0156  -0.0187 446 ILE A C   
357 O O   . ILE A 49 ? 0.2348 0.2627 0.2219 0.0050  0.0127  -0.0193 446 ILE A O   
358 C CB  . ILE A 49 ? 0.2938 0.3752 0.3245 0.0183  -0.0053 -0.0376 446 ILE A CB  
359 C CG1 . ILE A 49 ? 0.2772 0.4024 0.3142 0.0345  -0.0086 -0.0436 446 ILE A CG1 
360 C CG2 . ILE A 49 ? 0.3026 0.3679 0.3341 0.0186  -0.0213 -0.0506 446 ILE A CG2 
361 C CD1 . ILE A 49 ? 0.3031 0.4488 0.3238 0.0503  -0.0043 -0.0392 446 ILE A CD1 
362 N N   . ASN A 50 ? 0.2436 0.2743 0.2466 -0.0131 0.0197  -0.0119 447 ASN A N   
363 C CA  . ASN A 50 ? 0.2560 0.2695 0.2458 -0.0278 0.0174  -0.0037 447 ASN A CA  
364 C C   . ASN A 50 ? 0.3039 0.3126 0.2699 -0.0285 0.0306  -0.0042 447 ASN A C   
365 O O   . ASN A 50 ? 0.2800 0.2797 0.2326 -0.0355 0.0240  0.0000  447 ASN A O   
366 C CB  . ASN A 50 ? 0.2690 0.2879 0.2658 -0.0457 0.0214  0.0087  447 ASN A CB  
367 C CG  . ASN A 50 ? 0.4087 0.4219 0.3898 -0.0613 0.0186  0.0237  447 ASN A CG  
368 O OD1 . ASN A 50 ? 0.3414 0.3400 0.3309 -0.0628 0.0006  0.0309  447 ASN A OD1 
369 N ND2 . ASN A 50 ? 0.3240 0.3535 0.2838 -0.0719 0.0359  0.0272  447 ASN A ND2 
370 N N   . GLU A 51 ? 0.2521 0.2677 0.2190 -0.0218 0.0478  -0.0093 448 GLU A N   
371 C CA  . GLU A 51 ? 0.2895 0.2981 0.2445 -0.0233 0.0590  -0.0146 448 GLU A CA  
372 C C   . GLU A 51 ? 0.2478 0.2511 0.2021 -0.0131 0.0505  -0.0139 448 GLU A C   
373 O O   . GLU A 51 ? 0.2938 0.2899 0.2364 -0.0193 0.0493  -0.0159 448 GLU A O   
374 C CB  . GLU A 51 ? 0.3179 0.3313 0.2885 -0.0180 0.0796  -0.0212 448 GLU A CB  
375 C CG  . GLU A 51 ? 0.5213 0.5237 0.4965 -0.0165 0.0901  -0.0297 448 GLU A CG  
376 C CD  . GLU A 51 ? 0.6225 0.6222 0.5746 -0.0334 0.0916  -0.0426 448 GLU A CD  
377 O OE1 . GLU A 51 ? 0.6680 0.6793 0.5987 -0.0464 0.0880  -0.0416 448 GLU A OE1 
378 O OE2 . GLU A 51 ? 0.6642 0.6547 0.6221 -0.0346 0.0957  -0.0521 448 GLU A OE2 
379 N N   . VAL A 52 ? 0.2356 0.2502 0.2024 0.0023  0.0446  -0.0110 449 VAL A N   
380 C CA  . VAL A 52 ? 0.2290 0.2498 0.1946 0.0126  0.0374  -0.0095 449 VAL A CA  
381 C C   . VAL A 52 ? 0.2331 0.2455 0.1896 0.0080  0.0209  -0.0136 449 VAL A C   
382 O O   . VAL A 52 ? 0.2708 0.2818 0.2223 0.0087  0.0182  -0.0128 449 VAL A O   
383 C CB  . VAL A 52 ? 0.3584 0.4079 0.3355 0.0299  0.0341  -0.0067 449 VAL A CB  
384 C CG1 . VAL A 52 ? 0.3766 0.4440 0.3522 0.0408  0.0316  -0.0026 449 VAL A CG1 
385 C CG2 . VAL A 52 ? 0.4270 0.4858 0.4200 0.0347  0.0486  0.0035  449 VAL A CG2 
386 N N   . TYR A 53 ? 0.2530 0.2603 0.2148 0.0035  0.0090  -0.0164 450 TYR A N   
387 C CA  . TYR A 53 ? 0.2472 0.2424 0.2125 -0.0010 -0.0076 -0.0161 450 TYR A CA  
388 C C   . TYR A 53 ? 0.2641 0.2502 0.2128 -0.0149 -0.0050 -0.0059 450 TYR A C   
389 O O   . TYR A 53 ? 0.2593 0.2433 0.2080 -0.0131 -0.0146 -0.0039 450 TYR A O   
390 C CB  . TYR A 53 ? 0.2765 0.2641 0.2606 -0.0080 -0.0187 -0.0150 450 TYR A CB  
391 C CG  . TYR A 53 ? 0.2931 0.2645 0.2958 -0.0124 -0.0376 -0.0099 450 TYR A CG  
392 C CD1 . TYR A 53 ? 0.4012 0.3639 0.3970 -0.0285 -0.0398 0.0121  450 TYR A CD1 
393 C CD2 . TYR A 53 ? 0.3265 0.2954 0.3583 0.0002  -0.0538 -0.0270 450 TYR A CD2 
394 C CE1 . TYR A 53 ? 0.3551 0.3040 0.3765 -0.0316 -0.0583 0.0245  450 TYR A CE1 
395 C CE2 . TYR A 53 ? 0.4007 0.3503 0.4625 -0.0020 -0.0716 -0.0219 450 TYR A CE2 
396 C CZ  . TYR A 53 ? 0.4352 0.3733 0.4936 -0.0177 -0.0742 0.0077  450 TYR A CZ  
397 O OH  . TYR A 53 ? 0.5139 0.4341 0.6102 -0.0190 -0.0930 0.0201  450 TYR A OH  
398 N N   . ALA A 54 ? 0.2637 0.2506 0.1993 -0.0283 0.0076  -0.0016 451 ALA A N   
399 C CA  . ALA A 54 ? 0.2772 0.2667 0.1933 -0.0427 0.0099  0.0029  451 ALA A CA  
400 C C   . ALA A 54 ? 0.2718 0.2622 0.1840 -0.0380 0.0136  -0.0049 451 ALA A C   
401 O O   . ALA A 54 ? 0.2794 0.2731 0.1842 -0.0440 0.0045  -0.0008 451 ALA A O   
402 C CB  . ALA A 54 ? 0.2888 0.2886 0.1919 -0.0557 0.0264  0.0000  451 ALA A CB  
403 N N   . GLN A 55 ? 0.2607 0.2512 0.1828 -0.0278 0.0264  -0.0125 452 GLN A N   
404 C CA  . GLN A 55 ? 0.3033 0.2950 0.2305 -0.0262 0.0315  -0.0159 452 GLN A CA  
405 C C   . GLN A 55 ? 0.2502 0.2492 0.1831 -0.0162 0.0182  -0.0102 452 GLN A C   
406 O O   . GLN A 55 ? 0.2541 0.2571 0.1864 -0.0215 0.0144  -0.0098 452 GLN A O   
407 C CB  . GLN A 55 ? 0.2841 0.2756 0.2310 -0.0171 0.0476  -0.0165 452 GLN A CB  
408 C CG  . GLN A 55 ? 0.3261 0.3103 0.2783 -0.0247 0.0639  -0.0272 452 GLN A CG  
409 C CD  . GLN A 55 ? 0.4622 0.4433 0.4079 -0.0412 0.0687  -0.0441 452 GLN A CD  
410 O OE1 . GLN A 55 ? 0.4602 0.4414 0.4081 -0.0459 0.0630  -0.0452 452 GLN A OE1 
411 N NE2 . GLN A 55 ? 0.4982 0.4823 0.4371 -0.0504 0.0795  -0.0601 452 GLN A NE2 
412 N N   . VAL A 56 ? 0.2408 0.2465 0.1818 -0.0016 0.0110  -0.0092 453 VAL A N   
413 C CA  . VAL A 56 ? 0.2354 0.2549 0.1852 0.0110  0.0003  -0.0100 453 VAL A CA  
414 C C   . VAL A 56 ? 0.2631 0.2740 0.2130 0.0050  -0.0161 -0.0079 453 VAL A C   
415 O O   . VAL A 56 ? 0.2455 0.2663 0.2017 0.0084  -0.0223 -0.0063 453 VAL A O   
416 C CB  . VAL A 56 ? 0.2284 0.2646 0.1875 0.0286  -0.0030 -0.0175 453 VAL A CB  
417 C CG1 . VAL A 56 ? 0.2274 0.2850 0.1975 0.0439  -0.0132 -0.0261 453 VAL A CG1 
418 C CG2 . VAL A 56 ? 0.2207 0.2746 0.1818 0.0351  0.0122  -0.0110 453 VAL A CG2 
419 N N   . THR A 57 ? 0.2561 0.2524 0.2036 -0.0044 -0.0235 -0.0034 454 THR A N   
420 C CA  . THR A 57 ? 0.2713 0.2622 0.2232 -0.0122 -0.0394 0.0084  454 THR A CA  
421 C C   . THR A 57 ? 0.2767 0.2785 0.2136 -0.0240 -0.0385 0.0146  454 THR A C   
422 O O   . THR A 57 ? 0.2813 0.2905 0.2286 -0.0214 -0.0514 0.0214  454 THR A O   
423 C CB  . THR A 57 ? 0.2844 0.2651 0.2354 -0.0253 -0.0434 0.0207  454 THR A CB  
424 O OG1 . THR A 57 ? 0.3062 0.2768 0.2808 -0.0155 -0.0489 0.0133  454 THR A OG1 
425 C CG2 . THR A 57 ? 0.3656 0.3474 0.3226 -0.0353 -0.0597 0.0431  454 THR A CG2 
426 N N   . HIS A 58 ? 0.2795 0.2845 0.1965 -0.0369 -0.0241 0.0094  455 HIS A N   
427 C CA  . HIS A 58 ? 0.2892 0.3078 0.1949 -0.0500 -0.0237 0.0075  455 HIS A CA  
428 C C   . HIS A 58 ? 0.2774 0.3030 0.1995 -0.0409 -0.0229 0.0029  455 HIS A C   
429 O O   . HIS A 58 ? 0.2833 0.3233 0.2087 -0.0457 -0.0332 0.0072  455 HIS A O   
430 C CB  . HIS A 58 ? 0.2989 0.3192 0.1882 -0.0641 -0.0071 -0.0064 455 HIS A CB  
431 C CG  . HIS A 58 ? 0.3791 0.4153 0.2602 -0.0792 -0.0068 -0.0178 455 HIS A CG  
432 N ND1 . HIS A 58 ? 0.3697 0.4302 0.2335 -0.0929 -0.0209 -0.0104 455 HIS A ND1 
433 C CD2 . HIS A 58 ? 0.3798 0.4139 0.2728 -0.0838 0.0046  -0.0363 455 HIS A CD2 
434 C CE1 . HIS A 58 ? 0.4402 0.5162 0.3013 -0.1057 -0.0188 -0.0287 455 HIS A CE1 
435 N NE2 . HIS A 58 ? 0.3714 0.4280 0.2534 -0.1009 -0.0031 -0.0460 455 HIS A NE2 
436 N N   . LEU A 59 ? 0.2624 0.2848 0.1969 -0.0284 -0.0107 -0.0023 456 LEU A N   
437 C CA  . LEU A 59 ? 0.2539 0.2907 0.2061 -0.0219 -0.0071 -0.0012 456 LEU A CA  
438 C C   . LEU A 59 ? 0.2499 0.3025 0.2140 -0.0097 -0.0217 0.0039  456 LEU A C   
439 O O   . LEU A 59 ? 0.2503 0.3202 0.2259 -0.0122 -0.0252 0.0071  456 LEU A O   
440 C CB  . LEU A 59 ? 0.2419 0.2818 0.2063 -0.0097 0.0079  0.0005  456 LEU A CB  
441 C CG  . LEU A 59 ? 0.2359 0.2977 0.2229 -0.0047 0.0149  0.0095  456 LEU A CG  
442 C CD1 . LEU A 59 ? 0.2673 0.3213 0.2677 -0.0238 0.0212  0.0073  456 LEU A CD1 
443 C CD2 . LEU A 59 ? 0.2324 0.3101 0.2300 0.0105  0.0268  0.0195  456 LEU A CD2 
444 N N   . PHE A 60 ? 0.3108 0.3014 0.2298 0.0528  -0.0442 0.0208  457 PHE A N   
445 C CA  . PHE A 60 ? 0.2986 0.2909 0.2346 0.0421  -0.0312 0.0323  457 PHE A CA  
446 C C   . PHE A 60 ? 0.3101 0.3146 0.2352 0.0599  -0.0251 0.0417  457 PHE A C   
447 O O   . PHE A 60 ? 0.3074 0.3072 0.2400 0.0561  -0.0116 0.0535  457 PHE A O   
448 C CB  . PHE A 60 ? 0.2820 0.2675 0.2256 0.0256  -0.0123 0.0408  457 PHE A CB  
449 C CG  . PHE A 60 ? 0.2743 0.2532 0.2279 0.0099  -0.0166 0.0371  457 PHE A CG  
450 C CD1 . PHE A 60 ? 0.2827 0.2573 0.2496 0.0030  -0.0351 0.0333  457 PHE A CD1 
451 C CD2 . PHE A 60 ? 0.2643 0.2420 0.2165 0.0015  -0.0039 0.0393  457 PHE A CD2 
452 C CE1 . PHE A 60 ? 0.2846 0.2508 0.2612 -0.0127 -0.0390 0.0384  457 PHE A CE1 
453 C CE2 . PHE A 60 ? 0.2691 0.2443 0.2263 -0.0093 -0.0073 0.0403  457 PHE A CE2 
454 C CZ  . PHE A 60 ? 0.2745 0.2424 0.2430 -0.0169 -0.0240 0.0433  457 PHE A CZ  
455 N N   . GLN A 61 ? 0.3292 0.3498 0.2355 0.0830  -0.0376 0.0357  458 GLN A N   
456 C CA  . GLN A 61 ? 0.3472 0.3843 0.2384 0.1038  -0.0324 0.0492  458 GLN A CA  
457 C C   . GLN A 61 ? 0.3462 0.3795 0.2545 0.1027  -0.0341 0.0509  458 GLN A C   
458 O O   . GLN A 61 ? 0.3590 0.3889 0.2620 0.1110  -0.0230 0.0693  458 GLN A O   
459 C CB  . GLN A 61 ? 0.4460 0.5116 0.3133 0.1344  -0.0505 0.0359  458 GLN A CB  
460 C CG  . GLN A 61 ? 0.6000 0.6925 0.4446 0.1619  -0.0450 0.0538  458 GLN A CG  
461 C CD  . GLN A 61 ? 0.7855 0.9208 0.5966 0.1951  -0.0522 0.0491  458 GLN A CD  
462 O OE1 . GLN A 61 ? 0.7843 0.9421 0.5875 0.2198  -0.0708 0.0271  458 GLN A OE1 
463 N NE2 . GLN A 61 ? 0.9366 1.0875 0.7350 0.1928  -0.0349 0.0656  458 GLN A NE2 
464 N N   . ASN A 62 ? 0.3466 0.3821 0.2786 0.0923  -0.0489 0.0334  459 ASN A N   
465 C CA  . ASN A 62 ? 0.3323 0.3782 0.2849 0.0917  -0.0510 0.0322  459 ASN A CA  
466 C C   . ASN A 62 ? 0.4188 0.4580 0.3938 0.0694  -0.0376 0.0365  459 ASN A C   
467 O O   . ASN A 62 ? 0.3216 0.3814 0.3187 0.0668  -0.0402 0.0321  459 ASN A O   
468 C CB  . ASN A 62 ? 0.3498 0.4173 0.3215 0.0937  -0.0765 0.0119  459 ASN A CB  
469 C CG  . ASN A 62 ? 0.5866 0.6805 0.5765 0.1017  -0.0803 0.0093  459 ASN A CG  
470 O OD1 . ASN A 62 ? 0.5899 0.6860 0.5618 0.1242  -0.0729 0.0188  459 ASN A OD1 
471 N ND2 . ASN A 62 ? 0.6234 0.7391 0.6511 0.0830  -0.0924 -0.0011 459 ASN A ND2 
472 N N   . ALA A 63 ? 0.3022 0.3222 0.2718 0.0563  -0.0239 0.0433  460 ALA A N   
473 C CA  . ALA A 63 ? 0.3225 0.3419 0.3081 0.0419  -0.0119 0.0443  460 ALA A CA  
474 C C   . ALA A 63 ? 0.2930 0.2882 0.2675 0.0424  0.0022  0.0524  460 ALA A C   
475 O O   . ALA A 63 ? 0.2827 0.2707 0.2572 0.0294  0.0090  0.0513  460 ALA A O   
476 C CB  . ALA A 63 ? 0.2758 0.3023 0.2749 0.0209  -0.0149 0.0411  460 ALA A CB  
477 N N   . PRO A 64 ? 0.3144 0.2958 0.2827 0.0568  0.0050  0.0617  461 PRO A N   
478 C CA  . PRO A 64 ? 0.4507 0.4051 0.4161 0.0522  0.0152  0.0738  461 PRO A CA  
479 C C   . PRO A 64 ? 0.4398 0.3846 0.4221 0.0410  0.0199  0.0619  461 PRO A C   
480 O O   . PRO A 64 ? 0.3240 0.2541 0.3097 0.0293  0.0261  0.0655  461 PRO A O   
481 C CB  . PRO A 64 ? 0.4041 0.3413 0.3641 0.0702  0.0131  0.0894  461 PRO A CB  
482 C CG  . PRO A 64 ? 0.3781 0.3352 0.3419 0.0862  0.0027  0.0768  461 PRO A CG  
483 C CD  . PRO A 64 ? 0.3639 0.3530 0.3301 0.0773  -0.0029 0.0635  461 PRO A CD  
484 N N   . ASP A 65 ? 0.3252 0.2873 0.3195 0.0457  0.0164  0.0464  462 ASP A N   
485 C CA  . ASP A 65 ? 0.3383 0.3029 0.3445 0.0415  0.0194  0.0311  462 ASP A CA  
486 C C   . ASP A 65 ? 0.3334 0.3122 0.3365 0.0246  0.0251  0.0291  462 ASP A C   
487 O O   . ASP A 65 ? 0.2948 0.2661 0.3022 0.0191  0.0282  0.0209  462 ASP A O   
488 C CB  . ASP A 65 ? 0.3398 0.3367 0.3569 0.0562  0.0156  0.0160  462 ASP A CB  
489 C CG  . ASP A 65 ? 0.3741 0.4173 0.3954 0.0489  0.0164  0.0194  462 ASP A CG  
490 O OD1 . ASP A 65 ? 0.3555 0.3974 0.3727 0.0441  0.0118  0.0296  462 ASP A OD1 
491 O OD2 . ASP A 65 ? 0.4293 0.5143 0.4608 0.0490  0.0200  0.0121  462 ASP A OD2 
492 N N   . LEU A 66 ? 0.2717 0.2688 0.2692 0.0175  0.0234  0.0351  463 LEU A N   
493 C CA  . LEU A 66 ? 0.2551 0.2580 0.2474 0.0045  0.0255  0.0353  463 LEU A CA  
494 C C   . LEU A 66 ? 0.3011 0.2836 0.2820 0.0010  0.0281  0.0387  463 LEU A C   
495 O O   . LEU A 66 ? 0.2525 0.2377 0.2310 -0.0056 0.0315  0.0338  463 LEU A O   
496 C CB  . LEU A 66 ? 0.2491 0.2649 0.2426 -0.0026 0.0171  0.0415  463 LEU A CB  
497 C CG  . LEU A 66 ? 0.3632 0.4141 0.3754 -0.0054 0.0166  0.0436  463 LEU A CG  
498 C CD1 . LEU A 66 ? 0.3348 0.3927 0.3581 -0.0198 0.0049  0.0532  463 LEU A CD1 
499 C CD2 . LEU A 66 ? 0.2404 0.3183 0.2565 -0.0051 0.0269  0.0402  463 LEU A CD2 
500 N N   . LEU A 67 ? 0.3211 0.2916 0.2949 0.0072  0.0271  0.0484  464 LEU A N   
501 C CA  . LEU A 67 ? 0.3164 0.2823 0.2817 0.0042  0.0321  0.0562  464 LEU A CA  
502 C C   . LEU A 67 ? 0.2976 0.2522 0.2793 -0.0052 0.0391  0.0550  464 LEU A C   
503 O O   . LEU A 67 ? 0.2937 0.2566 0.2775 -0.0140 0.0432  0.0520  464 LEU A O   
504 C CB  . LEU A 67 ? 0.3380 0.3046 0.2913 0.0158  0.0313  0.0719  464 LEU A CB  
505 C CG  . LEU A 67 ? 0.3975 0.3779 0.3410 0.0155  0.0385  0.0854  464 LEU A CG  
506 C CD1 . LEU A 67 ? 0.3392 0.3361 0.2730 0.0144  0.0352  0.0714  464 LEU A CD1 
507 C CD2 . LEU A 67 ? 0.3973 0.3919 0.3225 0.0338  0.0367  0.1008  464 LEU A CD2 
508 N N   . GLU A 68 ? 0.3020 0.2372 0.2981 -0.0019 0.0374  0.0544  465 GLU A N   
509 C CA  . GLU A 68 ? 0.4276 0.3438 0.4458 -0.0106 0.0372  0.0481  465 GLU A CA  
510 C C   . GLU A 68 ? 0.3160 0.2492 0.3398 -0.0137 0.0360  0.0235  465 GLU A C   
511 O O   . GLU A 68 ? 0.3469 0.2800 0.3847 -0.0245 0.0363  0.0165  465 GLU A O   
512 C CB  . GLU A 68 ? 0.4851 0.3709 0.5167 -0.0002 0.0291  0.0466  465 GLU A CB  
513 C CG  . GLU A 68 ? 0.6186 0.4792 0.6495 0.0007  0.0298  0.0766  465 GLU A CG  
514 C CD  . GLU A 68 ? 0.7017 0.5612 0.7429 -0.0195 0.0379  0.1003  465 GLU A CD  
515 O OE1 . GLU A 68 ? 0.7189 0.5589 0.7893 -0.0353 0.0341  0.0947  465 GLU A OE1 
516 O OE2 . GLU A 68 ? 0.6752 0.5595 0.6976 -0.0183 0.0469  0.1229  465 GLU A OE2 
517 N N   . ASP A 69 ? 0.2859 0.2404 0.3009 -0.0041 0.0345  0.0121  466 ASP A N   
518 C CA  . ASP A 69 ? 0.3199 0.2999 0.3343 -0.0033 0.0349  -0.0056 466 ASP A CA  
519 C C   . ASP A 69 ? 0.3798 0.3696 0.3843 -0.0132 0.0388  -0.0014 466 ASP A C   
520 O O   . ASP A 69 ? 0.2791 0.2813 0.2883 -0.0146 0.0381  -0.0164 466 ASP A O   
521 C CB  . ASP A 69 ? 0.2972 0.3077 0.3032 0.0051  0.0358  -0.0057 466 ASP A CB  
522 C CG  . ASP A 69 ? 0.4526 0.4731 0.4687 0.0213  0.0318  -0.0180 466 ASP A CG  
523 O OD1 . ASP A 69 ? 0.4457 0.4418 0.4747 0.0289  0.0248  -0.0326 466 ASP A OD1 
524 O OD2 . ASP A 69 ? 0.4325 0.4868 0.4464 0.0266  0.0340  -0.0129 466 ASP A OD2 
525 N N   . PHE A 70 ? 0.3166 0.3044 0.3061 -0.0159 0.0400  0.0148  467 PHE A N   
526 C CA  . PHE A 70 ? 0.2630 0.2614 0.2404 -0.0189 0.0405  0.0154  467 PHE A CA  
527 C C   . PHE A 70 ? 0.2524 0.2547 0.2439 -0.0270 0.0443  0.0120  467 PHE A C   
528 O O   . PHE A 70 ? 0.2472 0.2677 0.2376 -0.0281 0.0441  0.0016  467 PHE A O   
529 C CB  . PHE A 70 ? 0.2673 0.2622 0.2277 -0.0142 0.0364  0.0274  467 PHE A CB  
530 C CG  . PHE A 70 ? 0.2951 0.3023 0.2415 -0.0104 0.0340  0.0248  467 PHE A CG  
531 C CD1 . PHE A 70 ? 0.2775 0.2870 0.2121 -0.0064 0.0269  0.0179  467 PHE A CD1 
532 C CD2 . PHE A 70 ? 0.3577 0.3785 0.3022 -0.0084 0.0384  0.0314  467 PHE A CD2 
533 C CE1 . PHE A 70 ? 0.3680 0.3879 0.2879 0.0028  0.0216  0.0121  467 PHE A CE1 
534 C CE2 . PHE A 70 ? 0.3508 0.3941 0.2816 0.0004  0.0356  0.0257  467 PHE A CE2 
535 C CZ  . PHE A 70 ? 0.4091 0.4492 0.3271 0.0076  0.0257  0.0132  467 PHE A CZ  
536 N N   . LYS A 71 ? 0.2679 0.2548 0.2762 -0.0338 0.0468  0.0224  468 LYS A N   
537 C CA  . LYS A 71 ? 0.2792 0.2733 0.3083 -0.0477 0.0507  0.0277  468 LYS A CA  
538 C C   . LYS A 71 ? 0.3195 0.3159 0.3736 -0.0549 0.0451  0.0037  468 LYS A C   
539 O O   . LYS A 71 ? 0.2872 0.3023 0.3604 -0.0676 0.0464  0.0015  468 LYS A O   
540 C CB  . LYS A 71 ? 0.3046 0.2778 0.3483 -0.0553 0.0538  0.0527  468 LYS A CB  
541 C CG  . LYS A 71 ? 0.3825 0.3689 0.4000 -0.0448 0.0595  0.0758  468 LYS A CG  
542 C CD  . LYS A 71 ? 0.4842 0.4541 0.5113 -0.0484 0.0634  0.1060  468 LYS A CD  
543 C CE  . LYS A 71 ? 0.5954 0.5834 0.5902 -0.0291 0.0656  0.1215  468 LYS A CE  
544 N NZ  . LYS A 71 ? 0.6582 0.6349 0.6555 -0.0272 0.0698  0.1550  468 LYS A NZ  
545 N N   . LYS A 72 ? 0.2845 0.2714 0.3390 -0.0446 0.0379  -0.0167 469 LYS A N   
546 C CA  . LYS A 72 ? 0.2924 0.2883 0.3665 -0.0439 0.0292  -0.0464 469 LYS A CA  
547 C C   . LYS A 72 ? 0.2742 0.3083 0.3345 -0.0400 0.0310  -0.0580 469 LYS A C   
548 O O   . LYS A 72 ? 0.2817 0.3317 0.3603 -0.0407 0.0233  -0.0826 469 LYS A O   
549 C CB  . LYS A 72 ? 0.3002 0.2912 0.3711 -0.0253 0.0213  -0.0665 469 LYS A CB  
550 C CG  . LYS A 72 ? 0.4314 0.3835 0.5155 -0.0239 0.0161  -0.0589 469 LYS A CG  
551 C CD  . LYS A 72 ? 0.5355 0.4937 0.6170 0.0002  0.0068  -0.0838 469 LYS A CD  
552 C CE  . LYS A 72 ? 0.6517 0.5701 0.7434 0.0068  -0.0006 -0.0773 469 LYS A CE  
553 N NZ  . LYS A 72 ? 0.6861 0.6299 0.7581 0.0296  0.0015  -0.0809 469 LYS A NZ  
554 N N   . PHE A 73 ? 0.2564 0.3031 0.2857 -0.0337 0.0375  -0.0430 470 PHE A N   
555 C CA  . PHE A 73 ? 0.2469 0.3236 0.2601 -0.0265 0.0367  -0.0517 470 PHE A CA  
556 C C   . PHE A 73 ? 0.2564 0.3526 0.2776 -0.0354 0.0398  -0.0465 470 PHE A C   
557 O O   . PHE A 73 ? 0.2485 0.3733 0.2593 -0.0270 0.0373  -0.0573 470 PHE A O   
558 C CB  . PHE A 73 ? 0.2605 0.3355 0.2395 -0.0137 0.0372  -0.0394 470 PHE A CB  
559 C CG  . PHE A 73 ? 0.2724 0.3490 0.2462 -0.0054 0.0366  -0.0417 470 PHE A CG  
560 C CD1 . PHE A 73 ? 0.2410 0.3002 0.2176 -0.0075 0.0385  -0.0297 470 PHE A CD1 
561 C CD2 . PHE A 73 ? 0.2455 0.3518 0.2128 0.0071  0.0343  -0.0568 470 PHE A CD2 
562 C CE1 . PHE A 73 ? 0.2435 0.3188 0.2185 0.0016  0.0392  -0.0318 470 PHE A CE1 
563 C CE2 . PHE A 73 ? 0.2501 0.3742 0.2123 0.0180  0.0359  -0.0571 470 PHE A CE2 
564 C CZ  . PHE A 73 ? 0.2482 0.3588 0.2158 0.0145  0.0388  -0.0445 470 PHE A CZ  
565 N N   . LEU A 74 ? 0.2797 0.3684 0.3201 -0.0503 0.0452  -0.0291 471 LEU A N   
566 C CA  . LEU A 74 ? 0.2531 0.3755 0.3011 -0.0575 0.0513  -0.0181 471 LEU A CA  
567 C C   . LEU A 74 ? 0.2626 0.4092 0.3544 -0.0768 0.0493  -0.0297 471 LEU A C   
568 O O   . LEU A 74 ? 0.2767 0.3994 0.3985 -0.0879 0.0416  -0.0425 471 LEU A O   
569 C CB  . LEU A 74 ? 0.2660 0.3804 0.3126 -0.0629 0.0597  0.0123  471 LEU A CB  
570 C CG  . LEU A 74 ? 0.2853 0.3836 0.2914 -0.0422 0.0575  0.0184  471 LEU A CG  
571 C CD1 . LEU A 74 ? 0.2650 0.3670 0.2634 -0.0399 0.0639  0.0444  471 LEU A CD1 
572 C CD2 . LEU A 74 ? 0.3520 0.4694 0.3289 -0.0230 0.0508  0.0040  471 LEU A CD2 
573 N N   . PRO A 75 ? 0.2960 0.4934 0.3956 -0.0802 0.0537  -0.0280 472 PRO A N   
574 C CA  . PRO A 75 ? 0.2749 0.5045 0.4238 -0.1018 0.0501  -0.0400 472 PRO A CA  
575 C C   . PRO A 75 ? 0.3972 0.5959 0.5964 -0.1331 0.0489  -0.0242 472 PRO A C   
576 O O   . PRO A 75 ? 0.3942 0.5724 0.5924 -0.1412 0.0579  0.0096  472 PRO A O   
577 C CB  . PRO A 75 ? 0.3350 0.6322 0.4825 -0.1002 0.0596  -0.0286 472 PRO A CB  
578 C CG  . PRO A 75 ? 0.2674 0.5636 0.3561 -0.0657 0.0591  -0.0323 472 PRO A CG  
579 C CD  . PRO A 75 ? 0.2487 0.4808 0.3127 -0.0597 0.0581  -0.0217 472 PRO A CD  
580 N N   . ASP A 76 ? 0.4677 0.6620 0.7111 -0.1481 0.0343  -0.0506 473 ASP A N   
581 C CA  . ASP A 76 ? 0.6948 0.8441 0.9925 -0.1755 0.0225  -0.0478 473 ASP A CA  
582 C C   . ASP A 76 ? 0.7617 0.8428 1.0401 -0.1616 0.0157  -0.0496 473 ASP A C   
583 O O   . ASP A 76 ? 0.7422 0.7875 1.0455 -0.1606 -0.0045 -0.0797 473 ASP A O   
584 C CB  . ASP A 76 ? 0.7929 0.9573 1.1323 -0.2104 0.0338  -0.0021 473 ASP A CB  
585 C CG  . ASP A 76 ? 0.8836 1.1080 1.2780 -0.2376 0.0310  -0.0080 473 ASP A CG  
586 O OD1 . ASP A 76 ? 0.8946 1.1718 1.2718 -0.2198 0.0299  -0.0378 473 ASP A OD1 
587 O OD2 . ASP A 76 ? 1.0000 1.2196 1.4573 -0.2771 0.0286  0.0186  473 ASP A OD2 
588 N N   . LEU B 19 ? 0.8262 0.7002 0.8192 -0.1327 -0.0228 0.0734  516 LEU B N   
589 C CA  . LEU B 19 ? 0.8736 0.8265 0.9274 -0.1312 -0.0167 0.1145  516 LEU B CA  
590 C C   . LEU B 19 ? 0.8332 0.8166 0.8920 -0.0847 -0.0002 0.1190  516 LEU B C   
591 O O   . LEU B 19 ? 0.7453 0.7501 0.7961 -0.0762 -0.0094 0.1038  516 LEU B O   
592 C CB  . LEU B 19 ? 0.9149 0.8498 0.9916 -0.1363 0.0022  0.1436  516 LEU B CB  
593 C CG  . LEU B 19 ? 0.9243 0.7819 0.9647 -0.1102 0.0239  0.1373  516 LEU B CG  
594 C CD1 . LEU B 19 ? 0.8394 0.6931 0.8513 -0.0584 0.0390  0.1314  516 LEU B CD1 
595 C CD2 . LEU B 19 ? 0.9892 0.8476 1.0652 -0.1236 0.0414  0.1755  516 LEU B CD2 
596 N N   . ASP B 20 ? 0.8281 0.8076 0.8939 -0.0576 0.0270  0.1395  517 ASP B N   
597 C CA  . ASP B 20 ? 0.6853 0.6580 0.7261 -0.0207 0.0442  0.1290  517 ASP B CA  
598 C C   . ASP B 20 ? 0.5415 0.4707 0.5326 -0.0082 0.0322  0.0937  517 ASP B C   
599 O O   . ASP B 20 ? 0.4793 0.4120 0.4515 0.0099  0.0355  0.0792  517 ASP B O   
600 C CB  . ASP B 20 ? 0.7606 0.7226 0.7959 0.0010  0.0772  0.1519  517 ASP B CB  
601 C CG  . ASP B 20 ? 0.9160 0.8330 0.9212 0.0044  0.0794  0.1515  517 ASP B CG  
602 O OD1 . ASP B 20 ? 1.0015 0.9197 1.0351 -0.0093 0.0867  0.1787  517 ASP B OD1 
603 O OD2 . ASP B 20 ? 0.8872 0.7749 0.8453 0.0203  0.0747  0.1299  517 ASP B OD2 
604 N N   . ASP B 21 ? 0.5404 0.4278 0.5128 -0.0176 0.0225  0.0842  518 ASP B N   
605 C CA  . ASP B 21 ? 0.5122 0.3662 0.4481 -0.0012 0.0157  0.0609  518 ASP B CA  
606 C C   . ASP B 21 ? 0.4444 0.3167 0.3784 -0.0046 0.0010  0.0395  518 ASP B C   
607 O O   . ASP B 21 ? 0.3991 0.2832 0.3219 0.0162  -0.0003 0.0293  518 ASP B O   
608 C CB  . ASP B 21 ? 0.5567 0.3491 0.4737 -0.0078 0.0202  0.0599  518 ASP B CB  
609 C CG  . ASP B 21 ? 0.7099 0.4816 0.6200 0.0115  0.0384  0.0836  518 ASP B CG  
610 O OD1 . ASP B 21 ? 0.6846 0.4897 0.5930 0.0285  0.0438  0.0961  518 ASP B OD1 
611 O OD2 . ASP B 21 ? 0.8106 0.5254 0.7099 0.0088  0.0505  0.0897  518 ASP B OD2 
612 N N   . ASP B 22 ? 0.4200 0.2982 0.3625 -0.0347 -0.0118 0.0345  519 ASP B N   
613 C CA  . ASP B 22 ? 0.4597 0.3584 0.3939 -0.0381 -0.0249 0.0172  519 ASP B CA  
614 C C   . ASP B 22 ? 0.4453 0.4026 0.4087 -0.0205 -0.0207 0.0278  519 ASP B C   
615 O O   . ASP B 22 ? 0.3307 0.2988 0.2859 -0.0058 -0.0228 0.0155  519 ASP B O   
616 C CB  . ASP B 22 ? 0.5515 0.4597 0.4843 -0.0823 -0.0435 0.0142  519 ASP B CB  
617 C CG  . ASP B 22 ? 0.7399 0.5633 0.6223 -0.1048 -0.0432 -0.0096 519 ASP B CG  
618 O OD1 . ASP B 22 ? 0.8207 0.5821 0.6710 -0.0740 -0.0249 -0.0214 519 ASP B OD1 
619 O OD2 . ASP B 22 ? 0.7194 0.5379 0.5934 -0.1548 -0.0589 -0.0136 519 ASP B OD2 
620 N N   . LEU B 23 ? 0.4000 0.3888 0.3972 -0.0201 -0.0081 0.0533  520 LEU B N   
621 C CA  . LEU B 23 ? 0.3717 0.3955 0.3907 -0.0018 0.0085  0.0648  520 LEU B CA  
622 C C   . LEU B 23 ? 0.3719 0.3659 0.3611 0.0192  0.0182  0.0457  520 LEU B C   
623 O O   . LEU B 23 ? 0.3501 0.3566 0.3412 0.0281  0.0214  0.0373  520 LEU B O   
624 C CB  . LEU B 23 ? 0.4257 0.4760 0.4812 -0.0006 0.0311  0.1003  520 LEU B CB  
625 C CG  . LEU B 23 ? 0.4191 0.5056 0.5066 0.0182  0.0587  0.1245  520 LEU B CG  
626 C CD1 . LEU B 23 ? 0.3904 0.5212 0.5281 0.0196  0.0804  0.1735  520 LEU B CD1 
627 C CD2 . LEU B 23 ? 0.4919 0.5283 0.5427 0.0392  0.0856  0.1051  520 LEU B CD2 
628 N N   . GLY B 24 ? 0.3118 0.2735 0.2748 0.0238  0.0221  0.0424  521 GLY B N   
629 C CA  . GLY B 24 ? 0.3182 0.2675 0.2505 0.0343  0.0234  0.0281  521 GLY B CA  
630 C C   . GLY B 24 ? 0.3264 0.2822 0.2527 0.0405  0.0054  0.0140  521 GLY B C   
631 O O   . GLY B 24 ? 0.3115 0.2819 0.2332 0.0431  0.0036  0.0056  521 GLY B O   
632 N N   . THR B 25 ? 0.3218 0.2626 0.2464 0.0416  -0.0040 0.0127  522 THR B N   
633 C CA  . THR B 25 ? 0.3246 0.2652 0.2416 0.0547  -0.0109 0.0037  522 THR B CA  
634 C C   . THR B 25 ? 0.2941 0.2657 0.2280 0.0543  -0.0125 -0.0031 522 THR B C   
635 O O   . THR B 25 ? 0.2829 0.2743 0.2212 0.0659  -0.0134 -0.0047 522 THR B O   
636 C CB  . THR B 25 ? 0.3681 0.2638 0.2658 0.0537  -0.0102 -0.0011 522 THR B CB  
637 O OG1 . THR B 25 ? 0.4085 0.2724 0.2934 0.0624  -0.0021 0.0109  522 THR B OG1 
638 C CG2 . THR B 25 ? 0.3847 0.2706 0.2671 0.0721  -0.0073 -0.0100 522 THR B CG2 
639 N N   . ALA B 26 ? 0.2953 0.2807 0.2440 0.0410  -0.0125 -0.0006 523 ALA B N   
640 C CA  . ALA B 26 ? 0.3028 0.3228 0.2699 0.0449  -0.0102 0.0008  523 ALA B CA  
641 C C   . ALA B 26 ? 0.2610 0.2935 0.2444 0.0503  0.0046  0.0041  523 ALA B C   
642 O O   . ALA B 26 ? 0.2254 0.2746 0.2189 0.0576  0.0082  0.0021  523 ALA B O   
643 C CB  . ALA B 26 ? 0.2555 0.3052 0.2406 0.0300  -0.0135 0.0143  523 ALA B CB  
644 N N   . ALA B 27 ? 0.3010 0.3180 0.2810 0.0443  0.0170  0.0085  524 ALA B N   
645 C CA  . ALA B 27 ? 0.2664 0.2725 0.2419 0.0416  0.0359  0.0041  524 ALA B CA  
646 C C   . ALA B 27 ? 0.2641 0.2736 0.2230 0.0364  0.0218  -0.0099 524 ALA B C   
647 O O   . ALA B 27 ? 0.2682 0.2816 0.2327 0.0285  0.0299  -0.0157 524 ALA B O   
648 C CB  . ALA B 27 ? 0.2871 0.2625 0.2429 0.0369  0.0559  0.0082  524 ALA B CB  
649 N N   . ALA B 28 ? 0.2716 0.2844 0.2148 0.0399  0.0028  -0.0095 525 ALA B N   
650 C CA  . ALA B 28 ? 0.2792 0.3177 0.2173 0.0369  -0.0123 -0.0095 525 ALA B CA  
651 C C   . ALA B 28 ? 0.2556 0.3249 0.2238 0.0478  -0.0152 -0.0054 525 ALA B C   
652 O O   . ALA B 28 ? 0.2572 0.3558 0.2375 0.0361  -0.0200 -0.0039 525 ALA B O   
653 C CB  . ALA B 28 ? 0.2955 0.3381 0.2190 0.0488  -0.0249 0.0029  525 ALA B CB  
654 N N   . VAL B 29 ? 0.2434 0.3064 0.2197 0.0665  -0.0121 -0.0030 526 VAL B N   
655 C CA  . VAL B 29 ? 0.2308 0.3180 0.2266 0.0818  -0.0095 0.0021  526 VAL B CA  
656 C C   . VAL B 29 ? 0.2370 0.3381 0.2563 0.0720  0.0026  0.0014  526 VAL B C   
657 O O   . VAL B 29 ? 0.2240 0.3536 0.2667 0.0714  0.0051  0.0079  526 VAL B O   
658 C CB  . VAL B 29 ? 0.2469 0.3102 0.2238 0.0984  -0.0070 -0.0009 526 VAL B CB  
659 C CG1 . VAL B 29 ? 0.2737 0.3575 0.2595 0.1166  0.0012  0.0038  526 VAL B CG1 
660 C CG2 . VAL B 29 ? 0.2809 0.3138 0.2330 0.1113  -0.0083 0.0019  526 VAL B CG2 
661 N N   . LEU B 30 ? 0.2099 0.2941 0.2292 0.0658  0.0143  -0.0002 527 LEU B N   
662 C CA  . LEU B 30 ? 0.2040 0.2933 0.2470 0.0630  0.0362  0.0063  527 LEU B CA  
663 C C   . LEU B 30 ? 0.2997 0.3753 0.3420 0.0410  0.0450  -0.0025 527 LEU B C   
664 O O   . LEU B 30 ? 0.3036 0.3897 0.3695 0.0372  0.0574  0.0022  527 LEU B O   
665 C CB  . LEU B 30 ? 0.2060 0.2837 0.2528 0.0641  0.0527  0.0164  527 LEU B CB  
666 C CG  . LEU B 30 ? 0.3605 0.4501 0.4386 0.0743  0.0826  0.0371  527 LEU B CG  
667 C CD1 . LEU B 30 ? 0.2479 0.3812 0.3442 0.0903  0.0761  0.0497  527 LEU B CD1 
668 C CD2 . LEU B 30 ? 0.2832 0.3776 0.3724 0.0801  0.0976  0.0589  527 LEU B CD2 
669 N N   . SER B 31 ? 0.2881 0.3389 0.2986 0.0216  0.0386  -0.0154 528 SER B N   
670 C CA  . SER B 31 ? 0.2992 0.3247 0.2898 -0.0114 0.0477  -0.0302 528 SER B CA  
671 C C   . SER B 31 ? 0.3934 0.4654 0.3983 -0.0300 0.0233  -0.0286 528 SER B C   
672 O O   . SER B 31 ? 0.4385 0.4977 0.4296 -0.0687 0.0259  -0.0414 528 SER B O   
673 C CB  . SER B 31 ? 0.3692 0.3541 0.3075 -0.0282 0.0492  -0.0447 528 SER B CB  
674 O OG  . SER B 31 ? 0.4098 0.4285 0.3331 -0.0306 0.0155  -0.0420 528 SER B OG  
675 N N   . ASN B 32 ? 0.3267 0.4503 0.3581 -0.0051 0.0030  -0.0109 529 ASN B N   
676 C CA  . ASN B 32 ? 0.3946 0.5797 0.4555 -0.0132 -0.0156 0.0050  529 ASN B CA  
677 C C   . ASN B 32 ? 0.2800 0.4947 0.3875 0.0094  -0.0028 0.0225  529 ASN B C   
678 O O   . ASN B 32 ? 0.2804 0.5548 0.4221 0.0140  -0.0140 0.0452  529 ASN B O   
679 C CB  . ASN B 32 ? 0.4457 0.6697 0.5029 0.0059  -0.0386 0.0228  529 ASN B CB  
680 C CG  . ASN B 32 ? 0.5979 0.8201 0.6149 -0.0232 -0.0568 0.0150  529 ASN B CG  
681 O OD1 . ASN B 32 ? 0.5972 0.8266 0.5974 -0.0692 -0.0663 0.0035  529 ASN B OD1 
682 N ND2 . ASN B 32 ? 0.6838 0.8917 0.6787 0.0001  -0.0604 0.0207  529 ASN B ND2 
683 N N   . MET B 33 ? 0.2642 0.4481 0.3773 0.0262  0.0219  0.0196  530 MET B N   
684 C CA  . MET B 33 ? 0.3320 0.5493 0.4852 0.0466  0.0350  0.0393  530 MET B CA  
685 C C   . MET B 33 ? 0.3732 0.5993 0.5587 0.0141  0.0472  0.0434  530 MET B C   
686 O O   . MET B 33 ? 0.3720 0.6438 0.6002 0.0239  0.0521  0.0662  530 MET B O   
687 C CB  . MET B 33 ? 0.2611 0.4612 0.4097 0.0773  0.0540  0.0434  530 MET B CB  
688 C CG  . MET B 33 ? 0.2620 0.4413 0.3729 0.0929  0.0430  0.0340  530 MET B CG  
689 S SD  . MET B 33 ? 0.3182 0.4992 0.4246 0.1126  0.0568  0.0437  530 MET B SD  
690 C CE  . MET B 33 ? 0.5096 0.7007 0.5960 0.1311  0.0513  0.0502  530 MET B CE  
691 N N   . ARG B 34 ? 0.3704 0.5474 0.5333 -0.0259 0.0566  0.0221  531 ARG B N   
692 C CA  . ARG B 34 ? 0.4873 0.6541 0.6736 -0.0640 0.0739  0.0216  531 ARG B CA  
693 C C   . ARG B 34 ? 0.5329 0.7462 0.7242 -0.1142 0.0407  0.0201  531 ARG B C   
694 O O   . ARG B 34 ? 0.5384 0.8133 0.7339 -0.1038 0.0075  0.0336  531 ARG B O   
695 C CB  . ARG B 34 ? 0.5793 0.6526 0.7306 -0.0844 0.1121  -0.0007 531 ARG B CB  
696 C CG  . ARG B 34 ? 0.7445 0.7663 0.8326 -0.1342 0.1026  -0.0349 531 ARG B CG  
697 C CD  . ARG B 34 ? 0.8925 0.8121 0.9479 -0.1699 0.1506  -0.0571 531 ARG B CD  
698 N NE  . ARG B 34 ? 0.8956 0.7725 0.9741 -0.1231 0.2032  -0.0377 531 ARG B NE  
699 C CZ  . ARG B 34 ? 0.9301 0.8057 1.0574 -0.1122 0.2360  -0.0154 531 ARG B CZ  
700 N NH1 . ARG B 34 ? 0.9813 0.8909 1.1416 -0.1477 0.2223  -0.0123 531 ARG B NH1 
701 N NH2 . ARG B 34 ? 0.9290 0.7784 1.0776 -0.0653 0.2832  0.0108  531 ARG B NH2 
# 
